data_1C6R
# 
_entry.id   1C6R 
# 
_audit_conform.dict_name       mmcif_pdbx.dic 
_audit_conform.dict_version    5.398 
_audit_conform.dict_location   http://mmcif.pdb.org/dictionaries/ascii/mmcif_pdbx.dic 
# 
loop_
_database_2.database_id 
_database_2.database_code 
_database_2.pdbx_database_accession 
_database_2.pdbx_DOI 
PDB   1C6R         pdb_00001c6r 10.2210/pdb1c6r/pdb 
RCSB  RCSB000796   ?            ?                   
WWPDB D_1000000796 ?            ?                   
# 
loop_
_pdbx_audit_revision_history.ordinal 
_pdbx_audit_revision_history.data_content_type 
_pdbx_audit_revision_history.major_revision 
_pdbx_audit_revision_history.minor_revision 
_pdbx_audit_revision_history.revision_date 
1 'Structure model' 1 0 2000-04-12 
2 'Structure model' 1 1 2008-04-26 
3 'Structure model' 1 2 2011-07-13 
4 'Structure model' 1 3 2017-10-04 
5 'Structure model' 1 4 2023-08-09 
6 'Structure model' 1 5 2024-11-13 
# 
_pdbx_audit_revision_details.ordinal             1 
_pdbx_audit_revision_details.revision_ordinal    1 
_pdbx_audit_revision_details.data_content_type   'Structure model' 
_pdbx_audit_revision_details.provider            repository 
_pdbx_audit_revision_details.type                'Initial release' 
_pdbx_audit_revision_details.description         ? 
_pdbx_audit_revision_details.details             ? 
# 
loop_
_pdbx_audit_revision_group.ordinal 
_pdbx_audit_revision_group.revision_ordinal 
_pdbx_audit_revision_group.data_content_type 
_pdbx_audit_revision_group.group 
1  2 'Structure model' 'Version format compliance' 
2  3 'Structure model' 'Version format compliance' 
3  4 'Structure model' Advisory                    
4  4 'Structure model' 'Refinement description'    
5  5 'Structure model' Advisory                    
6  5 'Structure model' 'Data collection'           
7  5 'Structure model' 'Database references'       
8  5 'Structure model' 'Derived calculations'      
9  5 'Structure model' 'Refinement description'    
10 6 'Structure model' 'Structure summary'         
# 
loop_
_pdbx_audit_revision_category.ordinal 
_pdbx_audit_revision_category.revision_ordinal 
_pdbx_audit_revision_category.data_content_type 
_pdbx_audit_revision_category.category 
1  4 'Structure model' pdbx_unobs_or_zero_occ_atoms  
2  4 'Structure model' software                      
3  5 'Structure model' chem_comp_atom                
4  5 'Structure model' chem_comp_bond                
5  5 'Structure model' database_2                    
6  5 'Structure model' pdbx_initial_refinement_model 
7  5 'Structure model' pdbx_struct_conn_angle        
8  5 'Structure model' pdbx_unobs_or_zero_occ_atoms  
9  5 'Structure model' struct_conn                   
10 5 'Structure model' struct_conn_type              
11 5 'Structure model' struct_site                   
12 6 'Structure model' pdbx_entry_details            
13 6 'Structure model' pdbx_modification_feature     
# 
loop_
_pdbx_audit_revision_item.ordinal 
_pdbx_audit_revision_item.revision_ordinal 
_pdbx_audit_revision_item.data_content_type 
_pdbx_audit_revision_item.item 
1  4 'Structure model' '_software.name'                              
2  5 'Structure model' '_database_2.pdbx_DOI'                        
3  5 'Structure model' '_database_2.pdbx_database_accession'         
4  5 'Structure model' '_pdbx_struct_conn_angle.ptnr1_auth_comp_id'  
5  5 'Structure model' '_pdbx_struct_conn_angle.ptnr1_auth_seq_id'   
6  5 'Structure model' '_pdbx_struct_conn_angle.ptnr1_label_asym_id' 
7  5 'Structure model' '_pdbx_struct_conn_angle.ptnr1_label_atom_id' 
8  5 'Structure model' '_pdbx_struct_conn_angle.ptnr1_label_comp_id' 
9  5 'Structure model' '_pdbx_struct_conn_angle.ptnr1_label_seq_id'  
10 5 'Structure model' '_pdbx_struct_conn_angle.ptnr1_symmetry'      
11 5 'Structure model' '_pdbx_struct_conn_angle.ptnr2_auth_comp_id'  
12 5 'Structure model' '_pdbx_struct_conn_angle.ptnr2_auth_seq_id'   
13 5 'Structure model' '_pdbx_struct_conn_angle.ptnr2_label_asym_id' 
14 5 'Structure model' '_pdbx_struct_conn_angle.ptnr2_label_atom_id' 
15 5 'Structure model' '_pdbx_struct_conn_angle.ptnr2_label_comp_id' 
16 5 'Structure model' '_pdbx_struct_conn_angle.ptnr3_auth_comp_id'  
17 5 'Structure model' '_pdbx_struct_conn_angle.ptnr3_auth_seq_id'   
18 5 'Structure model' '_pdbx_struct_conn_angle.ptnr3_label_asym_id' 
19 5 'Structure model' '_pdbx_struct_conn_angle.ptnr3_label_atom_id' 
20 5 'Structure model' '_pdbx_struct_conn_angle.ptnr3_label_comp_id' 
21 5 'Structure model' '_pdbx_struct_conn_angle.ptnr3_label_seq_id'  
22 5 'Structure model' '_pdbx_struct_conn_angle.ptnr3_symmetry'      
23 5 'Structure model' '_pdbx_struct_conn_angle.value'               
24 5 'Structure model' '_struct_conn.conn_type_id'                   
25 5 'Structure model' '_struct_conn.id'                             
26 5 'Structure model' '_struct_conn.pdbx_dist_value'                
27 5 'Structure model' '_struct_conn.pdbx_leaving_atom_flag'         
28 5 'Structure model' '_struct_conn.ptnr1_auth_comp_id'             
29 5 'Structure model' '_struct_conn.ptnr1_auth_seq_id'              
30 5 'Structure model' '_struct_conn.ptnr1_label_asym_id'            
31 5 'Structure model' '_struct_conn.ptnr1_label_atom_id'            
32 5 'Structure model' '_struct_conn.ptnr1_label_comp_id'            
33 5 'Structure model' '_struct_conn.ptnr1_label_seq_id'             
34 5 'Structure model' '_struct_conn.ptnr1_symmetry'                 
35 5 'Structure model' '_struct_conn.ptnr2_auth_comp_id'             
36 5 'Structure model' '_struct_conn.ptnr2_auth_seq_id'              
37 5 'Structure model' '_struct_conn.ptnr2_label_asym_id'            
38 5 'Structure model' '_struct_conn.ptnr2_label_atom_id'            
39 5 'Structure model' '_struct_conn.ptnr2_label_comp_id'            
40 5 'Structure model' '_struct_conn.ptnr2_label_seq_id'             
41 5 'Structure model' '_struct_conn.ptnr2_symmetry'                 
42 5 'Structure model' '_struct_conn_type.id'                        
43 5 'Structure model' '_struct_site.pdbx_auth_asym_id'              
44 5 'Structure model' '_struct_site.pdbx_auth_comp_id'              
45 5 'Structure model' '_struct_site.pdbx_auth_seq_id'               
# 
_pdbx_database_status.status_code                     REL 
_pdbx_database_status.entry_id                        1C6R 
_pdbx_database_status.recvd_initial_deposition_date   1999-04-06 
_pdbx_database_status.deposit_site                    BNL 
_pdbx_database_status.process_site                    RCSB 
_pdbx_database_status.SG_entry                        . 
_pdbx_database_status.pdb_format_compatible           Y 
_pdbx_database_status.status_code_mr                  ? 
_pdbx_database_status.status_code_sf                  ? 
_pdbx_database_status.status_code_cs                  ? 
_pdbx_database_status.methods_development_category    ? 
_pdbx_database_status.status_code_nmr_data            ? 
# 
loop_
_audit_author.name 
_audit_author.pdbx_ordinal 
'Schnackenberg, J.' 1 
'Than, M.E.'        2 
'Mann, K.'          3 
'Wiegand, G.'       4 
'Huber, R.'         5 
'Reuter, W.'        6 
# 
_citation.id                        primary 
_citation.title                     
;Amino acid sequence, crystallization and structure determination of reduced and oxidized cytochrome c6 from the green alga Scenedesmus obliquus.
;
_citation.journal_abbrev            J.Mol.Biol. 
_citation.journal_volume            290 
_citation.page_first                1019 
_citation.page_last                 1030 
_citation.year                      1999 
_citation.journal_id_ASTM           JMOBAK 
_citation.country                   UK 
_citation.journal_id_ISSN           0022-2836 
_citation.journal_id_CSD            0070 
_citation.book_publisher            ? 
_citation.pdbx_database_id_PubMed   10438600 
_citation.pdbx_database_id_DOI      10.1006/jmbi.1999.2944 
# 
loop_
_citation_author.citation_id 
_citation_author.name 
_citation_author.ordinal 
_citation_author.identifier_ORCID 
primary 'Schnackenberg, J.' 1 ? 
primary 'Than, M.E.'        2 ? 
primary 'Mann, K.'          3 ? 
primary 'Wiegand, G.'       4 ? 
primary 'Huber, R.'         5 ? 
primary 'Reuter, W.'        6 ? 
# 
loop_
_entity.id 
_entity.type 
_entity.src_method 
_entity.pdbx_description 
_entity.formula_weight 
_entity.pdbx_number_of_molecules 
_entity.pdbx_ec 
_entity.pdbx_mutation 
_entity.pdbx_fragment 
_entity.details 
1 polymer     nat 'CYTOCHROME C6'                   9415.309 1  ? ? ? 'REDUCED STATE (FE++)' 
2 non-polymer syn 'CADMIUM ION'                     112.411  4  ? ? ? ?                      
3 non-polymer syn 'PROTOPORPHYRIN IX CONTAINING FE' 616.487  1  ? ? ? ?                      
4 water       nat water                             18.015   67 ? ? ? ?                      
# 
_entity_poly.entity_id                      1 
_entity_poly.type                           'polypeptide(L)' 
_entity_poly.nstd_linkage                   no 
_entity_poly.nstd_monomer                   no 
_entity_poly.pdbx_seq_one_letter_code       
;SADLALGKQTFEANCAACHAGGNNSVIPDHTLRKAAMEQFLQGGFNLEAITYQVENGKGAMPAWSGTLDDDEIAAVAAYV
YDQASGDKW
;
_entity_poly.pdbx_seq_one_letter_code_can   
;SADLALGKQTFEANCAACHAGGNNSVIPDHTLRKAAMEQFLQGGFNLEAITYQVENGKGAMPAWSGTLDDDEIAAVAAYV
YDQASGDKW
;
_entity_poly.pdbx_strand_id                 A 
_entity_poly.pdbx_target_identifier         ? 
# 
loop_
_pdbx_entity_nonpoly.entity_id 
_pdbx_entity_nonpoly.name 
_pdbx_entity_nonpoly.comp_id 
2 'CADMIUM ION'                     CD  
3 'PROTOPORPHYRIN IX CONTAINING FE' HEM 
4 water                             HOH 
# 
loop_
_entity_poly_seq.entity_id 
_entity_poly_seq.num 
_entity_poly_seq.mon_id 
_entity_poly_seq.hetero 
1 1  SER n 
1 2  ALA n 
1 3  ASP n 
1 4  LEU n 
1 5  ALA n 
1 6  LEU n 
1 7  GLY n 
1 8  LYS n 
1 9  GLN n 
1 10 THR n 
1 11 PHE n 
1 12 GLU n 
1 13 ALA n 
1 14 ASN n 
1 15 CYS n 
1 16 ALA n 
1 17 ALA n 
1 18 CYS n 
1 19 HIS n 
1 20 ALA n 
1 21 GLY n 
1 22 GLY n 
1 23 ASN n 
1 24 ASN n 
1 25 SER n 
1 26 VAL n 
1 27 ILE n 
1 28 PRO n 
1 29 ASP n 
1 30 HIS n 
1 31 THR n 
1 32 LEU n 
1 33 ARG n 
1 34 LYS n 
1 35 ALA n 
1 36 ALA n 
1 37 MET n 
1 38 GLU n 
1 39 GLN n 
1 40 PHE n 
1 41 LEU n 
1 42 GLN n 
1 43 GLY n 
1 44 GLY n 
1 45 PHE n 
1 46 ASN n 
1 47 LEU n 
1 48 GLU n 
1 49 ALA n 
1 50 ILE n 
1 51 THR n 
1 52 TYR n 
1 53 GLN n 
1 54 VAL n 
1 55 GLU n 
1 56 ASN n 
1 57 GLY n 
1 58 LYS n 
1 59 GLY n 
1 60 ALA n 
1 61 MET n 
1 62 PRO n 
1 63 ALA n 
1 64 TRP n 
1 65 SER n 
1 66 GLY n 
1 67 THR n 
1 68 LEU n 
1 69 ASP n 
1 70 ASP n 
1 71 ASP n 
1 72 GLU n 
1 73 ILE n 
1 74 ALA n 
1 75 ALA n 
1 76 VAL n 
1 77 ALA n 
1 78 ALA n 
1 79 TYR n 
1 80 VAL n 
1 81 TYR n 
1 82 ASP n 
1 83 GLN n 
1 84 ALA n 
1 85 SER n 
1 86 GLY n 
1 87 ASP n 
1 88 LYS n 
1 89 TRP n 
# 
_entity_src_nat.entity_id                  1 
_entity_src_nat.pdbx_src_id                1 
_entity_src_nat.pdbx_alt_source_flag       sample 
_entity_src_nat.pdbx_beg_seq_num           ? 
_entity_src_nat.pdbx_end_seq_num           ? 
_entity_src_nat.common_name                ? 
_entity_src_nat.pdbx_organism_scientific   'Scenedesmus obliquus' 
_entity_src_nat.pdbx_ncbi_taxonomy_id      3088 
_entity_src_nat.genus                      Scenedesmus 
_entity_src_nat.species                    ? 
_entity_src_nat.strain                     D3 
_entity_src_nat.tissue                     ? 
_entity_src_nat.tissue_fraction            ? 
_entity_src_nat.pdbx_secretion             ? 
_entity_src_nat.pdbx_fragment              ? 
_entity_src_nat.pdbx_variant               ? 
_entity_src_nat.pdbx_cell_line             ? 
_entity_src_nat.pdbx_atcc                  ? 
_entity_src_nat.pdbx_cellular_location     'THYLAKOID LUMEN OF CHLOROPLAST' 
_entity_src_nat.pdbx_organ                 ? 
_entity_src_nat.pdbx_organelle             CHLOROPLAST 
_entity_src_nat.pdbx_cell                  ? 
_entity_src_nat.pdbx_plasmid_name          ? 
_entity_src_nat.pdbx_plasmid_details       ? 
_entity_src_nat.details                    ? 
# 
loop_
_chem_comp.id 
_chem_comp.type 
_chem_comp.mon_nstd_flag 
_chem_comp.name 
_chem_comp.pdbx_synonyms 
_chem_comp.formula 
_chem_comp.formula_weight 
ALA 'L-peptide linking' y ALANINE                           ?    'C3 H7 N O2'       89.093  
ARG 'L-peptide linking' y ARGININE                          ?    'C6 H15 N4 O2 1'   175.209 
ASN 'L-peptide linking' y ASPARAGINE                        ?    'C4 H8 N2 O3'      132.118 
ASP 'L-peptide linking' y 'ASPARTIC ACID'                   ?    'C4 H7 N O4'       133.103 
CD  non-polymer         . 'CADMIUM ION'                     ?    'Cd 2'             112.411 
CYS 'L-peptide linking' y CYSTEINE                          ?    'C3 H7 N O2 S'     121.158 
GLN 'L-peptide linking' y GLUTAMINE                         ?    'C5 H10 N2 O3'     146.144 
GLU 'L-peptide linking' y 'GLUTAMIC ACID'                   ?    'C5 H9 N O4'       147.129 
GLY 'peptide linking'   y GLYCINE                           ?    'C2 H5 N O2'       75.067  
HEM non-polymer         . 'PROTOPORPHYRIN IX CONTAINING FE' HEME 'C34 H32 Fe N4 O4' 616.487 
HIS 'L-peptide linking' y HISTIDINE                         ?    'C6 H10 N3 O2 1'   156.162 
HOH non-polymer         . WATER                             ?    'H2 O'             18.015  
ILE 'L-peptide linking' y ISOLEUCINE                        ?    'C6 H13 N O2'      131.173 
LEU 'L-peptide linking' y LEUCINE                           ?    'C6 H13 N O2'      131.173 
LYS 'L-peptide linking' y LYSINE                            ?    'C6 H15 N2 O2 1'   147.195 
MET 'L-peptide linking' y METHIONINE                        ?    'C5 H11 N O2 S'    149.211 
PHE 'L-peptide linking' y PHENYLALANINE                     ?    'C9 H11 N O2'      165.189 
PRO 'L-peptide linking' y PROLINE                           ?    'C5 H9 N O2'       115.130 
SER 'L-peptide linking' y SERINE                            ?    'C3 H7 N O3'       105.093 
THR 'L-peptide linking' y THREONINE                         ?    'C4 H9 N O3'       119.119 
TRP 'L-peptide linking' y TRYPTOPHAN                        ?    'C11 H12 N2 O2'    204.225 
TYR 'L-peptide linking' y TYROSINE                          ?    'C9 H11 N O3'      181.189 
VAL 'L-peptide linking' y VALINE                            ?    'C5 H11 N O2'      117.146 
# 
loop_
_pdbx_poly_seq_scheme.asym_id 
_pdbx_poly_seq_scheme.entity_id 
_pdbx_poly_seq_scheme.seq_id 
_pdbx_poly_seq_scheme.mon_id 
_pdbx_poly_seq_scheme.ndb_seq_num 
_pdbx_poly_seq_scheme.pdb_seq_num 
_pdbx_poly_seq_scheme.auth_seq_num 
_pdbx_poly_seq_scheme.pdb_mon_id 
_pdbx_poly_seq_scheme.auth_mon_id 
_pdbx_poly_seq_scheme.pdb_strand_id 
_pdbx_poly_seq_scheme.pdb_ins_code 
_pdbx_poly_seq_scheme.hetero 
A 1 1  SER 1  1  ?  ?   ?   A . n 
A 1 2  ALA 2  2  2  ALA ALA A . n 
A 1 3  ASP 3  3  3  ASP ASP A . n 
A 1 4  LEU 4  4  4  LEU LEU A . n 
A 1 5  ALA 5  5  5  ALA ALA A . n 
A 1 6  LEU 6  6  6  LEU LEU A . n 
A 1 7  GLY 7  7  7  GLY GLY A . n 
A 1 8  LYS 8  8  8  LYS LYS A . n 
A 1 9  GLN 9  9  9  GLN GLN A . n 
A 1 10 THR 10 10 10 THR THR A . n 
A 1 11 PHE 11 11 11 PHE PHE A . n 
A 1 12 GLU 12 12 12 GLU GLU A . n 
A 1 13 ALA 13 13 13 ALA ALA A . n 
A 1 14 ASN 14 14 14 ASN ASN A . n 
A 1 15 CYS 15 15 15 CYS CYS A . n 
A 1 16 ALA 16 16 16 ALA ALA A . n 
A 1 17 ALA 17 17 17 ALA ALA A . n 
A 1 18 CYS 18 18 18 CYS CYS A . n 
A 1 19 HIS 19 19 19 HIS HIS A . n 
A 1 20 ALA 20 20 20 ALA ALA A . n 
A 1 21 GLY 21 21 21 GLY GLY A . n 
A 1 22 GLY 22 22 22 GLY GLY A . n 
A 1 23 ASN 23 23 23 ASN ASN A . n 
A 1 24 ASN 24 24 24 ASN ASN A . n 
A 1 25 SER 25 25 25 SER SER A . n 
A 1 26 VAL 26 26 26 VAL VAL A . n 
A 1 27 ILE 27 27 27 ILE ILE A . n 
A 1 28 PRO 28 28 28 PRO PRO A . n 
A 1 29 ASP 29 29 29 ASP ASP A . n 
A 1 30 HIS 30 30 30 HIS HIS A . n 
A 1 31 THR 31 31 31 THR THR A . n 
A 1 32 LEU 32 32 32 LEU LEU A . n 
A 1 33 ARG 33 33 33 ARG ARG A . n 
A 1 34 LYS 34 34 34 LYS LYS A . n 
A 1 35 ALA 35 35 35 ALA ALA A . n 
A 1 36 ALA 36 36 36 ALA ALA A . n 
A 1 37 MET 37 37 37 MET MET A . n 
A 1 38 GLU 38 38 38 GLU GLU A . n 
A 1 39 GLN 39 39 39 GLN GLN A . n 
A 1 40 PHE 40 40 40 PHE PHE A . n 
A 1 41 LEU 41 41 41 LEU LEU A . n 
A 1 42 GLN 42 42 42 GLN GLN A . n 
A 1 43 GLY 43 43 43 GLY GLY A . n 
A 1 44 GLY 44 44 44 GLY GLY A . n 
A 1 45 PHE 45 45 45 PHE PHE A . n 
A 1 46 ASN 46 46 46 ASN ASN A . n 
A 1 47 LEU 47 47 47 LEU LEU A . n 
A 1 48 GLU 48 48 48 GLU GLU A . n 
A 1 49 ALA 49 49 49 ALA ALA A . n 
A 1 50 ILE 50 50 50 ILE ILE A . n 
A 1 51 THR 51 51 51 THR THR A . n 
A 1 52 TYR 52 52 52 TYR TYR A . n 
A 1 53 GLN 53 53 53 GLN GLN A . n 
A 1 54 VAL 54 54 54 VAL VAL A . n 
A 1 55 GLU 55 55 55 GLU GLU A . n 
A 1 56 ASN 56 56 56 ASN ASN A . n 
A 1 57 GLY 57 57 57 GLY GLY A . n 
A 1 58 LYS 58 58 58 LYS LYS A . n 
A 1 59 GLY 59 59 59 GLY GLY A . n 
A 1 60 ALA 60 60 60 ALA ALA A . n 
A 1 61 MET 61 61 61 MET MET A . n 
A 1 62 PRO 62 62 62 PRO PRO A . n 
A 1 63 ALA 63 63 63 ALA ALA A . n 
A 1 64 TRP 64 64 64 TRP TRP A . n 
A 1 65 SER 65 65 65 SER SER A . n 
A 1 66 GLY 66 66 66 GLY GLY A . n 
A 1 67 THR 67 67 67 THR THR A . n 
A 1 68 LEU 68 68 68 LEU LEU A . n 
A 1 69 ASP 69 69 69 ASP ASP A . n 
A 1 70 ASP 70 70 70 ASP ASP A . n 
A 1 71 ASP 71 71 71 ASP ASP A . n 
A 1 72 GLU 72 72 72 GLU GLU A . n 
A 1 73 ILE 73 73 73 ILE ILE A . n 
A 1 74 ALA 74 74 74 ALA ALA A . n 
A 1 75 ALA 75 75 75 ALA ALA A . n 
A 1 76 VAL 76 76 76 VAL VAL A . n 
A 1 77 ALA 77 77 77 ALA ALA A . n 
A 1 78 ALA 78 78 78 ALA ALA A . n 
A 1 79 TYR 79 79 79 TYR TYR A . n 
A 1 80 VAL 80 80 80 VAL VAL A . n 
A 1 81 TYR 81 81 81 TYR TYR A . n 
A 1 82 ASP 82 82 82 ASP ASP A . n 
A 1 83 GLN 83 83 83 GLN GLN A . n 
A 1 84 ALA 84 84 84 ALA ALA A . n 
A 1 85 SER 85 85 85 SER SER A . n 
A 1 86 GLY 86 86 86 GLY GLY A . n 
A 1 87 ASP 87 87 87 ASP ASP A . n 
A 1 88 LYS 88 88 88 LYS LYS A . n 
A 1 89 TRP 89 89 89 TRP TRP A . n 
# 
loop_
_pdbx_nonpoly_scheme.asym_id 
_pdbx_nonpoly_scheme.entity_id 
_pdbx_nonpoly_scheme.mon_id 
_pdbx_nonpoly_scheme.ndb_seq_num 
_pdbx_nonpoly_scheme.pdb_seq_num 
_pdbx_nonpoly_scheme.auth_seq_num 
_pdbx_nonpoly_scheme.pdb_mon_id 
_pdbx_nonpoly_scheme.auth_mon_id 
_pdbx_nonpoly_scheme.pdb_strand_id 
_pdbx_nonpoly_scheme.pdb_ins_code 
B 2 CD  1  91  91  CD  CD  A . 
C 2 CD  1  92  92  CD  CD  A . 
D 2 CD  1  93  93  CD  CD  A . 
E 2 CD  1  94  94  CD  CD  A . 
F 3 HEM 1  90  90  HEM HEM A . 
G 4 HOH 1  100 100 HOH HOH A . 
G 4 HOH 2  101 101 HOH HOH A . 
G 4 HOH 3  102 102 HOH HOH A . 
G 4 HOH 4  103 103 HOH HOH A . 
G 4 HOH 5  104 104 HOH HOH A . 
G 4 HOH 6  105 105 HOH HOH A . 
G 4 HOH 7  106 106 HOH HOH A . 
G 4 HOH 8  107 107 HOH HOH A . 
G 4 HOH 9  108 108 HOH HOH A . 
G 4 HOH 10 109 109 HOH HOH A . 
G 4 HOH 11 110 110 HOH HOH A . 
G 4 HOH 12 111 111 HOH HOH A . 
G 4 HOH 13 112 112 HOH HOH A . 
G 4 HOH 14 113 113 HOH HOH A . 
G 4 HOH 15 114 114 HOH HOH A . 
G 4 HOH 16 115 115 HOH HOH A . 
G 4 HOH 17 116 116 HOH HOH A . 
G 4 HOH 18 117 117 HOH HOH A . 
G 4 HOH 19 118 118 HOH HOH A . 
G 4 HOH 20 119 119 HOH HOH A . 
G 4 HOH 21 120 120 HOH HOH A . 
G 4 HOH 22 121 121 HOH HOH A . 
G 4 HOH 23 122 122 HOH HOH A . 
G 4 HOH 24 123 123 HOH HOH A . 
G 4 HOH 25 124 124 HOH HOH A . 
G 4 HOH 26 125 125 HOH HOH A . 
G 4 HOH 27 126 126 HOH HOH A . 
G 4 HOH 28 127 127 HOH HOH A . 
G 4 HOH 29 128 128 HOH HOH A . 
G 4 HOH 30 129 129 HOH HOH A . 
G 4 HOH 31 130 130 HOH HOH A . 
G 4 HOH 32 131 131 HOH HOH A . 
G 4 HOH 33 132 132 HOH HOH A . 
G 4 HOH 34 133 133 HOH HOH A . 
G 4 HOH 35 134 134 HOH HOH A . 
G 4 HOH 36 135 135 HOH HOH A . 
G 4 HOH 37 136 136 HOH HOH A . 
G 4 HOH 38 137 137 HOH HOH A . 
G 4 HOH 39 138 138 HOH HOH A . 
G 4 HOH 40 139 139 HOH HOH A . 
G 4 HOH 41 140 140 HOH HOH A . 
G 4 HOH 42 141 141 HOH HOH A . 
G 4 HOH 43 142 142 HOH HOH A . 
G 4 HOH 44 143 143 HOH HOH A . 
G 4 HOH 45 144 144 HOH HOH A . 
G 4 HOH 46 145 145 HOH HOH A . 
G 4 HOH 47 146 146 HOH HOH A . 
G 4 HOH 48 147 147 HOH HOH A . 
G 4 HOH 49 148 148 HOH HOH A . 
G 4 HOH 50 149 149 HOH HOH A . 
G 4 HOH 51 150 150 HOH HOH A . 
G 4 HOH 52 151 151 HOH HOH A . 
G 4 HOH 53 152 152 HOH HOH A . 
G 4 HOH 54 153 153 HOH HOH A . 
G 4 HOH 55 154 154 HOH HOH A . 
G 4 HOH 56 155 155 HOH HOH A . 
G 4 HOH 57 156 156 HOH HOH A . 
G 4 HOH 58 157 157 HOH HOH A . 
G 4 HOH 59 158 158 HOH HOH A . 
G 4 HOH 60 159 159 HOH HOH A . 
G 4 HOH 61 160 160 HOH HOH A . 
G 4 HOH 62 161 161 HOH HOH A . 
G 4 HOH 63 162 162 HOH HOH A . 
G 4 HOH 64 163 163 HOH HOH A . 
G 4 HOH 65 164 164 HOH HOH A . 
G 4 HOH 66 165 165 HOH HOH A . 
G 4 HOH 67 166 166 HOH HOH A . 
# 
loop_
_pdbx_unobs_or_zero_occ_atoms.id 
_pdbx_unobs_or_zero_occ_atoms.PDB_model_num 
_pdbx_unobs_or_zero_occ_atoms.polymer_flag 
_pdbx_unobs_or_zero_occ_atoms.occupancy_flag 
_pdbx_unobs_or_zero_occ_atoms.auth_asym_id 
_pdbx_unobs_or_zero_occ_atoms.auth_comp_id 
_pdbx_unobs_or_zero_occ_atoms.auth_seq_id 
_pdbx_unobs_or_zero_occ_atoms.PDB_ins_code 
_pdbx_unobs_or_zero_occ_atoms.auth_atom_id 
_pdbx_unobs_or_zero_occ_atoms.label_alt_id 
_pdbx_unobs_or_zero_occ_atoms.label_asym_id 
_pdbx_unobs_or_zero_occ_atoms.label_comp_id 
_pdbx_unobs_or_zero_occ_atoms.label_seq_id 
_pdbx_unobs_or_zero_occ_atoms.label_atom_id 
1 1 Y 0 A GLN 42 ? CG  ? A GLN 42 CG  
2 1 Y 0 A GLN 42 ? CD  ? A GLN 42 CD  
3 1 Y 0 A GLN 42 ? OE1 ? A GLN 42 OE1 
4 1 Y 0 A GLN 42 ? NE2 ? A GLN 42 NE2 
5 1 Y 0 A ASP 87 ? CB  ? A ASP 87 CB  
6 1 Y 0 A ASP 87 ? CG  ? A ASP 87 CG  
7 1 Y 0 A ASP 87 ? OD1 ? A ASP 87 OD1 
8 1 Y 0 A ASP 87 ? OD2 ? A ASP 87 OD2 
# 
loop_
_software.name 
_software.classification 
_software.version 
_software.citation_id 
_software.pdbx_ordinal 
AMoRE    phasing          .           ? 1 
X-PLOR   refinement       3.851       ? 2 
MOSFLM   'data reduction' .           ? 3 
CCP4     'data scaling'   '(AGROVATA' ? 4 
ROTAVATA 'data scaling'   .           ? 5 
TRUNCATE 'data scaling'   .           ? 6 
# 
_cell.entry_id           1C6R 
_cell.length_a           35.560 
_cell.length_b           48.470 
_cell.length_c           43.920 
_cell.angle_alpha        90.00 
_cell.angle_beta         90.00 
_cell.angle_gamma        90.00 
_cell.Z_PDB              4 
_cell.pdbx_unique_axis   ? 
# 
_symmetry.entry_id                         1C6R 
_symmetry.space_group_name_H-M             'P 21 21 2' 
_symmetry.pdbx_full_space_group_name_H-M   ? 
_symmetry.cell_setting                     ? 
_symmetry.Int_Tables_number                18 
# 
_exptl.entry_id          1C6R 
_exptl.method            'X-RAY DIFFRACTION' 
_exptl.crystals_number   1 
# 
_exptl_crystal.id                    1 
_exptl_crystal.density_meas          ? 
_exptl_crystal.density_Matthews      1.89 
_exptl_crystal.density_percent_sol   35.0000 
_exptl_crystal.description           ? 
# 
_exptl_crystal_grow.crystal_id      1 
_exptl_crystal_grow.method          ? 
_exptl_crystal_grow.temp            ? 
_exptl_crystal_grow.temp_details    ? 
_exptl_crystal_grow.pH              7.50 
_exptl_crystal_grow.pdbx_details    'pH 7.50' 
_exptl_crystal_grow.pdbx_pH_range   . 
# 
_diffrn.id                     1 
_diffrn.ambient_temp           291.00 
_diffrn.ambient_temp_details   ? 
_diffrn.crystal_id             1 
# 
_diffrn_detector.diffrn_id              1 
_diffrn_detector.detector               'IMAGE PLATE' 
_diffrn_detector.type                   MARRESEARCH 
_diffrn_detector.pdbx_collection_date   ? 
_diffrn_detector.details                ? 
# 
_diffrn_radiation.diffrn_id                        1 
_diffrn_radiation.wavelength_id                    1 
_diffrn_radiation.pdbx_monochromatic_or_laue_m_l   M 
_diffrn_radiation.monochromator                    GRAPHITE 
_diffrn_radiation.pdbx_diffrn_protocol             'SINGLE WAVELENGTH' 
_diffrn_radiation.pdbx_scattering_type             x-ray 
# 
_diffrn_radiation_wavelength.id           1 
_diffrn_radiation_wavelength.wavelength   1.5418 
_diffrn_radiation_wavelength.wt           1.0 
# 
_diffrn_source.diffrn_id                   1 
_diffrn_source.source                      'ROTATING ANODE' 
_diffrn_source.type                        RIGAKU 
_diffrn_source.pdbx_synchrotron_site       ? 
_diffrn_source.pdbx_synchrotron_beamline   ? 
_diffrn_source.pdbx_wavelength             1.5418 
_diffrn_source.pdbx_wavelength_list        ? 
# 
_reflns.entry_id                     1C6R 
_reflns.observed_criterion_sigma_I   ? 
_reflns.observed_criterion_sigma_F   ? 
_reflns.d_resolution_low             20.000 
_reflns.d_resolution_high            1.700 
_reflns.number_obs                   8505 
_reflns.number_all                   ? 
_reflns.percent_possible_obs         99.400 
_reflns.pdbx_Rmerge_I_obs            ? 
_reflns.pdbx_Rsym_value              14.0000000 
_reflns.pdbx_netI_over_sigmaI        3.5000 
_reflns.B_iso_Wilson_estimate        19.30 
_reflns.pdbx_redundancy              4.000 
_reflns.R_free_details               ? 
_reflns.limit_h_max                  ? 
_reflns.limit_h_min                  ? 
_reflns.limit_k_max                  ? 
_reflns.limit_k_min                  ? 
_reflns.limit_l_max                  ? 
_reflns.limit_l_min                  ? 
_reflns.observed_criterion_F_max     ? 
_reflns.observed_criterion_F_min     ? 
_reflns.pdbx_diffrn_id               1 
_reflns.pdbx_ordinal                 1 
# 
_reflns_shell.d_res_high             1.700 
_reflns_shell.d_res_low              1.760 
_reflns_shell.percent_possible_all   95.10 
_reflns_shell.Rmerge_I_obs           ? 
_reflns_shell.pdbx_Rsym_value        38.3000000 
_reflns_shell.meanI_over_sigI_obs    1.800 
_reflns_shell.pdbx_redundancy        3.600 
_reflns_shell.percent_possible_obs   ? 
_reflns_shell.number_unique_all      ? 
_reflns_shell.pdbx_diffrn_id         ? 
_reflns_shell.pdbx_ordinal           1 
# 
_refine.entry_id                                 1C6R 
_refine.ls_number_reflns_obs                     6181 
_refine.ls_number_reflns_all                     ? 
_refine.pdbx_ls_sigma_I                          ? 
_refine.pdbx_ls_sigma_F                          2.000 
_refine.pdbx_data_cutoff_high_absF               100000.000 
_refine.pdbx_data_cutoff_low_absF                0.0100 
_refine.pdbx_data_cutoff_high_rms_absF           ? 
_refine.ls_d_res_low                             8.000 
_refine.ls_d_res_high                            1.900 
_refine.ls_percent_reflns_obs                    98.900 
_refine.ls_R_factor_obs                          ? 
_refine.ls_R_factor_all                          ? 
_refine.ls_R_factor_R_work                       0.1995000 
_refine.ls_R_factor_R_free                       0.2600000 
_refine.ls_R_factor_R_free_error                 ? 
_refine.ls_R_factor_R_free_error_details         ? 
_refine.ls_percent_reflns_R_free                 10.100 
_refine.ls_number_reflns_R_free                  634 
_refine.ls_number_parameters                     ? 
_refine.ls_number_restraints                     ? 
_refine.occupancy_min                            ? 
_refine.occupancy_max                            ? 
_refine.B_iso_mean                               ? 
_refine.aniso_B[1][1]                            ? 
_refine.aniso_B[2][2]                            ? 
_refine.aniso_B[3][3]                            ? 
_refine.aniso_B[1][2]                            ? 
_refine.aniso_B[1][3]                            ? 
_refine.aniso_B[2][3]                            ? 
_refine.solvent_model_details                    ? 
_refine.solvent_model_param_ksol                 ? 
_refine.solvent_model_param_bsol                 ? 
_refine.pdbx_ls_cross_valid_method               THROUGHOUT 
_refine.details                                  
;OCCUPANCY AND B-FACTOR ARE SET TO ZERO FOR ALL ATOMS THAT
ARE NOT DEFINED IN THE FINAL 2FO-FC ELECTRON DENSITY.
;
_refine.pdbx_starting_model                      'PDB ENTRY 1CYJ' 
_refine.pdbx_method_to_determine_struct          'MOLECULAR REPLACEMENT' 
_refine.pdbx_isotropic_thermal_model             ? 
_refine.pdbx_stereochemistry_target_values       ? 
_refine.pdbx_stereochem_target_val_spec_case     ? 
_refine.pdbx_R_Free_selection_details            RANDOM 
_refine.pdbx_overall_ESU_R                       ? 
_refine.pdbx_overall_ESU_R_Free                  ? 
_refine.overall_SU_ML                            ? 
_refine.overall_SU_B                             ? 
_refine.ls_redundancy_reflns_obs                 ? 
_refine.B_iso_min                                ? 
_refine.B_iso_max                                ? 
_refine.pdbx_refine_id                           'X-RAY DIFFRACTION' 
_refine.pdbx_diffrn_id                           1 
_refine.pdbx_TLS_residual_ADP_flag               ? 
_refine.correlation_coeff_Fo_to_Fc               ? 
_refine.correlation_coeff_Fo_to_Fc_free          ? 
_refine.pdbx_solvent_vdw_probe_radii             ? 
_refine.pdbx_solvent_ion_probe_radii             ? 
_refine.pdbx_solvent_shrinkage_radii             ? 
_refine.pdbx_overall_phase_error                 ? 
_refine.overall_SU_R_Cruickshank_DPI             ? 
_refine.pdbx_overall_SU_R_free_Cruickshank_DPI   ? 
_refine.pdbx_overall_SU_R_Blow_DPI               ? 
_refine.pdbx_overall_SU_R_free_Blow_DPI          ? 
# 
_refine_analyze.entry_id                        1C6R 
_refine_analyze.Luzzati_coordinate_error_obs    0.26 
_refine_analyze.Luzzati_sigma_a_obs             ? 
_refine_analyze.Luzzati_d_res_low_obs           ? 
_refine_analyze.Luzzati_coordinate_error_free   ? 
_refine_analyze.Luzzati_sigma_a_free            ? 
_refine_analyze.Luzzati_d_res_low_free          ? 
_refine_analyze.number_disordered_residues      ? 
_refine_analyze.occupancy_sum_hydrogen          ? 
_refine_analyze.occupancy_sum_non_hydrogen      ? 
_refine_analyze.pdbx_Luzzati_d_res_high_obs     ? 
_refine_analyze.pdbx_refine_id                  'X-RAY DIFFRACTION' 
# 
_refine_hist.pdbx_refine_id                   'X-RAY DIFFRACTION' 
_refine_hist.cycle_id                         LAST 
_refine_hist.pdbx_number_atoms_protein        655 
_refine_hist.pdbx_number_atoms_nucleic_acid   0 
_refine_hist.pdbx_number_atoms_ligand         47 
_refine_hist.number_atoms_solvent             67 
_refine_hist.number_atoms_total               769 
_refine_hist.d_res_high                       1.900 
_refine_hist.d_res_low                        8.000 
# 
loop_
_refine_ls_restr.type 
_refine_ls_restr.dev_ideal 
_refine_ls_restr.dev_ideal_target 
_refine_ls_restr.weight 
_refine_ls_restr.number 
_refine_ls_restr.pdbx_refine_id 
_refine_ls_restr.pdbx_restraint_function 
x_bond_d                0.012 ? ? ? 'X-RAY DIFFRACTION' ? 
x_bond_d_na             ?     ? ? ? 'X-RAY DIFFRACTION' ? 
x_bond_d_prot           ?     ? ? ? 'X-RAY DIFFRACTION' ? 
x_angle_d               ?     ? ? ? 'X-RAY DIFFRACTION' ? 
x_angle_d_na            ?     ? ? ? 'X-RAY DIFFRACTION' ? 
x_angle_d_prot          ?     ? ? ? 'X-RAY DIFFRACTION' ? 
x_angle_deg             2.19  ? ? ? 'X-RAY DIFFRACTION' ? 
x_angle_deg_na          ?     ? ? ? 'X-RAY DIFFRACTION' ? 
x_angle_deg_prot        ?     ? ? ? 'X-RAY DIFFRACTION' ? 
x_dihedral_angle_d      22.3  ? ? ? 'X-RAY DIFFRACTION' ? 
x_dihedral_angle_d_na   ?     ? ? ? 'X-RAY DIFFRACTION' ? 
x_dihedral_angle_d_prot ?     ? ? ? 'X-RAY DIFFRACTION' ? 
x_improper_angle_d      1.76  ? ? ? 'X-RAY DIFFRACTION' ? 
x_improper_angle_d_na   ?     ? ? ? 'X-RAY DIFFRACTION' ? 
x_improper_angle_d_prot ?     ? ? ? 'X-RAY DIFFRACTION' ? 
x_mcbond_it             ?     ? ? ? 'X-RAY DIFFRACTION' ? 
x_mcangle_it            ?     ? ? ? 'X-RAY DIFFRACTION' ? 
x_scbond_it             ?     ? ? ? 'X-RAY DIFFRACTION' ? 
x_scangle_it            ?     ? ? ? 'X-RAY DIFFRACTION' ? 
# 
_refine_ls_shell.pdbx_total_number_of_bins_used   20 
_refine_ls_shell.d_res_high                       1.90 
_refine_ls_shell.d_res_low                        1.93 
_refine_ls_shell.number_reflns_R_work             265 
_refine_ls_shell.R_factor_R_work                  0.2474000 
_refine_ls_shell.percent_reflns_obs               97.70 
_refine_ls_shell.R_factor_R_free                  0.2433000 
_refine_ls_shell.R_factor_R_free_error            ? 
_refine_ls_shell.percent_reflns_R_free            10.82 
_refine_ls_shell.number_reflns_R_free             33 
_refine_ls_shell.redundancy_reflns_obs            ? 
_refine_ls_shell.number_reflns_all                ? 
_refine_ls_shell.number_reflns_obs                ? 
_refine_ls_shell.pdbx_refine_id                   'X-RAY DIFFRACTION' 
_refine_ls_shell.R_factor_all                     ? 
# 
_struct.entry_id                  1C6R 
_struct.title                     'CRYSTAL STRUCTURE OF REDUCED CYTOCHROME C6 FROM THE GREEN ALGAE SCENEDESMUS OBLIQUUS' 
_struct.pdbx_model_details        ? 
_struct.pdbx_CASP_flag            ? 
_struct.pdbx_model_type_details   ? 
# 
_struct_keywords.entry_id        1C6R 
_struct_keywords.pdbx_keywords   'ELECTRON TRANSPORT' 
_struct_keywords.text            'ELECTRON TRANSPORT PROTEIN, CYTOCHROME-C6, REDUCED STATE, PHOTOSYNTHESIS, ELECTRON TRANSPORT' 
# 
loop_
_struct_asym.id 
_struct_asym.pdbx_blank_PDB_chainid_flag 
_struct_asym.pdbx_modified 
_struct_asym.entity_id 
_struct_asym.details 
A N N 1 ? 
B N N 2 ? 
C N N 2 ? 
D N N 2 ? 
E N N 2 ? 
F N N 3 ? 
G N N 4 ? 
# 
_struct_ref.id                         1 
_struct_ref.db_name                    UNP 
_struct_ref.db_code                    CYC6_SCEOB 
_struct_ref.pdbx_db_accession          P57736 
_struct_ref.entity_id                  1 
_struct_ref.pdbx_align_begin           1 
_struct_ref.pdbx_db_isoform            ? 
_struct_ref.pdbx_seq_one_letter_code   ? 
# 
_struct_ref_seq.align_id                      1 
_struct_ref_seq.ref_id                        1 
_struct_ref_seq.pdbx_PDB_id_code              1C6R 
_struct_ref_seq.pdbx_strand_id                A 
_struct_ref_seq.seq_align_beg                 1 
_struct_ref_seq.pdbx_seq_align_beg_ins_code   ? 
_struct_ref_seq.seq_align_end                 89 
_struct_ref_seq.pdbx_seq_align_end_ins_code   ? 
_struct_ref_seq.pdbx_db_accession             P57736 
_struct_ref_seq.db_align_beg                  1 
_struct_ref_seq.pdbx_db_align_beg_ins_code    ? 
_struct_ref_seq.db_align_end                  89 
_struct_ref_seq.pdbx_db_align_end_ins_code    ? 
_struct_ref_seq.pdbx_auth_seq_align_beg       1 
_struct_ref_seq.pdbx_auth_seq_align_end       89 
# 
_pdbx_struct_assembly.id                   1 
_pdbx_struct_assembly.details              author_defined_assembly 
_pdbx_struct_assembly.method_details       ? 
_pdbx_struct_assembly.oligomeric_details   monomeric 
_pdbx_struct_assembly.oligomeric_count     1 
# 
_pdbx_struct_assembly_gen.assembly_id       1 
_pdbx_struct_assembly_gen.oper_expression   1 
_pdbx_struct_assembly_gen.asym_id_list      A,B,C,D,E,F,G 
# 
_pdbx_struct_oper_list.id                   1 
_pdbx_struct_oper_list.type                 'identity operation' 
_pdbx_struct_oper_list.name                 1_555 
_pdbx_struct_oper_list.symmetry_operation   x,y,z 
_pdbx_struct_oper_list.matrix[1][1]         1.0000000000 
_pdbx_struct_oper_list.matrix[1][2]         0.0000000000 
_pdbx_struct_oper_list.matrix[1][3]         0.0000000000 
_pdbx_struct_oper_list.vector[1]            0.0000000000 
_pdbx_struct_oper_list.matrix[2][1]         0.0000000000 
_pdbx_struct_oper_list.matrix[2][2]         1.0000000000 
_pdbx_struct_oper_list.matrix[2][3]         0.0000000000 
_pdbx_struct_oper_list.vector[2]            0.0000000000 
_pdbx_struct_oper_list.matrix[3][1]         0.0000000000 
_pdbx_struct_oper_list.matrix[3][2]         0.0000000000 
_pdbx_struct_oper_list.matrix[3][3]         1.0000000000 
_pdbx_struct_oper_list.vector[3]            0.0000000000 
# 
_struct_biol.id   1 
# 
loop_
_struct_conf.conf_type_id 
_struct_conf.id 
_struct_conf.pdbx_PDB_helix_id 
_struct_conf.beg_label_comp_id 
_struct_conf.beg_label_asym_id 
_struct_conf.beg_label_seq_id 
_struct_conf.pdbx_beg_PDB_ins_code 
_struct_conf.end_label_comp_id 
_struct_conf.end_label_asym_id 
_struct_conf.end_label_seq_id 
_struct_conf.pdbx_end_PDB_ins_code 
_struct_conf.beg_auth_comp_id 
_struct_conf.beg_auth_asym_id 
_struct_conf.beg_auth_seq_id 
_struct_conf.end_auth_comp_id 
_struct_conf.end_auth_asym_id 
_struct_conf.end_auth_seq_id 
_struct_conf.pdbx_PDB_helix_class 
_struct_conf.details 
_struct_conf.pdbx_PDB_helix_length 
HELX_P HELX_P1 1 LEU A 4  ? ASN A 14 ? LEU A 4  ASN A 14 1 ? 11 
HELX_P HELX_P2 2 ALA A 16 ? GLY A 22 ? ALA A 16 GLY A 22 1 ? 7  
HELX_P HELX_P3 3 LYS A 34 ? PHE A 40 ? LYS A 34 PHE A 40 1 ? 7  
HELX_P HELX_P4 4 LEU A 47 ? ASN A 56 ? LEU A 47 ASN A 56 1 ? 10 
HELX_P HELX_P5 5 ASP A 70 ? SER A 85 ? ASP A 70 SER A 85 1 ? 16 
# 
_struct_conf_type.id          HELX_P 
_struct_conf_type.criteria    ? 
_struct_conf_type.reference   ? 
# 
loop_
_struct_conn.id 
_struct_conn.conn_type_id 
_struct_conn.pdbx_leaving_atom_flag 
_struct_conn.pdbx_PDB_id 
_struct_conn.ptnr1_label_asym_id 
_struct_conn.ptnr1_label_comp_id 
_struct_conn.ptnr1_label_seq_id 
_struct_conn.ptnr1_label_atom_id 
_struct_conn.pdbx_ptnr1_label_alt_id 
_struct_conn.pdbx_ptnr1_PDB_ins_code 
_struct_conn.pdbx_ptnr1_standard_comp_id 
_struct_conn.ptnr1_symmetry 
_struct_conn.ptnr2_label_asym_id 
_struct_conn.ptnr2_label_comp_id 
_struct_conn.ptnr2_label_seq_id 
_struct_conn.ptnr2_label_atom_id 
_struct_conn.pdbx_ptnr2_label_alt_id 
_struct_conn.pdbx_ptnr2_PDB_ins_code 
_struct_conn.ptnr1_auth_asym_id 
_struct_conn.ptnr1_auth_comp_id 
_struct_conn.ptnr1_auth_seq_id 
_struct_conn.ptnr2_auth_asym_id 
_struct_conn.ptnr2_auth_comp_id 
_struct_conn.ptnr2_auth_seq_id 
_struct_conn.ptnr2_symmetry 
_struct_conn.pdbx_ptnr3_label_atom_id 
_struct_conn.pdbx_ptnr3_label_seq_id 
_struct_conn.pdbx_ptnr3_label_comp_id 
_struct_conn.pdbx_ptnr3_label_asym_id 
_struct_conn.pdbx_ptnr3_label_alt_id 
_struct_conn.pdbx_ptnr3_PDB_ins_code 
_struct_conn.details 
_struct_conn.pdbx_dist_value 
_struct_conn.pdbx_value_order 
_struct_conn.pdbx_role 
covale1  covale none ? A CYS 15 SG  ? ? ? 1_555 F HEM . CAB ? ? A CYS 15 A HEM 90  1_555 ? ? ? ? ? ? ? 1.849 ? ? 
covale2  covale none ? A CYS 18 SG  ? ? ? 1_555 F HEM . CAC ? ? A CYS 18 A HEM 90  1_555 ? ? ? ? ? ? ? 1.858 ? ? 
metalc1  metalc ?    ? A ASP 3  OD2 ? ? ? 1_555 B CD  . CD  ? ? A ASP 3  A CD  91  1_555 ? ? ? ? ? ? ? 1.965 ? ? 
metalc2  metalc ?    ? A ASP 3  OD2 ? ? ? 2_555 B CD  . CD  ? ? A ASP 3  A CD  91  1_555 ? ? ? ? ? ? ? 1.965 ? ? 
metalc3  metalc ?    ? A HIS 19 NE2 ? ? ? 1_555 F HEM . FE  ? ? A HIS 19 A HEM 90  1_555 ? ? ? ? ? ? ? 2.111 ? ? 
metalc4  metalc ?    ? A HIS 30 NE2 ? ? ? 1_555 D CD  . CD  ? ? A HIS 30 A CD  93  1_555 ? ? ? ? ? ? ? 2.674 ? ? 
metalc5  metalc ?    ? A GLU 48 OE1 ? ? ? 4_456 C CD  . CD  ? ? A GLU 48 A CD  92  1_555 ? ? ? ? ? ? ? 2.498 ? ? 
metalc6  metalc ?    ? A GLU 48 OE2 ? ? ? 4_456 C CD  . CD  ? ? A GLU 48 A CD  92  1_555 ? ? ? ? ? ? ? 1.795 ? ? 
metalc7  metalc ?    ? A MET 61 SD  ? ? ? 1_555 F HEM . FE  ? ? A MET 61 A HEM 90  1_555 ? ? ? ? ? ? ? 2.510 ? ? 
metalc8  metalc ?    ? A ASP 69 OD2 ? ? ? 1_555 C CD  . CD  ? ? A ASP 69 A CD  92  1_555 ? ? ? ? ? ? ? 1.987 ? ? 
metalc9  metalc ?    ? A ASP 69 OD1 ? ? ? 1_555 C CD  . CD  ? ? A ASP 69 A CD  92  1_555 ? ? ? ? ? ? ? 2.942 ? ? 
metalc10 metalc ?    ? A ASP 71 OD1 ? ? ? 1_555 C CD  . CD  ? ? A ASP 71 A CD  92  1_555 ? ? ? ? ? ? ? 2.156 ? ? 
metalc11 metalc ?    ? A ASP 71 OD2 ? ? ? 1_555 C CD  . CD  ? ? A ASP 71 A CD  92  1_555 ? ? ? ? ? ? ? 2.320 ? ? 
metalc12 metalc ?    ? A TRP 89 O   ? ? ? 1_555 E CD  . CD  ? ? A TRP 89 A CD  94  1_555 ? ? ? ? ? ? ? 1.641 ? ? 
metalc13 metalc ?    ? A TRP 89 OXT ? ? ? 1_555 E CD  . CD  ? ? A TRP 89 A CD  94  1_555 ? ? ? ? ? ? ? 2.880 ? ? 
metalc14 metalc ?    ? A TRP 89 OXT ? ? ? 2_655 E CD  . CD  ? ? A TRP 89 A CD  94  1_555 ? ? ? ? ? ? ? 2.880 ? ? 
metalc15 metalc ?    ? A TRP 89 O   ? ? ? 2_655 E CD  . CD  ? ? A TRP 89 A CD  94  1_555 ? ? ? ? ? ? ? 1.641 ? ? 
metalc16 metalc ?    ? F HEM .  O1D ? ? ? 1_555 D CD  . CD  ? ? A HEM 90 A CD  93  1_555 ? ? ? ? ? ? ? 3.134 ? ? 
metalc17 metalc ?    ? B CD  .  CD  ? ? ? 1_555 G HOH . O   ? ? A CD  91 A HOH 120 1_555 ? ? ? ? ? ? ? 1.870 ? ? 
metalc18 metalc ?    ? B CD  .  CD  ? ? ? 1_555 G HOH . O   ? ? A CD  91 A HOH 120 2_555 ? ? ? ? ? ? ? 1.870 ? ? 
metalc19 metalc ?    ? B CD  .  CD  ? ? ? 1_555 G HOH . O   ? ? A CD  91 A HOH 149 1_555 ? ? ? ? ? ? ? 1.756 ? ? 
metalc20 metalc ?    ? B CD  .  CD  ? ? ? 1_555 G HOH . O   ? ? A CD  91 A HOH 149 2_555 ? ? ? ? ? ? ? 1.756 ? ? 
metalc21 metalc ?    ? C CD  .  CD  ? ? ? 1_555 G HOH . O   ? ? A CD  92 A HOH 151 1_555 ? ? ? ? ? ? ? 2.660 ? ? 
metalc22 metalc ?    ? D CD  .  CD  ? ? ? 1_555 G HOH . O   ? ? A CD  93 A HOH 148 1_555 ? ? ? ? ? ? ? 1.562 ? ? 
metalc23 metalc ?    ? E CD  .  CD  ? ? ? 1_555 G HOH . O   ? ? A CD  94 A HOH 162 1_555 ? ? ? ? ? ? ? 2.630 ? ? 
metalc24 metalc ?    ? E CD  .  CD  ? ? ? 1_555 G HOH . O   ? ? A CD  94 A HOH 162 2_655 ? ? ? ? ? ? ? 2.630 ? ? 
# 
loop_
_struct_conn_type.id 
_struct_conn_type.criteria 
_struct_conn_type.reference 
covale ? ? 
metalc ? ? 
# 
loop_
_pdbx_struct_conn_angle.id 
_pdbx_struct_conn_angle.ptnr1_label_atom_id 
_pdbx_struct_conn_angle.ptnr1_label_alt_id 
_pdbx_struct_conn_angle.ptnr1_label_asym_id 
_pdbx_struct_conn_angle.ptnr1_label_comp_id 
_pdbx_struct_conn_angle.ptnr1_label_seq_id 
_pdbx_struct_conn_angle.ptnr1_auth_atom_id 
_pdbx_struct_conn_angle.ptnr1_auth_asym_id 
_pdbx_struct_conn_angle.ptnr1_auth_comp_id 
_pdbx_struct_conn_angle.ptnr1_auth_seq_id 
_pdbx_struct_conn_angle.ptnr1_PDB_ins_code 
_pdbx_struct_conn_angle.ptnr1_symmetry 
_pdbx_struct_conn_angle.ptnr2_label_atom_id 
_pdbx_struct_conn_angle.ptnr2_label_alt_id 
_pdbx_struct_conn_angle.ptnr2_label_asym_id 
_pdbx_struct_conn_angle.ptnr2_label_comp_id 
_pdbx_struct_conn_angle.ptnr2_label_seq_id 
_pdbx_struct_conn_angle.ptnr2_auth_atom_id 
_pdbx_struct_conn_angle.ptnr2_auth_asym_id 
_pdbx_struct_conn_angle.ptnr2_auth_comp_id 
_pdbx_struct_conn_angle.ptnr2_auth_seq_id 
_pdbx_struct_conn_angle.ptnr2_PDB_ins_code 
_pdbx_struct_conn_angle.ptnr2_symmetry 
_pdbx_struct_conn_angle.ptnr3_label_atom_id 
_pdbx_struct_conn_angle.ptnr3_label_alt_id 
_pdbx_struct_conn_angle.ptnr3_label_asym_id 
_pdbx_struct_conn_angle.ptnr3_label_comp_id 
_pdbx_struct_conn_angle.ptnr3_label_seq_id 
_pdbx_struct_conn_angle.ptnr3_auth_atom_id 
_pdbx_struct_conn_angle.ptnr3_auth_asym_id 
_pdbx_struct_conn_angle.ptnr3_auth_comp_id 
_pdbx_struct_conn_angle.ptnr3_auth_seq_id 
_pdbx_struct_conn_angle.ptnr3_PDB_ins_code 
_pdbx_struct_conn_angle.ptnr3_symmetry 
_pdbx_struct_conn_angle.value 
_pdbx_struct_conn_angle.value_esd 
1  OD2 ? A ASP 3  ? A ASP 3   ? 1_555 CD ? B CD  . ? A CD  91 ? 1_555 OD2 ? A ASP 3  ? A ASP 3   ? 2_555 178.1 ? 
2  OD2 ? A ASP 3  ? A ASP 3   ? 1_555 CD ? B CD  . ? A CD  91 ? 1_555 O   ? G HOH .  ? A HOH 120 ? 1_555 86.9  ? 
3  OD2 ? A ASP 3  ? A ASP 3   ? 2_555 CD ? B CD  . ? A CD  91 ? 1_555 O   ? G HOH .  ? A HOH 120 ? 1_555 94.4  ? 
4  OD2 ? A ASP 3  ? A ASP 3   ? 1_555 CD ? B CD  . ? A CD  91 ? 1_555 O   ? G HOH .  ? A HOH 120 ? 2_555 94.4  ? 
5  OD2 ? A ASP 3  ? A ASP 3   ? 2_555 CD ? B CD  . ? A CD  91 ? 1_555 O   ? G HOH .  ? A HOH 120 ? 2_555 86.9  ? 
6  O   ? G HOH .  ? A HOH 120 ? 1_555 CD ? B CD  . ? A CD  91 ? 1_555 O   ? G HOH .  ? A HOH 120 ? 2_555 87.1  ? 
7  OD2 ? A ASP 3  ? A ASP 3   ? 1_555 CD ? B CD  . ? A CD  91 ? 1_555 O   ? G HOH .  ? A HOH 149 ? 1_555 85.8  ? 
8  OD2 ? A ASP 3  ? A ASP 3   ? 2_555 CD ? B CD  . ? A CD  91 ? 1_555 O   ? G HOH .  ? A HOH 149 ? 1_555 93.0  ? 
9  O   ? G HOH .  ? A HOH 120 ? 1_555 CD ? B CD  . ? A CD  91 ? 1_555 O   ? G HOH .  ? A HOH 149 ? 1_555 86.9  ? 
10 O   ? G HOH .  ? A HOH 120 ? 2_555 CD ? B CD  . ? A CD  91 ? 1_555 O   ? G HOH .  ? A HOH 149 ? 1_555 174.0 ? 
11 OD2 ? A ASP 3  ? A ASP 3   ? 1_555 CD ? B CD  . ? A CD  91 ? 1_555 O   ? G HOH .  ? A HOH 149 ? 2_555 93.0  ? 
12 OD2 ? A ASP 3  ? A ASP 3   ? 2_555 CD ? B CD  . ? A CD  91 ? 1_555 O   ? G HOH .  ? A HOH 149 ? 2_555 85.8  ? 
13 O   ? G HOH .  ? A HOH 120 ? 1_555 CD ? B CD  . ? A CD  91 ? 1_555 O   ? G HOH .  ? A HOH 149 ? 2_555 174.0 ? 
14 O   ? G HOH .  ? A HOH 120 ? 2_555 CD ? B CD  . ? A CD  91 ? 1_555 O   ? G HOH .  ? A HOH 149 ? 2_555 86.9  ? 
15 O   ? G HOH .  ? A HOH 149 ? 1_555 CD ? B CD  . ? A CD  91 ? 1_555 O   ? G HOH .  ? A HOH 149 ? 2_555 99.0  ? 
16 NE2 ? A HIS 19 ? A HIS 19  ? 1_555 FE ? F HEM . ? A HEM 90 ? 1_555 NA  ? F HEM .  ? A HEM 90  ? 1_555 91.6  ? 
17 NE2 ? A HIS 19 ? A HIS 19  ? 1_555 FE ? F HEM . ? A HEM 90 ? 1_555 NB  ? F HEM .  ? A HEM 90  ? 1_555 95.9  ? 
18 NA  ? F HEM .  ? A HEM 90  ? 1_555 FE ? F HEM . ? A HEM 90 ? 1_555 NB  ? F HEM .  ? A HEM 90  ? 1_555 90.0  ? 
19 NE2 ? A HIS 19 ? A HIS 19  ? 1_555 FE ? F HEM . ? A HEM 90 ? 1_555 NC  ? F HEM .  ? A HEM 90  ? 1_555 85.6  ? 
20 NA  ? F HEM .  ? A HEM 90  ? 1_555 FE ? F HEM . ? A HEM 90 ? 1_555 NC  ? F HEM .  ? A HEM 90  ? 1_555 177.1 ? 
21 NB  ? F HEM .  ? A HEM 90  ? 1_555 FE ? F HEM . ? A HEM 90 ? 1_555 NC  ? F HEM .  ? A HEM 90  ? 1_555 90.9  ? 
22 NE2 ? A HIS 19 ? A HIS 19  ? 1_555 FE ? F HEM . ? A HEM 90 ? 1_555 ND  ? F HEM .  ? A HEM 90  ? 1_555 86.8  ? 
23 NA  ? F HEM .  ? A HEM 90  ? 1_555 FE ? F HEM . ? A HEM 90 ? 1_555 ND  ? F HEM .  ? A HEM 90  ? 1_555 91.2  ? 
24 NB  ? F HEM .  ? A HEM 90  ? 1_555 FE ? F HEM . ? A HEM 90 ? 1_555 ND  ? F HEM .  ? A HEM 90  ? 1_555 177.0 ? 
25 NC  ? F HEM .  ? A HEM 90  ? 1_555 FE ? F HEM . ? A HEM 90 ? 1_555 ND  ? F HEM .  ? A HEM 90  ? 1_555 87.9  ? 
26 NE2 ? A HIS 19 ? A HIS 19  ? 1_555 FE ? F HEM . ? A HEM 90 ? 1_555 SD  ? A MET 61 ? A MET 61  ? 1_555 175.3 ? 
27 NA  ? F HEM .  ? A HEM 90  ? 1_555 FE ? F HEM . ? A HEM 90 ? 1_555 SD  ? A MET 61 ? A MET 61  ? 1_555 92.8  ? 
28 NB  ? F HEM .  ? A HEM 90  ? 1_555 FE ? F HEM . ? A HEM 90 ? 1_555 SD  ? A MET 61 ? A MET 61  ? 1_555 85.8  ? 
29 NC  ? F HEM .  ? A HEM 90  ? 1_555 FE ? F HEM . ? A HEM 90 ? 1_555 SD  ? A MET 61 ? A MET 61  ? 1_555 90.0  ? 
30 ND  ? F HEM .  ? A HEM 90  ? 1_555 FE ? F HEM . ? A HEM 90 ? 1_555 SD  ? A MET 61 ? A MET 61  ? 1_555 91.4  ? 
31 NE2 ? A HIS 30 ? A HIS 30  ? 1_555 CD ? D CD  . ? A CD  93 ? 1_555 O1D ? F HEM .  ? A HEM 90  ? 1_555 87.6  ? 
32 NE2 ? A HIS 30 ? A HIS 30  ? 1_555 CD ? D CD  . ? A CD  93 ? 1_555 O   ? G HOH .  ? A HOH 148 ? 1_555 95.8  ? 
33 O1D ? F HEM .  ? A HEM 90  ? 1_555 CD ? D CD  . ? A CD  93 ? 1_555 O   ? G HOH .  ? A HOH 148 ? 1_555 59.9  ? 
34 OE1 ? A GLU 48 ? A GLU 48  ? 4_456 CD ? C CD  . ? A CD  92 ? 1_555 OE2 ? A GLU 48 ? A GLU 48  ? 4_456 57.9  ? 
35 OE1 ? A GLU 48 ? A GLU 48  ? 4_456 CD ? C CD  . ? A CD  92 ? 1_555 OD2 ? A ASP 69 ? A ASP 69  ? 1_555 141.6 ? 
36 OE2 ? A GLU 48 ? A GLU 48  ? 4_456 CD ? C CD  . ? A CD  92 ? 1_555 OD2 ? A ASP 69 ? A ASP 69  ? 1_555 91.0  ? 
37 OE1 ? A GLU 48 ? A GLU 48  ? 4_456 CD ? C CD  . ? A CD  92 ? 1_555 OD1 ? A ASP 69 ? A ASP 69  ? 1_555 160.2 ? 
38 OE2 ? A GLU 48 ? A GLU 48  ? 4_456 CD ? C CD  . ? A CD  92 ? 1_555 OD1 ? A ASP 69 ? A ASP 69  ? 1_555 137.8 ? 
39 OD2 ? A ASP 69 ? A ASP 69  ? 1_555 CD ? C CD  . ? A CD  92 ? 1_555 OD1 ? A ASP 69 ? A ASP 69  ? 1_555 47.3  ? 
40 OE1 ? A GLU 48 ? A GLU 48  ? 4_456 CD ? C CD  . ? A CD  92 ? 1_555 OD1 ? A ASP 71 ? A ASP 71  ? 1_555 93.8  ? 
41 OE2 ? A GLU 48 ? A GLU 48  ? 4_456 CD ? C CD  . ? A CD  92 ? 1_555 OD1 ? A ASP 71 ? A ASP 71  ? 1_555 150.1 ? 
42 OD2 ? A ASP 69 ? A ASP 69  ? 1_555 CD ? C CD  . ? A CD  92 ? 1_555 OD1 ? A ASP 71 ? A ASP 71  ? 1_555 118.9 ? 
43 OD1 ? A ASP 69 ? A ASP 69  ? 1_555 CD ? C CD  . ? A CD  92 ? 1_555 OD1 ? A ASP 71 ? A ASP 71  ? 1_555 72.1  ? 
44 OE1 ? A GLU 48 ? A GLU 48  ? 4_456 CD ? C CD  . ? A CD  92 ? 1_555 OD2 ? A ASP 71 ? A ASP 71  ? 1_555 83.3  ? 
45 OE2 ? A GLU 48 ? A GLU 48  ? 4_456 CD ? C CD  . ? A CD  92 ? 1_555 OD2 ? A ASP 71 ? A ASP 71  ? 1_555 120.9 ? 
46 OD2 ? A ASP 69 ? A ASP 69  ? 1_555 CD ? C CD  . ? A CD  92 ? 1_555 OD2 ? A ASP 71 ? A ASP 71  ? 1_555 96.7  ? 
47 OD1 ? A ASP 69 ? A ASP 69  ? 1_555 CD ? C CD  . ? A CD  92 ? 1_555 OD2 ? A ASP 71 ? A ASP 71  ? 1_555 77.5  ? 
48 OD1 ? A ASP 71 ? A ASP 71  ? 1_555 CD ? C CD  . ? A CD  92 ? 1_555 OD2 ? A ASP 71 ? A ASP 71  ? 1_555 58.2  ? 
49 OE1 ? A GLU 48 ? A GLU 48  ? 4_456 CD ? C CD  . ? A CD  92 ? 1_555 O   ? G HOH .  ? A HOH 151 ? 1_555 102.7 ? 
50 OE2 ? A GLU 48 ? A GLU 48  ? 4_456 CD ? C CD  . ? A CD  92 ? 1_555 O   ? G HOH .  ? A HOH 151 ? 1_555 90.0  ? 
51 OD2 ? A ASP 69 ? A ASP 69  ? 1_555 CD ? C CD  . ? A CD  92 ? 1_555 O   ? G HOH .  ? A HOH 151 ? 1_555 98.9  ? 
52 OD1 ? A ASP 69 ? A ASP 69  ? 1_555 CD ? C CD  . ? A CD  92 ? 1_555 O   ? G HOH .  ? A HOH 151 ? 1_555 90.6  ? 
53 OD1 ? A ASP 71 ? A ASP 71  ? 1_555 CD ? C CD  . ? A CD  92 ? 1_555 O   ? G HOH .  ? A HOH 151 ? 1_555 86.8  ? 
54 OD2 ? A ASP 71 ? A ASP 71  ? 1_555 CD ? C CD  . ? A CD  92 ? 1_555 O   ? G HOH .  ? A HOH 151 ? 1_555 144.9 ? 
55 O   ? A TRP 89 ? A TRP 89  ? 1_555 CD ? E CD  . ? A CD  94 ? 1_555 OXT ? A TRP 89 ? A TRP 89  ? 1_555 47.8  ? 
56 O   ? A TRP 89 ? A TRP 89  ? 1_555 CD ? E CD  . ? A CD  94 ? 1_555 OXT ? A TRP 89 ? A TRP 89  ? 2_655 92.0  ? 
57 OXT ? A TRP 89 ? A TRP 89  ? 1_555 CD ? E CD  . ? A CD  94 ? 1_555 OXT ? A TRP 89 ? A TRP 89  ? 2_655 80.2  ? 
58 O   ? A TRP 89 ? A TRP 89  ? 1_555 CD ? E CD  . ? A CD  94 ? 1_555 O   ? A TRP 89 ? A TRP 89  ? 2_655 130.7 ? 
59 OXT ? A TRP 89 ? A TRP 89  ? 1_555 CD ? E CD  . ? A CD  94 ? 1_555 O   ? A TRP 89 ? A TRP 89  ? 2_655 92.0  ? 
60 OXT ? A TRP 89 ? A TRP 89  ? 2_655 CD ? E CD  . ? A CD  94 ? 1_555 O   ? A TRP 89 ? A TRP 89  ? 2_655 47.8  ? 
61 O   ? A TRP 89 ? A TRP 89  ? 1_555 CD ? E CD  . ? A CD  94 ? 1_555 O   ? G HOH .  ? A HOH 162 ? 1_555 64.7  ? 
62 OXT ? A TRP 89 ? A TRP 89  ? 1_555 CD ? E CD  . ? A CD  94 ? 1_555 O   ? G HOH .  ? A HOH 162 ? 1_555 93.1  ? 
63 OXT ? A TRP 89 ? A TRP 89  ? 2_655 CD ? E CD  . ? A CD  94 ? 1_555 O   ? G HOH .  ? A HOH 162 ? 1_555 51.9  ? 
64 O   ? A TRP 89 ? A TRP 89  ? 2_655 CD ? E CD  . ? A CD  94 ? 1_555 O   ? G HOH .  ? A HOH 162 ? 1_555 96.9  ? 
65 O   ? A TRP 89 ? A TRP 89  ? 1_555 CD ? E CD  . ? A CD  94 ? 1_555 O   ? G HOH .  ? A HOH 162 ? 2_655 96.9  ? 
66 OXT ? A TRP 89 ? A TRP 89  ? 1_555 CD ? E CD  . ? A CD  94 ? 1_555 O   ? G HOH .  ? A HOH 162 ? 2_655 51.9  ? 
67 OXT ? A TRP 89 ? A TRP 89  ? 2_655 CD ? E CD  . ? A CD  94 ? 1_555 O   ? G HOH .  ? A HOH 162 ? 2_655 93.1  ? 
68 O   ? A TRP 89 ? A TRP 89  ? 2_655 CD ? E CD  . ? A CD  94 ? 1_555 O   ? G HOH .  ? A HOH 162 ? 2_655 64.7  ? 
69 O   ? G HOH .  ? A HOH 162 ? 1_555 CD ? E CD  . ? A CD  94 ? 1_555 O   ? G HOH .  ? A HOH 162 ? 2_655 136.8 ? 
# 
loop_
_pdbx_modification_feature.ordinal 
_pdbx_modification_feature.label_comp_id 
_pdbx_modification_feature.label_asym_id 
_pdbx_modification_feature.label_seq_id 
_pdbx_modification_feature.label_alt_id 
_pdbx_modification_feature.modified_residue_label_comp_id 
_pdbx_modification_feature.modified_residue_label_asym_id 
_pdbx_modification_feature.modified_residue_label_seq_id 
_pdbx_modification_feature.modified_residue_label_alt_id 
_pdbx_modification_feature.auth_comp_id 
_pdbx_modification_feature.auth_asym_id 
_pdbx_modification_feature.auth_seq_id 
_pdbx_modification_feature.PDB_ins_code 
_pdbx_modification_feature.symmetry 
_pdbx_modification_feature.modified_residue_auth_comp_id 
_pdbx_modification_feature.modified_residue_auth_asym_id 
_pdbx_modification_feature.modified_residue_auth_seq_id 
_pdbx_modification_feature.modified_residue_PDB_ins_code 
_pdbx_modification_feature.modified_residue_symmetry 
_pdbx_modification_feature.comp_id_linking_atom 
_pdbx_modification_feature.modified_residue_id_linking_atom 
_pdbx_modification_feature.modified_residue_id 
_pdbx_modification_feature.ref_pcm_id 
_pdbx_modification_feature.ref_comp_id 
_pdbx_modification_feature.type 
_pdbx_modification_feature.category 
1 HEM F . ? CYS A 15 ? HEM A 90 ? 1_555 CYS A 15 ? 1_555 CAB SG CYS 2 HEM None Heme/heme-like 
2 HEM F . ? CYS A 18 ? HEM A 90 ? 1_555 CYS A 18 ? 1_555 CAC SG CYS 3 HEM None Heme/heme-like 
# 
loop_
_struct_site.id 
_struct_site.pdbx_evidence_code 
_struct_site.pdbx_auth_asym_id 
_struct_site.pdbx_auth_comp_id 
_struct_site.pdbx_auth_seq_id 
_struct_site.pdbx_auth_ins_code 
_struct_site.pdbx_num_residues 
_struct_site.details 
AC1 Software A CD  91 ? 6  'BINDING SITE FOR RESIDUE CD A 91'  
AC2 Software A CD  92 ? 4  'BINDING SITE FOR RESIDUE CD A 92'  
AC3 Software A CD  93 ? 3  'BINDING SITE FOR RESIDUE CD A 93'  
AC4 Software A CD  94 ? 4  'BINDING SITE FOR RESIDUE CD A 94'  
AC5 Software A HEM 90 ? 20 'BINDING SITE FOR RESIDUE HEM A 90' 
# 
loop_
_struct_site_gen.id 
_struct_site_gen.site_id 
_struct_site_gen.pdbx_num_res 
_struct_site_gen.label_comp_id 
_struct_site_gen.label_asym_id 
_struct_site_gen.label_seq_id 
_struct_site_gen.pdbx_auth_ins_code 
_struct_site_gen.auth_comp_id 
_struct_site_gen.auth_asym_id 
_struct_site_gen.auth_seq_id 
_struct_site_gen.label_atom_id 
_struct_site_gen.label_alt_id 
_struct_site_gen.symmetry 
_struct_site_gen.details 
1  AC1 6  ASP A 3  ? ASP A 3   . ? 2_555 ? 
2  AC1 6  ASP A 3  ? ASP A 3   . ? 1_555 ? 
3  AC1 6  HOH G .  ? HOH A 120 . ? 1_555 ? 
4  AC1 6  HOH G .  ? HOH A 120 . ? 2_555 ? 
5  AC1 6  HOH G .  ? HOH A 149 . ? 2_555 ? 
6  AC1 6  HOH G .  ? HOH A 149 . ? 1_555 ? 
7  AC2 4  GLU A 48 ? GLU A 48  . ? 4_456 ? 
8  AC2 4  ASP A 69 ? ASP A 69  . ? 1_555 ? 
9  AC2 4  ASP A 71 ? ASP A 71  . ? 1_555 ? 
10 AC2 4  HOH G .  ? HOH A 151 . ? 1_555 ? 
11 AC3 3  HIS A 30 ? HIS A 30  . ? 1_555 ? 
12 AC3 3  HEM F .  ? HEM A 90  . ? 1_555 ? 
13 AC3 3  HOH G .  ? HOH A 148 . ? 1_555 ? 
14 AC4 4  TRP A 89 ? TRP A 89  . ? 1_555 ? 
15 AC4 4  TRP A 89 ? TRP A 89  . ? 2_655 ? 
16 AC4 4  HOH G .  ? HOH A 162 . ? 2_655 ? 
17 AC4 4  HOH G .  ? HOH A 162 . ? 1_555 ? 
18 AC5 20 CYS A 15 ? CYS A 15  . ? 1_555 ? 
19 AC5 20 CYS A 18 ? CYS A 18  . ? 1_555 ? 
20 AC5 20 HIS A 19 ? HIS A 19  . ? 1_555 ? 
21 AC5 20 ASN A 24 ? ASN A 24  . ? 1_555 ? 
22 AC5 20 VAL A 26 ? VAL A 26  . ? 1_555 ? 
23 AC5 20 ILE A 27 ? ILE A 27  . ? 1_555 ? 
24 AC5 20 HIS A 30 ? HIS A 30  . ? 1_555 ? 
25 AC5 20 THR A 31 ? THR A 31  . ? 1_555 ? 
26 AC5 20 LEU A 32 ? LEU A 32  . ? 1_555 ? 
27 AC5 20 PHE A 40 ? PHE A 40  . ? 1_555 ? 
28 AC5 20 LEU A 41 ? LEU A 41  . ? 1_555 ? 
29 AC5 20 GLN A 53 ? GLN A 53  . ? 1_555 ? 
30 AC5 20 LYS A 58 ? LYS A 58  . ? 1_555 ? 
31 AC5 20 ALA A 60 ? ALA A 60  . ? 1_555 ? 
32 AC5 20 MET A 61 ? MET A 61  . ? 1_555 ? 
33 AC5 20 PRO A 62 ? PRO A 62  . ? 1_555 ? 
34 AC5 20 TRP A 64 ? TRP A 64  . ? 1_555 ? 
35 AC5 20 CD  D .  ? CD  A 93  . ? 1_555 ? 
36 AC5 20 HOH G .  ? HOH A 134 . ? 1_555 ? 
37 AC5 20 HOH G .  ? HOH A 148 . ? 1_555 ? 
# 
_pdbx_entry_details.entry_id                   1C6R 
_pdbx_entry_details.compound_details           ? 
_pdbx_entry_details.source_details             ? 
_pdbx_entry_details.nonpolymer_details         ? 
_pdbx_entry_details.sequence_details           ? 
_pdbx_entry_details.has_ligand_of_interest     ? 
_pdbx_entry_details.has_protein_modification   Y 
# 
loop_
_pdbx_validate_torsion.id 
_pdbx_validate_torsion.PDB_model_num 
_pdbx_validate_torsion.auth_comp_id 
_pdbx_validate_torsion.auth_asym_id 
_pdbx_validate_torsion.auth_seq_id 
_pdbx_validate_torsion.PDB_ins_code 
_pdbx_validate_torsion.label_alt_id 
_pdbx_validate_torsion.phi 
_pdbx_validate_torsion.psi 
1 1 ASN A 23 ? ? -98.61  -153.81 
2 1 PRO A 28 ? ? -38.51  -35.68  
3 1 LYS A 58 ? ? -166.55 105.50  
4 1 THR A 67 ? ? -141.06 -43.17  
# 
loop_
_pdbx_struct_special_symmetry.id 
_pdbx_struct_special_symmetry.PDB_model_num 
_pdbx_struct_special_symmetry.auth_asym_id 
_pdbx_struct_special_symmetry.auth_comp_id 
_pdbx_struct_special_symmetry.auth_seq_id 
_pdbx_struct_special_symmetry.PDB_ins_code 
_pdbx_struct_special_symmetry.label_asym_id 
_pdbx_struct_special_symmetry.label_comp_id 
_pdbx_struct_special_symmetry.label_seq_id 
1 1 A CD 91 ? B CD . 
2 1 A CD 94 ? E CD . 
# 
_pdbx_unobs_or_zero_occ_residues.id               1 
_pdbx_unobs_or_zero_occ_residues.PDB_model_num    1 
_pdbx_unobs_or_zero_occ_residues.polymer_flag     Y 
_pdbx_unobs_or_zero_occ_residues.occupancy_flag   1 
_pdbx_unobs_or_zero_occ_residues.auth_asym_id     A 
_pdbx_unobs_or_zero_occ_residues.auth_comp_id     SER 
_pdbx_unobs_or_zero_occ_residues.auth_seq_id      1 
_pdbx_unobs_or_zero_occ_residues.PDB_ins_code     ? 
_pdbx_unobs_or_zero_occ_residues.label_asym_id    A 
_pdbx_unobs_or_zero_occ_residues.label_comp_id    SER 
_pdbx_unobs_or_zero_occ_residues.label_seq_id     1 
# 
loop_
_chem_comp_atom.comp_id 
_chem_comp_atom.atom_id 
_chem_comp_atom.type_symbol 
_chem_comp_atom.pdbx_aromatic_flag 
_chem_comp_atom.pdbx_stereo_config 
_chem_comp_atom.pdbx_ordinal 
ALA N    N  N N 1   
ALA CA   C  N S 2   
ALA C    C  N N 3   
ALA O    O  N N 4   
ALA CB   C  N N 5   
ALA OXT  O  N N 6   
ALA H    H  N N 7   
ALA H2   H  N N 8   
ALA HA   H  N N 9   
ALA HB1  H  N N 10  
ALA HB2  H  N N 11  
ALA HB3  H  N N 12  
ALA HXT  H  N N 13  
ARG N    N  N N 14  
ARG CA   C  N S 15  
ARG C    C  N N 16  
ARG O    O  N N 17  
ARG CB   C  N N 18  
ARG CG   C  N N 19  
ARG CD   C  N N 20  
ARG NE   N  N N 21  
ARG CZ   C  N N 22  
ARG NH1  N  N N 23  
ARG NH2  N  N N 24  
ARG OXT  O  N N 25  
ARG H    H  N N 26  
ARG H2   H  N N 27  
ARG HA   H  N N 28  
ARG HB2  H  N N 29  
ARG HB3  H  N N 30  
ARG HG2  H  N N 31  
ARG HG3  H  N N 32  
ARG HD2  H  N N 33  
ARG HD3  H  N N 34  
ARG HE   H  N N 35  
ARG HH11 H  N N 36  
ARG HH12 H  N N 37  
ARG HH21 H  N N 38  
ARG HH22 H  N N 39  
ARG HXT  H  N N 40  
ASN N    N  N N 41  
ASN CA   C  N S 42  
ASN C    C  N N 43  
ASN O    O  N N 44  
ASN CB   C  N N 45  
ASN CG   C  N N 46  
ASN OD1  O  N N 47  
ASN ND2  N  N N 48  
ASN OXT  O  N N 49  
ASN H    H  N N 50  
ASN H2   H  N N 51  
ASN HA   H  N N 52  
ASN HB2  H  N N 53  
ASN HB3  H  N N 54  
ASN HD21 H  N N 55  
ASN HD22 H  N N 56  
ASN HXT  H  N N 57  
ASP N    N  N N 58  
ASP CA   C  N S 59  
ASP C    C  N N 60  
ASP O    O  N N 61  
ASP CB   C  N N 62  
ASP CG   C  N N 63  
ASP OD1  O  N N 64  
ASP OD2  O  N N 65  
ASP OXT  O  N N 66  
ASP H    H  N N 67  
ASP H2   H  N N 68  
ASP HA   H  N N 69  
ASP HB2  H  N N 70  
ASP HB3  H  N N 71  
ASP HD2  H  N N 72  
ASP HXT  H  N N 73  
CD  CD   CD N N 74  
CYS N    N  N N 75  
CYS CA   C  N R 76  
CYS C    C  N N 77  
CYS O    O  N N 78  
CYS CB   C  N N 79  
CYS SG   S  N N 80  
CYS OXT  O  N N 81  
CYS H    H  N N 82  
CYS H2   H  N N 83  
CYS HA   H  N N 84  
CYS HB2  H  N N 85  
CYS HB3  H  N N 86  
CYS HG   H  N N 87  
CYS HXT  H  N N 88  
GLN N    N  N N 89  
GLN CA   C  N S 90  
GLN C    C  N N 91  
GLN O    O  N N 92  
GLN CB   C  N N 93  
GLN CG   C  N N 94  
GLN CD   C  N N 95  
GLN OE1  O  N N 96  
GLN NE2  N  N N 97  
GLN OXT  O  N N 98  
GLN H    H  N N 99  
GLN H2   H  N N 100 
GLN HA   H  N N 101 
GLN HB2  H  N N 102 
GLN HB3  H  N N 103 
GLN HG2  H  N N 104 
GLN HG3  H  N N 105 
GLN HE21 H  N N 106 
GLN HE22 H  N N 107 
GLN HXT  H  N N 108 
GLU N    N  N N 109 
GLU CA   C  N S 110 
GLU C    C  N N 111 
GLU O    O  N N 112 
GLU CB   C  N N 113 
GLU CG   C  N N 114 
GLU CD   C  N N 115 
GLU OE1  O  N N 116 
GLU OE2  O  N N 117 
GLU OXT  O  N N 118 
GLU H    H  N N 119 
GLU H2   H  N N 120 
GLU HA   H  N N 121 
GLU HB2  H  N N 122 
GLU HB3  H  N N 123 
GLU HG2  H  N N 124 
GLU HG3  H  N N 125 
GLU HE2  H  N N 126 
GLU HXT  H  N N 127 
GLY N    N  N N 128 
GLY CA   C  N N 129 
GLY C    C  N N 130 
GLY O    O  N N 131 
GLY OXT  O  N N 132 
GLY H    H  N N 133 
GLY H2   H  N N 134 
GLY HA2  H  N N 135 
GLY HA3  H  N N 136 
GLY HXT  H  N N 137 
HEM CHA  C  N N 138 
HEM CHB  C  N N 139 
HEM CHC  C  N N 140 
HEM CHD  C  N N 141 
HEM C1A  C  Y N 142 
HEM C2A  C  Y N 143 
HEM C3A  C  Y N 144 
HEM C4A  C  Y N 145 
HEM CMA  C  N N 146 
HEM CAA  C  N N 147 
HEM CBA  C  N N 148 
HEM CGA  C  N N 149 
HEM O1A  O  N N 150 
HEM O2A  O  N N 151 
HEM C1B  C  N N 152 
HEM C2B  C  N N 153 
HEM C3B  C  N N 154 
HEM C4B  C  N N 155 
HEM CMB  C  N N 156 
HEM CAB  C  N N 157 
HEM CBB  C  N N 158 
HEM C1C  C  Y N 159 
HEM C2C  C  Y N 160 
HEM C3C  C  Y N 161 
HEM C4C  C  Y N 162 
HEM CMC  C  N N 163 
HEM CAC  C  N N 164 
HEM CBC  C  N N 165 
HEM C1D  C  N N 166 
HEM C2D  C  N N 167 
HEM C3D  C  N N 168 
HEM C4D  C  N N 169 
HEM CMD  C  N N 170 
HEM CAD  C  N N 171 
HEM CBD  C  N N 172 
HEM CGD  C  N N 173 
HEM O1D  O  N N 174 
HEM O2D  O  N N 175 
HEM NA   N  Y N 176 
HEM NB   N  N N 177 
HEM NC   N  Y N 178 
HEM ND   N  N N 179 
HEM FE   FE N N 180 
HEM HHB  H  N N 181 
HEM HHC  H  N N 182 
HEM HHD  H  N N 183 
HEM HMA  H  N N 184 
HEM HMAA H  N N 185 
HEM HMAB H  N N 186 
HEM HAA  H  N N 187 
HEM HAAA H  N N 188 
HEM HBA  H  N N 189 
HEM HBAA H  N N 190 
HEM HMB  H  N N 191 
HEM HMBA H  N N 192 
HEM HMBB H  N N 193 
HEM HAB  H  N N 194 
HEM HBB  H  N N 195 
HEM HBBA H  N N 196 
HEM HMC  H  N N 197 
HEM HMCA H  N N 198 
HEM HMCB H  N N 199 
HEM HAC  H  N N 200 
HEM HBC  H  N N 201 
HEM HBCA H  N N 202 
HEM HMD  H  N N 203 
HEM HMDA H  N N 204 
HEM HMDB H  N N 205 
HEM HAD  H  N N 206 
HEM HADA H  N N 207 
HEM HBD  H  N N 208 
HEM HBDA H  N N 209 
HEM H2A  H  N N 210 
HEM H2D  H  N N 211 
HEM HHA  H  N N 212 
HIS N    N  N N 213 
HIS CA   C  N S 214 
HIS C    C  N N 215 
HIS O    O  N N 216 
HIS CB   C  N N 217 
HIS CG   C  Y N 218 
HIS ND1  N  Y N 219 
HIS CD2  C  Y N 220 
HIS CE1  C  Y N 221 
HIS NE2  N  Y N 222 
HIS OXT  O  N N 223 
HIS H    H  N N 224 
HIS H2   H  N N 225 
HIS HA   H  N N 226 
HIS HB2  H  N N 227 
HIS HB3  H  N N 228 
HIS HD1  H  N N 229 
HIS HD2  H  N N 230 
HIS HE1  H  N N 231 
HIS HE2  H  N N 232 
HIS HXT  H  N N 233 
HOH O    O  N N 234 
HOH H1   H  N N 235 
HOH H2   H  N N 236 
ILE N    N  N N 237 
ILE CA   C  N S 238 
ILE C    C  N N 239 
ILE O    O  N N 240 
ILE CB   C  N S 241 
ILE CG1  C  N N 242 
ILE CG2  C  N N 243 
ILE CD1  C  N N 244 
ILE OXT  O  N N 245 
ILE H    H  N N 246 
ILE H2   H  N N 247 
ILE HA   H  N N 248 
ILE HB   H  N N 249 
ILE HG12 H  N N 250 
ILE HG13 H  N N 251 
ILE HG21 H  N N 252 
ILE HG22 H  N N 253 
ILE HG23 H  N N 254 
ILE HD11 H  N N 255 
ILE HD12 H  N N 256 
ILE HD13 H  N N 257 
ILE HXT  H  N N 258 
LEU N    N  N N 259 
LEU CA   C  N S 260 
LEU C    C  N N 261 
LEU O    O  N N 262 
LEU CB   C  N N 263 
LEU CG   C  N N 264 
LEU CD1  C  N N 265 
LEU CD2  C  N N 266 
LEU OXT  O  N N 267 
LEU H    H  N N 268 
LEU H2   H  N N 269 
LEU HA   H  N N 270 
LEU HB2  H  N N 271 
LEU HB3  H  N N 272 
LEU HG   H  N N 273 
LEU HD11 H  N N 274 
LEU HD12 H  N N 275 
LEU HD13 H  N N 276 
LEU HD21 H  N N 277 
LEU HD22 H  N N 278 
LEU HD23 H  N N 279 
LEU HXT  H  N N 280 
LYS N    N  N N 281 
LYS CA   C  N S 282 
LYS C    C  N N 283 
LYS O    O  N N 284 
LYS CB   C  N N 285 
LYS CG   C  N N 286 
LYS CD   C  N N 287 
LYS CE   C  N N 288 
LYS NZ   N  N N 289 
LYS OXT  O  N N 290 
LYS H    H  N N 291 
LYS H2   H  N N 292 
LYS HA   H  N N 293 
LYS HB2  H  N N 294 
LYS HB3  H  N N 295 
LYS HG2  H  N N 296 
LYS HG3  H  N N 297 
LYS HD2  H  N N 298 
LYS HD3  H  N N 299 
LYS HE2  H  N N 300 
LYS HE3  H  N N 301 
LYS HZ1  H  N N 302 
LYS HZ2  H  N N 303 
LYS HZ3  H  N N 304 
LYS HXT  H  N N 305 
MET N    N  N N 306 
MET CA   C  N S 307 
MET C    C  N N 308 
MET O    O  N N 309 
MET CB   C  N N 310 
MET CG   C  N N 311 
MET SD   S  N N 312 
MET CE   C  N N 313 
MET OXT  O  N N 314 
MET H    H  N N 315 
MET H2   H  N N 316 
MET HA   H  N N 317 
MET HB2  H  N N 318 
MET HB3  H  N N 319 
MET HG2  H  N N 320 
MET HG3  H  N N 321 
MET HE1  H  N N 322 
MET HE2  H  N N 323 
MET HE3  H  N N 324 
MET HXT  H  N N 325 
PHE N    N  N N 326 
PHE CA   C  N S 327 
PHE C    C  N N 328 
PHE O    O  N N 329 
PHE CB   C  N N 330 
PHE CG   C  Y N 331 
PHE CD1  C  Y N 332 
PHE CD2  C  Y N 333 
PHE CE1  C  Y N 334 
PHE CE2  C  Y N 335 
PHE CZ   C  Y N 336 
PHE OXT  O  N N 337 
PHE H    H  N N 338 
PHE H2   H  N N 339 
PHE HA   H  N N 340 
PHE HB2  H  N N 341 
PHE HB3  H  N N 342 
PHE HD1  H  N N 343 
PHE HD2  H  N N 344 
PHE HE1  H  N N 345 
PHE HE2  H  N N 346 
PHE HZ   H  N N 347 
PHE HXT  H  N N 348 
PRO N    N  N N 349 
PRO CA   C  N S 350 
PRO C    C  N N 351 
PRO O    O  N N 352 
PRO CB   C  N N 353 
PRO CG   C  N N 354 
PRO CD   C  N N 355 
PRO OXT  O  N N 356 
PRO H    H  N N 357 
PRO HA   H  N N 358 
PRO HB2  H  N N 359 
PRO HB3  H  N N 360 
PRO HG2  H  N N 361 
PRO HG3  H  N N 362 
PRO HD2  H  N N 363 
PRO HD3  H  N N 364 
PRO HXT  H  N N 365 
SER N    N  N N 366 
SER CA   C  N S 367 
SER C    C  N N 368 
SER O    O  N N 369 
SER CB   C  N N 370 
SER OG   O  N N 371 
SER OXT  O  N N 372 
SER H    H  N N 373 
SER H2   H  N N 374 
SER HA   H  N N 375 
SER HB2  H  N N 376 
SER HB3  H  N N 377 
SER HG   H  N N 378 
SER HXT  H  N N 379 
THR N    N  N N 380 
THR CA   C  N S 381 
THR C    C  N N 382 
THR O    O  N N 383 
THR CB   C  N R 384 
THR OG1  O  N N 385 
THR CG2  C  N N 386 
THR OXT  O  N N 387 
THR H    H  N N 388 
THR H2   H  N N 389 
THR HA   H  N N 390 
THR HB   H  N N 391 
THR HG1  H  N N 392 
THR HG21 H  N N 393 
THR HG22 H  N N 394 
THR HG23 H  N N 395 
THR HXT  H  N N 396 
TRP N    N  N N 397 
TRP CA   C  N S 398 
TRP C    C  N N 399 
TRP O    O  N N 400 
TRP CB   C  N N 401 
TRP CG   C  Y N 402 
TRP CD1  C  Y N 403 
TRP CD2  C  Y N 404 
TRP NE1  N  Y N 405 
TRP CE2  C  Y N 406 
TRP CE3  C  Y N 407 
TRP CZ2  C  Y N 408 
TRP CZ3  C  Y N 409 
TRP CH2  C  Y N 410 
TRP OXT  O  N N 411 
TRP H    H  N N 412 
TRP H2   H  N N 413 
TRP HA   H  N N 414 
TRP HB2  H  N N 415 
TRP HB3  H  N N 416 
TRP HD1  H  N N 417 
TRP HE1  H  N N 418 
TRP HE3  H  N N 419 
TRP HZ2  H  N N 420 
TRP HZ3  H  N N 421 
TRP HH2  H  N N 422 
TRP HXT  H  N N 423 
TYR N    N  N N 424 
TYR CA   C  N S 425 
TYR C    C  N N 426 
TYR O    O  N N 427 
TYR CB   C  N N 428 
TYR CG   C  Y N 429 
TYR CD1  C  Y N 430 
TYR CD2  C  Y N 431 
TYR CE1  C  Y N 432 
TYR CE2  C  Y N 433 
TYR CZ   C  Y N 434 
TYR OH   O  N N 435 
TYR OXT  O  N N 436 
TYR H    H  N N 437 
TYR H2   H  N N 438 
TYR HA   H  N N 439 
TYR HB2  H  N N 440 
TYR HB3  H  N N 441 
TYR HD1  H  N N 442 
TYR HD2  H  N N 443 
TYR HE1  H  N N 444 
TYR HE2  H  N N 445 
TYR HH   H  N N 446 
TYR HXT  H  N N 447 
VAL N    N  N N 448 
VAL CA   C  N S 449 
VAL C    C  N N 450 
VAL O    O  N N 451 
VAL CB   C  N N 452 
VAL CG1  C  N N 453 
VAL CG2  C  N N 454 
VAL OXT  O  N N 455 
VAL H    H  N N 456 
VAL H2   H  N N 457 
VAL HA   H  N N 458 
VAL HB   H  N N 459 
VAL HG11 H  N N 460 
VAL HG12 H  N N 461 
VAL HG13 H  N N 462 
VAL HG21 H  N N 463 
VAL HG22 H  N N 464 
VAL HG23 H  N N 465 
VAL HXT  H  N N 466 
# 
loop_
_chem_comp_bond.comp_id 
_chem_comp_bond.atom_id_1 
_chem_comp_bond.atom_id_2 
_chem_comp_bond.value_order 
_chem_comp_bond.pdbx_aromatic_flag 
_chem_comp_bond.pdbx_stereo_config 
_chem_comp_bond.pdbx_ordinal 
ALA N   CA   sing N N 1   
ALA N   H    sing N N 2   
ALA N   H2   sing N N 3   
ALA CA  C    sing N N 4   
ALA CA  CB   sing N N 5   
ALA CA  HA   sing N N 6   
ALA C   O    doub N N 7   
ALA C   OXT  sing N N 8   
ALA CB  HB1  sing N N 9   
ALA CB  HB2  sing N N 10  
ALA CB  HB3  sing N N 11  
ALA OXT HXT  sing N N 12  
ARG N   CA   sing N N 13  
ARG N   H    sing N N 14  
ARG N   H2   sing N N 15  
ARG CA  C    sing N N 16  
ARG CA  CB   sing N N 17  
ARG CA  HA   sing N N 18  
ARG C   O    doub N N 19  
ARG C   OXT  sing N N 20  
ARG CB  CG   sing N N 21  
ARG CB  HB2  sing N N 22  
ARG CB  HB3  sing N N 23  
ARG CG  CD   sing N N 24  
ARG CG  HG2  sing N N 25  
ARG CG  HG3  sing N N 26  
ARG CD  NE   sing N N 27  
ARG CD  HD2  sing N N 28  
ARG CD  HD3  sing N N 29  
ARG NE  CZ   sing N N 30  
ARG NE  HE   sing N N 31  
ARG CZ  NH1  sing N N 32  
ARG CZ  NH2  doub N N 33  
ARG NH1 HH11 sing N N 34  
ARG NH1 HH12 sing N N 35  
ARG NH2 HH21 sing N N 36  
ARG NH2 HH22 sing N N 37  
ARG OXT HXT  sing N N 38  
ASN N   CA   sing N N 39  
ASN N   H    sing N N 40  
ASN N   H2   sing N N 41  
ASN CA  C    sing N N 42  
ASN CA  CB   sing N N 43  
ASN CA  HA   sing N N 44  
ASN C   O    doub N N 45  
ASN C   OXT  sing N N 46  
ASN CB  CG   sing N N 47  
ASN CB  HB2  sing N N 48  
ASN CB  HB3  sing N N 49  
ASN CG  OD1  doub N N 50  
ASN CG  ND2  sing N N 51  
ASN ND2 HD21 sing N N 52  
ASN ND2 HD22 sing N N 53  
ASN OXT HXT  sing N N 54  
ASP N   CA   sing N N 55  
ASP N   H    sing N N 56  
ASP N   H2   sing N N 57  
ASP CA  C    sing N N 58  
ASP CA  CB   sing N N 59  
ASP CA  HA   sing N N 60  
ASP C   O    doub N N 61  
ASP C   OXT  sing N N 62  
ASP CB  CG   sing N N 63  
ASP CB  HB2  sing N N 64  
ASP CB  HB3  sing N N 65  
ASP CG  OD1  doub N N 66  
ASP CG  OD2  sing N N 67  
ASP OD2 HD2  sing N N 68  
ASP OXT HXT  sing N N 69  
CYS N   CA   sing N N 70  
CYS N   H    sing N N 71  
CYS N   H2   sing N N 72  
CYS CA  C    sing N N 73  
CYS CA  CB   sing N N 74  
CYS CA  HA   sing N N 75  
CYS C   O    doub N N 76  
CYS C   OXT  sing N N 77  
CYS CB  SG   sing N N 78  
CYS CB  HB2  sing N N 79  
CYS CB  HB3  sing N N 80  
CYS SG  HG   sing N N 81  
CYS OXT HXT  sing N N 82  
GLN N   CA   sing N N 83  
GLN N   H    sing N N 84  
GLN N   H2   sing N N 85  
GLN CA  C    sing N N 86  
GLN CA  CB   sing N N 87  
GLN CA  HA   sing N N 88  
GLN C   O    doub N N 89  
GLN C   OXT  sing N N 90  
GLN CB  CG   sing N N 91  
GLN CB  HB2  sing N N 92  
GLN CB  HB3  sing N N 93  
GLN CG  CD   sing N N 94  
GLN CG  HG2  sing N N 95  
GLN CG  HG3  sing N N 96  
GLN CD  OE1  doub N N 97  
GLN CD  NE2  sing N N 98  
GLN NE2 HE21 sing N N 99  
GLN NE2 HE22 sing N N 100 
GLN OXT HXT  sing N N 101 
GLU N   CA   sing N N 102 
GLU N   H    sing N N 103 
GLU N   H2   sing N N 104 
GLU CA  C    sing N N 105 
GLU CA  CB   sing N N 106 
GLU CA  HA   sing N N 107 
GLU C   O    doub N N 108 
GLU C   OXT  sing N N 109 
GLU CB  CG   sing N N 110 
GLU CB  HB2  sing N N 111 
GLU CB  HB3  sing N N 112 
GLU CG  CD   sing N N 113 
GLU CG  HG2  sing N N 114 
GLU CG  HG3  sing N N 115 
GLU CD  OE1  doub N N 116 
GLU CD  OE2  sing N N 117 
GLU OE2 HE2  sing N N 118 
GLU OXT HXT  sing N N 119 
GLY N   CA   sing N N 120 
GLY N   H    sing N N 121 
GLY N   H2   sing N N 122 
GLY CA  C    sing N N 123 
GLY CA  HA2  sing N N 124 
GLY CA  HA3  sing N N 125 
GLY C   O    doub N N 126 
GLY C   OXT  sing N N 127 
GLY OXT HXT  sing N N 128 
HEM CHA C1A  sing N N 129 
HEM CHA C4D  doub N N 130 
HEM CHA HHA  sing N N 131 
HEM CHB C4A  sing N N 132 
HEM CHB C1B  doub N N 133 
HEM CHB HHB  sing N N 134 
HEM CHC C4B  sing N N 135 
HEM CHC C1C  doub N N 136 
HEM CHC HHC  sing N N 137 
HEM CHD C4C  doub N N 138 
HEM CHD C1D  sing N N 139 
HEM CHD HHD  sing N N 140 
HEM C1A C2A  doub Y N 141 
HEM C1A NA   sing Y N 142 
HEM C2A C3A  sing Y N 143 
HEM C2A CAA  sing N N 144 
HEM C3A C4A  doub Y N 145 
HEM C3A CMA  sing N N 146 
HEM C4A NA   sing Y N 147 
HEM CMA HMA  sing N N 148 
HEM CMA HMAA sing N N 149 
HEM CMA HMAB sing N N 150 
HEM CAA CBA  sing N N 151 
HEM CAA HAA  sing N N 152 
HEM CAA HAAA sing N N 153 
HEM CBA CGA  sing N N 154 
HEM CBA HBA  sing N N 155 
HEM CBA HBAA sing N N 156 
HEM CGA O1A  doub N N 157 
HEM CGA O2A  sing N N 158 
HEM C1B C2B  sing N N 159 
HEM C1B NB   sing N N 160 
HEM C2B C3B  doub N N 161 
HEM C2B CMB  sing N N 162 
HEM C3B C4B  sing N N 163 
HEM C3B CAB  sing N N 164 
HEM C4B NB   doub N N 165 
HEM CMB HMB  sing N N 166 
HEM CMB HMBA sing N N 167 
HEM CMB HMBB sing N N 168 
HEM CAB CBB  doub N N 169 
HEM CAB HAB  sing N N 170 
HEM CBB HBB  sing N N 171 
HEM CBB HBBA sing N N 172 
HEM C1C C2C  sing Y N 173 
HEM C1C NC   sing Y N 174 
HEM C2C C3C  doub Y N 175 
HEM C2C CMC  sing N N 176 
HEM C3C C4C  sing Y N 177 
HEM C3C CAC  sing N N 178 
HEM C4C NC   sing Y N 179 
HEM CMC HMC  sing N N 180 
HEM CMC HMCA sing N N 181 
HEM CMC HMCB sing N N 182 
HEM CAC CBC  doub N N 183 
HEM CAC HAC  sing N N 184 
HEM CBC HBC  sing N N 185 
HEM CBC HBCA sing N N 186 
HEM C1D C2D  sing N N 187 
HEM C1D ND   doub N N 188 
HEM C2D C3D  doub N N 189 
HEM C2D CMD  sing N N 190 
HEM C3D C4D  sing N N 191 
HEM C3D CAD  sing N N 192 
HEM C4D ND   sing N N 193 
HEM CMD HMD  sing N N 194 
HEM CMD HMDA sing N N 195 
HEM CMD HMDB sing N N 196 
HEM CAD CBD  sing N N 197 
HEM CAD HAD  sing N N 198 
HEM CAD HADA sing N N 199 
HEM CBD CGD  sing N N 200 
HEM CBD HBD  sing N N 201 
HEM CBD HBDA sing N N 202 
HEM CGD O1D  doub N N 203 
HEM CGD O2D  sing N N 204 
HEM O2A H2A  sing N N 205 
HEM O2D H2D  sing N N 206 
HEM FE  NA   sing N N 207 
HEM FE  NB   sing N N 208 
HEM FE  NC   sing N N 209 
HEM FE  ND   sing N N 210 
HIS N   CA   sing N N 211 
HIS N   H    sing N N 212 
HIS N   H2   sing N N 213 
HIS CA  C    sing N N 214 
HIS CA  CB   sing N N 215 
HIS CA  HA   sing N N 216 
HIS C   O    doub N N 217 
HIS C   OXT  sing N N 218 
HIS CB  CG   sing N N 219 
HIS CB  HB2  sing N N 220 
HIS CB  HB3  sing N N 221 
HIS CG  ND1  sing Y N 222 
HIS CG  CD2  doub Y N 223 
HIS ND1 CE1  doub Y N 224 
HIS ND1 HD1  sing N N 225 
HIS CD2 NE2  sing Y N 226 
HIS CD2 HD2  sing N N 227 
HIS CE1 NE2  sing Y N 228 
HIS CE1 HE1  sing N N 229 
HIS NE2 HE2  sing N N 230 
HIS OXT HXT  sing N N 231 
HOH O   H1   sing N N 232 
HOH O   H2   sing N N 233 
ILE N   CA   sing N N 234 
ILE N   H    sing N N 235 
ILE N   H2   sing N N 236 
ILE CA  C    sing N N 237 
ILE CA  CB   sing N N 238 
ILE CA  HA   sing N N 239 
ILE C   O    doub N N 240 
ILE C   OXT  sing N N 241 
ILE CB  CG1  sing N N 242 
ILE CB  CG2  sing N N 243 
ILE CB  HB   sing N N 244 
ILE CG1 CD1  sing N N 245 
ILE CG1 HG12 sing N N 246 
ILE CG1 HG13 sing N N 247 
ILE CG2 HG21 sing N N 248 
ILE CG2 HG22 sing N N 249 
ILE CG2 HG23 sing N N 250 
ILE CD1 HD11 sing N N 251 
ILE CD1 HD12 sing N N 252 
ILE CD1 HD13 sing N N 253 
ILE OXT HXT  sing N N 254 
LEU N   CA   sing N N 255 
LEU N   H    sing N N 256 
LEU N   H2   sing N N 257 
LEU CA  C    sing N N 258 
LEU CA  CB   sing N N 259 
LEU CA  HA   sing N N 260 
LEU C   O    doub N N 261 
LEU C   OXT  sing N N 262 
LEU CB  CG   sing N N 263 
LEU CB  HB2  sing N N 264 
LEU CB  HB3  sing N N 265 
LEU CG  CD1  sing N N 266 
LEU CG  CD2  sing N N 267 
LEU CG  HG   sing N N 268 
LEU CD1 HD11 sing N N 269 
LEU CD1 HD12 sing N N 270 
LEU CD1 HD13 sing N N 271 
LEU CD2 HD21 sing N N 272 
LEU CD2 HD22 sing N N 273 
LEU CD2 HD23 sing N N 274 
LEU OXT HXT  sing N N 275 
LYS N   CA   sing N N 276 
LYS N   H    sing N N 277 
LYS N   H2   sing N N 278 
LYS CA  C    sing N N 279 
LYS CA  CB   sing N N 280 
LYS CA  HA   sing N N 281 
LYS C   O    doub N N 282 
LYS C   OXT  sing N N 283 
LYS CB  CG   sing N N 284 
LYS CB  HB2  sing N N 285 
LYS CB  HB3  sing N N 286 
LYS CG  CD   sing N N 287 
LYS CG  HG2  sing N N 288 
LYS CG  HG3  sing N N 289 
LYS CD  CE   sing N N 290 
LYS CD  HD2  sing N N 291 
LYS CD  HD3  sing N N 292 
LYS CE  NZ   sing N N 293 
LYS CE  HE2  sing N N 294 
LYS CE  HE3  sing N N 295 
LYS NZ  HZ1  sing N N 296 
LYS NZ  HZ2  sing N N 297 
LYS NZ  HZ3  sing N N 298 
LYS OXT HXT  sing N N 299 
MET N   CA   sing N N 300 
MET N   H    sing N N 301 
MET N   H2   sing N N 302 
MET CA  C    sing N N 303 
MET CA  CB   sing N N 304 
MET CA  HA   sing N N 305 
MET C   O    doub N N 306 
MET C   OXT  sing N N 307 
MET CB  CG   sing N N 308 
MET CB  HB2  sing N N 309 
MET CB  HB3  sing N N 310 
MET CG  SD   sing N N 311 
MET CG  HG2  sing N N 312 
MET CG  HG3  sing N N 313 
MET SD  CE   sing N N 314 
MET CE  HE1  sing N N 315 
MET CE  HE2  sing N N 316 
MET CE  HE3  sing N N 317 
MET OXT HXT  sing N N 318 
PHE N   CA   sing N N 319 
PHE N   H    sing N N 320 
PHE N   H2   sing N N 321 
PHE CA  C    sing N N 322 
PHE CA  CB   sing N N 323 
PHE CA  HA   sing N N 324 
PHE C   O    doub N N 325 
PHE C   OXT  sing N N 326 
PHE CB  CG   sing N N 327 
PHE CB  HB2  sing N N 328 
PHE CB  HB3  sing N N 329 
PHE CG  CD1  doub Y N 330 
PHE CG  CD2  sing Y N 331 
PHE CD1 CE1  sing Y N 332 
PHE CD1 HD1  sing N N 333 
PHE CD2 CE2  doub Y N 334 
PHE CD2 HD2  sing N N 335 
PHE CE1 CZ   doub Y N 336 
PHE CE1 HE1  sing N N 337 
PHE CE2 CZ   sing Y N 338 
PHE CE2 HE2  sing N N 339 
PHE CZ  HZ   sing N N 340 
PHE OXT HXT  sing N N 341 
PRO N   CA   sing N N 342 
PRO N   CD   sing N N 343 
PRO N   H    sing N N 344 
PRO CA  C    sing N N 345 
PRO CA  CB   sing N N 346 
PRO CA  HA   sing N N 347 
PRO C   O    doub N N 348 
PRO C   OXT  sing N N 349 
PRO CB  CG   sing N N 350 
PRO CB  HB2  sing N N 351 
PRO CB  HB3  sing N N 352 
PRO CG  CD   sing N N 353 
PRO CG  HG2  sing N N 354 
PRO CG  HG3  sing N N 355 
PRO CD  HD2  sing N N 356 
PRO CD  HD3  sing N N 357 
PRO OXT HXT  sing N N 358 
SER N   CA   sing N N 359 
SER N   H    sing N N 360 
SER N   H2   sing N N 361 
SER CA  C    sing N N 362 
SER CA  CB   sing N N 363 
SER CA  HA   sing N N 364 
SER C   O    doub N N 365 
SER C   OXT  sing N N 366 
SER CB  OG   sing N N 367 
SER CB  HB2  sing N N 368 
SER CB  HB3  sing N N 369 
SER OG  HG   sing N N 370 
SER OXT HXT  sing N N 371 
THR N   CA   sing N N 372 
THR N   H    sing N N 373 
THR N   H2   sing N N 374 
THR CA  C    sing N N 375 
THR CA  CB   sing N N 376 
THR CA  HA   sing N N 377 
THR C   O    doub N N 378 
THR C   OXT  sing N N 379 
THR CB  OG1  sing N N 380 
THR CB  CG2  sing N N 381 
THR CB  HB   sing N N 382 
THR OG1 HG1  sing N N 383 
THR CG2 HG21 sing N N 384 
THR CG2 HG22 sing N N 385 
THR CG2 HG23 sing N N 386 
THR OXT HXT  sing N N 387 
TRP N   CA   sing N N 388 
TRP N   H    sing N N 389 
TRP N   H2   sing N N 390 
TRP CA  C    sing N N 391 
TRP CA  CB   sing N N 392 
TRP CA  HA   sing N N 393 
TRP C   O    doub N N 394 
TRP C   OXT  sing N N 395 
TRP CB  CG   sing N N 396 
TRP CB  HB2  sing N N 397 
TRP CB  HB3  sing N N 398 
TRP CG  CD1  doub Y N 399 
TRP CG  CD2  sing Y N 400 
TRP CD1 NE1  sing Y N 401 
TRP CD1 HD1  sing N N 402 
TRP CD2 CE2  doub Y N 403 
TRP CD2 CE3  sing Y N 404 
TRP NE1 CE2  sing Y N 405 
TRP NE1 HE1  sing N N 406 
TRP CE2 CZ2  sing Y N 407 
TRP CE3 CZ3  doub Y N 408 
TRP CE3 HE3  sing N N 409 
TRP CZ2 CH2  doub Y N 410 
TRP CZ2 HZ2  sing N N 411 
TRP CZ3 CH2  sing Y N 412 
TRP CZ3 HZ3  sing N N 413 
TRP CH2 HH2  sing N N 414 
TRP OXT HXT  sing N N 415 
TYR N   CA   sing N N 416 
TYR N   H    sing N N 417 
TYR N   H2   sing N N 418 
TYR CA  C    sing N N 419 
TYR CA  CB   sing N N 420 
TYR CA  HA   sing N N 421 
TYR C   O    doub N N 422 
TYR C   OXT  sing N N 423 
TYR CB  CG   sing N N 424 
TYR CB  HB2  sing N N 425 
TYR CB  HB3  sing N N 426 
TYR CG  CD1  doub Y N 427 
TYR CG  CD2  sing Y N 428 
TYR CD1 CE1  sing Y N 429 
TYR CD1 HD1  sing N N 430 
TYR CD2 CE2  doub Y N 431 
TYR CD2 HD2  sing N N 432 
TYR CE1 CZ   doub Y N 433 
TYR CE1 HE1  sing N N 434 
TYR CE2 CZ   sing Y N 435 
TYR CE2 HE2  sing N N 436 
TYR CZ  OH   sing N N 437 
TYR OH  HH   sing N N 438 
TYR OXT HXT  sing N N 439 
VAL N   CA   sing N N 440 
VAL N   H    sing N N 441 
VAL N   H2   sing N N 442 
VAL CA  C    sing N N 443 
VAL CA  CB   sing N N 444 
VAL CA  HA   sing N N 445 
VAL C   O    doub N N 446 
VAL C   OXT  sing N N 447 
VAL CB  CG1  sing N N 448 
VAL CB  CG2  sing N N 449 
VAL CB  HB   sing N N 450 
VAL CG1 HG11 sing N N 451 
VAL CG1 HG12 sing N N 452 
VAL CG1 HG13 sing N N 453 
VAL CG2 HG21 sing N N 454 
VAL CG2 HG22 sing N N 455 
VAL CG2 HG23 sing N N 456 
VAL OXT HXT  sing N N 457 
# 
_pdbx_initial_refinement_model.id               1 
_pdbx_initial_refinement_model.entity_id_list   ? 
_pdbx_initial_refinement_model.type             'experimental model' 
_pdbx_initial_refinement_model.source_name      PDB 
_pdbx_initial_refinement_model.accession_code   1CYJ 
_pdbx_initial_refinement_model.details          'PDB ENTRY 1CYJ' 
# 
_atom_sites.entry_id                    1C6R 
_atom_sites.fract_transf_matrix[1][1]   -0.01792917 
_atom_sites.fract_transf_matrix[1][2]   -0.00504510 
_atom_sites.fract_transf_matrix[1][3]   -0.02106852 
_atom_sites.fract_transf_matrix[2][1]   -0.00091177 
_atom_sites.fract_transf_matrix[2][2]   -0.01985500 
_atom_sites.fract_transf_matrix[2][3]   0.00553043 
_atom_sites.fract_transf_matrix[3][1]   -0.01751213 
_atom_sites.fract_transf_matrix[3][2]   0.00464535 
_atom_sites.fract_transf_matrix[3][3]   0.01379033 
_atom_sites.fract_transf_vector[1]      0.226760 
_atom_sites.fract_transf_vector[2]      0.233775 
_atom_sites.fract_transf_vector[3]      0.248572 
# 
loop_
_atom_type.symbol 
C  
CD 
FE 
N  
O  
S  
# 
loop_
_atom_site.group_PDB 
_atom_site.id 
_atom_site.type_symbol 
_atom_site.label_atom_id 
_atom_site.label_alt_id 
_atom_site.label_comp_id 
_atom_site.label_asym_id 
_atom_site.label_entity_id 
_atom_site.label_seq_id 
_atom_site.pdbx_PDB_ins_code 
_atom_site.Cartn_x 
_atom_site.Cartn_y 
_atom_site.Cartn_z 
_atom_site.occupancy 
_atom_site.B_iso_or_equiv 
_atom_site.pdbx_formal_charge 
_atom_site.auth_seq_id 
_atom_site.auth_comp_id 
_atom_site.auth_asym_id 
_atom_site.auth_atom_id 
_atom_site.pdbx_PDB_model_num 
ATOM   1   N  N   . ALA A 1 2  ? -10.594 8.314   7.814   1.00 12.32 ? 2   ALA A N   1 
ATOM   2   C  CA  . ALA A 1 2  ? -9.112  8.181   7.652   1.00 10.83 ? 2   ALA A CA  1 
ATOM   3   C  C   . ALA A 1 2  ? -8.486  9.512   7.254   1.00 10.68 ? 2   ALA A C   1 
ATOM   4   O  O   . ALA A 1 2  ? -9.107  10.313  6.559   1.00 10.83 ? 2   ALA A O   1 
ATOM   5   C  CB  . ALA A 1 2  ? -8.774  7.120   6.617   1.00 10.97 ? 2   ALA A CB  1 
ATOM   6   N  N   . ASP A 1 3  ? -7.257  9.726   7.711   1.00 9.64  ? 3   ASP A N   1 
ATOM   7   C  CA  . ASP A 1 3  ? -6.479  10.929  7.429   1.00 8.82  ? 3   ASP A CA  1 
ATOM   8   C  C   . ASP A 1 3  ? -5.760  10.652  6.098   1.00 8.19  ? 3   ASP A C   1 
ATOM   9   O  O   . ASP A 1 3  ? -4.603  10.220  6.059   1.00 7.00  ? 3   ASP A O   1 
ATOM   10  C  CB  . ASP A 1 3  ? -5.483  11.195  8.595   1.00 8.68  ? 3   ASP A CB  1 
ATOM   11  C  CG  . ASP A 1 3  ? -4.837  12.584  8.533   1.00 8.83  ? 3   ASP A CG  1 
ATOM   12  O  OD1 . ASP A 1 3  ? -4.761  13.165  7.428   1.00 8.17  ? 3   ASP A OD1 1 
ATOM   13  O  OD2 . ASP A 1 3  ? -4.371  13.125  9.593   1.00 10.62 ? 3   ASP A OD2 1 
ATOM   14  N  N   . LEU A 1 4  ? -6.480  10.878  4.998   1.00 7.82  ? 4   LEU A N   1 
ATOM   15  C  CA  . LEU A 1 4  ? -5.941  10.647  3.664   1.00 7.29  ? 4   LEU A CA  1 
ATOM   16  C  C   . LEU A 1 4  ? -4.789  11.580  3.314   1.00 7.04  ? 4   LEU A C   1 
ATOM   17  O  O   . LEU A 1 4  ? -3.891  11.195  2.556   1.00 7.00  ? 4   LEU A O   1 
ATOM   18  C  CB  . LEU A 1 4  ? -7.047  10.720  2.595   1.00 8.83  ? 4   LEU A CB  1 
ATOM   19  C  CG  . LEU A 1 4  ? -8.098  9.597   2.633   1.00 8.83  ? 4   LEU A CG  1 
ATOM   20  C  CD1 . LEU A 1 4  ? -9.067  9.740   1.454   1.00 9.86  ? 4   LEU A CD1 1 
ATOM   21  C  CD2 . LEU A 1 4  ? -7.408  8.215   2.608   1.00 10.47 ? 4   LEU A CD2 1 
ATOM   22  N  N   . ALA A 1 5  ? -4.807  12.793  3.863   1.00 7.00  ? 5   ALA A N   1 
ATOM   23  C  CA  . ALA A 1 5  ? -3.735  13.774  3.620   1.00 7.00  ? 5   ALA A CA  1 
ATOM   24  C  C   . ALA A 1 5  ? -2.422  13.197  4.161   1.00 7.00  ? 5   ALA A C   1 
ATOM   25  O  O   . ALA A 1 5  ? -1.390  13.193  3.469   1.00 7.00  ? 5   ALA A O   1 
ATOM   26  C  CB  . ALA A 1 5  ? -4.063  15.096  4.300   1.00 7.01  ? 5   ALA A CB  1 
ATOM   27  N  N   . LEU A 1 6  ? -2.478  12.659  5.377   1.00 7.00  ? 6   LEU A N   1 
ATOM   28  C  CA  . LEU A 1 6  ? -1.296  12.048  5.990   1.00 7.00  ? 6   LEU A CA  1 
ATOM   29  C  C   . LEU A 1 6  ? -0.884  10.835  5.152   1.00 7.22  ? 6   LEU A C   1 
ATOM   30  O  O   . LEU A 1 6  ? 0.295   10.672  4.806   1.00 7.00  ? 6   LEU A O   1 
ATOM   31  C  CB  . LEU A 1 6  ? -1.585  11.624  7.439   1.00 7.64  ? 6   LEU A CB  1 
ATOM   32  C  CG  . LEU A 1 6  ? -0.483  10.885  8.217   1.00 7.53  ? 6   LEU A CG  1 
ATOM   33  C  CD1 . LEU A 1 6  ? 0.811   11.715  8.273   1.00 7.68  ? 6   LEU A CD1 1 
ATOM   34  C  CD2 . LEU A 1 6  ? -0.961  10.531  9.608   1.00 7.00  ? 6   LEU A CD2 1 
ATOM   35  N  N   . GLY A 1 7  ? -1.865  10.012  4.799   1.00 7.00  ? 7   GLY A N   1 
ATOM   36  C  CA  . GLY A 1 7  ? -1.597  8.830   3.994   1.00 7.50  ? 7   GLY A CA  1 
ATOM   37  C  C   . GLY A 1 7  ? -0.857  9.127   2.699   1.00 7.45  ? 7   GLY A C   1 
ATOM   38  O  O   . GLY A 1 7  ? 0.115   8.450   2.357   1.00 7.00  ? 7   GLY A O   1 
ATOM   39  N  N   . LYS A 1 8  ? -1.291  10.159  1.982   1.00 8.11  ? 8   LYS A N   1 
ATOM   40  C  CA  . LYS A 1 8  ? -0.631  10.520  0.731   1.00 8.25  ? 8   LYS A CA  1 
ATOM   41  C  C   . LYS A 1 8  ? 0.832   10.925  0.940   1.00 7.59  ? 8   LYS A C   1 
ATOM   42  O  O   . LYS A 1 8  ? 1.708   10.451  0.223   1.00 7.00  ? 8   LYS A O   1 
ATOM   43  C  CB  . LYS A 1 8  ? -1.377  11.639  -0.006  1.00 9.04  ? 8   LYS A CB  1 
ATOM   44  C  CG  . LYS A 1 8  ? -0.826  11.845  -1.428  1.00 10.25 ? 8   LYS A CG  1 
ATOM   45  C  CD  . LYS A 1 8  ? -1.598  12.865  -2.235  1.00 11.28 ? 8   LYS A CD  1 
ATOM   46  C  CE  . LYS A 1 8  ? -1.211  14.278  -1.858  1.00 13.54 ? 8   LYS A CE  1 
ATOM   47  N  NZ  . LYS A 1 8  ? -1.970  14.844  -0.704  1.00 14.83 ? 8   LYS A NZ  1 
ATOM   48  N  N   . GLN A 1 9  ? 1.108   11.794  1.912   1.00 7.00  ? 9   GLN A N   1 
ATOM   49  C  CA  . GLN A 1 9  ? 2.496   12.217  2.133   1.00 7.00  ? 9   GLN A CA  1 
ATOM   50  C  C   . GLN A 1 9  ? 3.358   11.067  2.647   1.00 7.00  ? 9   GLN A C   1 
ATOM   51  O  O   . GLN A 1 9  ? 4.543   10.962  2.290   1.00 7.00  ? 9   GLN A O   1 
ATOM   52  C  CB  . GLN A 1 9  ? 2.587   13.421  3.065   1.00 7.00  ? 9   GLN A CB  1 
ATOM   53  C  CG  . GLN A 1 9  ? 1.847   14.675  2.601   1.00 7.00  ? 9   GLN A CG  1 
ATOM   54  C  CD  . GLN A 1 9  ? 2.302   15.221  1.258   1.00 7.00  ? 9   GLN A CD  1 
ATOM   55  O  OE1 . GLN A 1 9  ? 1.480   15.706  0.474   1.00 9.07  ? 9   GLN A OE1 1 
ATOM   56  N  NE2 . GLN A 1 9  ? 3.601   15.167  0.985   1.00 7.99  ? 9   GLN A NE2 1 
ATOM   57  N  N   . THR A 1 10 ? 2.762   10.197  3.461   1.00 7.00  ? 10  THR A N   1 
ATOM   58  C  CA  . THR A 1 10 ? 3.470   9.020   3.973   1.00 7.00  ? 10  THR A CA  1 
ATOM   59  C  C   . THR A 1 10 ? 3.825   8.135   2.772   1.00 7.00  ? 10  THR A C   1 
ATOM   60  O  O   . THR A 1 10 ? 4.927   7.606   2.689   1.00 7.00  ? 10  THR A O   1 
ATOM   61  C  CB  . THR A 1 10 ? 2.599   8.230   4.995   1.00 7.00  ? 10  THR A CB  1 
ATOM   62  O  OG1 . THR A 1 10 ? 2.352   9.055   6.146   1.00 7.00  ? 10  THR A OG1 1 
ATOM   63  C  CG2 . THR A 1 10 ? 3.292   6.931   5.428   1.00 7.00  ? 10  THR A CG2 1 
ATOM   64  N  N   . PHE A 1 11 ? 2.903   8.038   1.815   1.00 7.00  ? 11  PHE A N   1 
ATOM   65  C  CA  . PHE A 1 11 ? 3.120   7.249   0.602   1.00 7.50  ? 11  PHE A CA  1 
ATOM   66  C  C   . PHE A 1 11 ? 4.271   7.799   -0.253  1.00 7.75  ? 11  PHE A C   1 
ATOM   67  O  O   . PHE A 1 11 ? 5.191   7.060   -0.612  1.00 7.00  ? 11  PHE A O   1 
ATOM   68  C  CB  . PHE A 1 11 ? 1.845   7.187   -0.244  1.00 7.00  ? 11  PHE A CB  1 
ATOM   69  C  CG  . PHE A 1 11 ? 1.947   6.238   -1.400  1.00 7.25  ? 11  PHE A CG  1 
ATOM   70  C  CD1 . PHE A 1 11 ? 1.651   4.889   -1.232  1.00 7.00  ? 11  PHE A CD1 1 
ATOM   71  C  CD2 . PHE A 1 11 ? 2.426   6.671   -2.634  1.00 7.00  ? 11  PHE A CD2 1 
ATOM   72  C  CE1 . PHE A 1 11 ? 1.842   3.976   -2.278  1.00 8.29  ? 11  PHE A CE1 1 
ATOM   73  C  CE2 . PHE A 1 11 ? 2.620   5.771   -3.685  1.00 8.38  ? 11  PHE A CE2 1 
ATOM   74  C  CZ  . PHE A 1 11 ? 2.329   4.417   -3.502  1.00 7.00  ? 11  PHE A CZ  1 
ATOM   75  N  N   . GLU A 1 12 ? 4.219   9.089   -0.575  1.00 7.48  ? 12  GLU A N   1 
ATOM   76  C  CA  . GLU A 1 12 ? 5.266   9.720   -1.394  1.00 9.32  ? 12  GLU A CA  1 
ATOM   77  C  C   . GLU A 1 12 ? 6.628   9.581   -0.729  1.00 8.76  ? 12  GLU A C   1 
ATOM   78  O  O   . GLU A 1 12 ? 7.621   9.331   -1.388  1.00 9.53  ? 12  GLU A O   1 
ATOM   79  C  CB  . GLU A 1 12 ? 5.002   11.213  -1.589  1.00 9.37  ? 12  GLU A CB  1 
ATOM   80  C  CG  . GLU A 1 12 ? 3.558   11.597  -1.813  1.00 13.98 ? 12  GLU A CG  1 
ATOM   81  C  CD  . GLU A 1 12 ? 3.225   11.837  -3.268  1.00 14.47 ? 12  GLU A CD  1 
ATOM   82  O  OE1 . GLU A 1 12 ? 3.441   10.922  -4.103  1.00 17.32 ? 12  GLU A OE1 1 
ATOM   83  O  OE2 . GLU A 1 12 ? 2.741   12.949  -3.577  1.00 16.73 ? 12  GLU A OE2 1 
ATOM   84  N  N   . ALA A 1 13 ? 6.658   9.770   0.583   1.00 8.05  ? 13  ALA A N   1 
ATOM   85  C  CA  . ALA A 1 13 ? 7.894   9.704   1.357   1.00 9.65  ? 13  ALA A CA  1 
ATOM   86  C  C   . ALA A 1 13 ? 8.492   8.313   1.514   1.00 8.16  ? 13  ALA A C   1 
ATOM   87  O  O   . ALA A 1 13 ? 9.711   8.144   1.491   1.00 8.71  ? 13  ALA A O   1 
ATOM   88  C  CB  . ALA A 1 13 ? 7.669   10.325  2.780   1.00 7.25  ? 13  ALA A CB  1 
ATOM   89  N  N   . ASN A 1 14 ? 7.632   7.314   1.649   1.00 8.56  ? 14  ASN A N   1 
ATOM   90  C  CA  . ASN A 1 14 ? 8.110   5.962   1.914   1.00 7.86  ? 14  ASN A CA  1 
ATOM   91  C  C   . ASN A 1 14 ? 7.935   4.877   0.871   1.00 7.64  ? 14  ASN A C   1 
ATOM   92  O  O   . ASN A 1 14 ? 8.770   3.982   0.783   1.00 7.27  ? 14  ASN A O   1 
ATOM   93  C  CB  . ASN A 1 14 ? 7.484   5.472   3.239   1.00 7.66  ? 14  ASN A CB  1 
ATOM   94  C  CG  . ASN A 1 14 ? 7.777   6.408   4.420   1.00 8.28  ? 14  ASN A CG  1 
ATOM   95  O  OD1 . ASN A 1 14 ? 6.952   7.247   4.799   1.00 7.00  ? 14  ASN A OD1 1 
ATOM   96  N  ND2 . ASN A 1 14 ? 8.957   6.269   4.995   1.00 7.00  ? 14  ASN A ND2 1 
ATOM   97  N  N   . CYS A 1 15 ? 6.884   4.973   0.059   1.00 7.94  ? 15  CYS A N   1 
ATOM   98  C  CA  . CYS A 1 15 ? 6.562   3.930   -0.911  1.00 8.04  ? 15  CYS A CA  1 
ATOM   99  C  C   . CYS A 1 15 ? 6.751   4.215   -2.405  1.00 8.42  ? 15  CYS A C   1 
ATOM   100 O  O   . CYS A 1 15 ? 6.747   3.280   -3.226  1.00 8.90  ? 15  CYS A O   1 
ATOM   101 C  CB  . CYS A 1 15 ? 5.105   3.529   -0.686  1.00 8.25  ? 15  CYS A CB  1 
ATOM   102 S  SG  . CYS A 1 15 ? 4.565   3.727   1.035   1.00 7.00  ? 15  CYS A SG  1 
ATOM   103 N  N   . ALA A 1 16 ? 6.935   5.481   -2.754  1.00 8.00  ? 16  ALA A N   1 
ATOM   104 C  CA  . ALA A 1 16 ? 7.046   5.900   -4.142  1.00 8.52  ? 16  ALA A CA  1 
ATOM   105 C  C   . ALA A 1 16 ? 8.185   5.364   -4.993  1.00 8.14  ? 16  ALA A C   1 
ATOM   106 O  O   . ALA A 1 16 ? 8.031   5.254   -6.207  1.00 9.42  ? 16  ALA A O   1 
ATOM   107 C  CB  . ALA A 1 16 ? 6.976   7.407   -4.233  1.00 7.86  ? 16  ALA A CB  1 
ATOM   108 N  N   . ALA A 1 17 ? 9.304   4.986   -4.389  1.00 9.10  ? 17  ALA A N   1 
ATOM   109 C  CA  . ALA A 1 17 ? 10.436  4.459   -5.170  1.00 9.19  ? 17  ALA A CA  1 
ATOM   110 C  C   . ALA A 1 17 ? 10.097  3.103   -5.792  1.00 9.37  ? 17  ALA A C   1 
ATOM   111 O  O   . ALA A 1 17 ? 10.574  2.755   -6.885  1.00 9.71  ? 17  ALA A O   1 
ATOM   112 C  CB  . ALA A 1 17 ? 11.692  4.347   -4.296  1.00 10.11 ? 17  ALA A CB  1 
ATOM   113 N  N   . CYS A 1 18 ? 9.257   2.347   -5.099  1.00 7.79  ? 18  CYS A N   1 
ATOM   114 C  CA  . CYS A 1 18 ? 8.856   1.041   -5.581  1.00 8.27  ? 18  CYS A CA  1 
ATOM   115 C  C   . CYS A 1 18 ? 7.451   0.993   -6.170  1.00 7.27  ? 18  CYS A C   1 
ATOM   116 O  O   . CYS A 1 18 ? 7.140   0.102   -6.966  1.00 7.81  ? 18  CYS A O   1 
ATOM   117 C  CB  . CYS A 1 18 ? 8.983   0.022   -4.454  1.00 8.10  ? 18  CYS A CB  1 
ATOM   118 S  SG  . CYS A 1 18 ? 10.678  -0.182  -3.877  1.00 9.01  ? 18  CYS A SG  1 
ATOM   119 N  N   . HIS A 1 19 ? 6.609   1.951   -5.793  1.00 7.00  ? 19  HIS A N   1 
ATOM   120 C  CA  . HIS A 1 19 ? 5.240   1.984   -6.276  1.00 7.00  ? 19  HIS A CA  1 
ATOM   121 C  C   . HIS A 1 19 ? 4.793   3.314   -6.883  1.00 7.13  ? 19  HIS A C   1 
ATOM   122 O  O   . HIS A 1 19 ? 3.625   3.697   -6.768  1.00 8.06  ? 19  HIS A O   1 
ATOM   123 C  CB  . HIS A 1 19 ? 4.289   1.606   -5.137  1.00 7.03  ? 19  HIS A CB  1 
ATOM   124 C  CG  . HIS A 1 19 ? 4.534   0.246   -4.556  1.00 7.09  ? 19  HIS A CG  1 
ATOM   125 N  ND1 . HIS A 1 19 ? 4.308   -0.914  -5.263  1.00 7.26  ? 19  HIS A ND1 1 
ATOM   126 C  CD2 . HIS A 1 19 ? 4.931   -0.138  -3.319  1.00 7.00  ? 19  HIS A CD2 1 
ATOM   127 C  CE1 . HIS A 1 19 ? 4.546   -1.957  -4.487  1.00 7.41  ? 19  HIS A CE1 1 
ATOM   128 N  NE2 . HIS A 1 19 ? 4.927   -1.513  -3.302  1.00 7.00  ? 19  HIS A NE2 1 
ATOM   129 N  N   . ALA A 1 20 ? 5.697   4.026   -7.541  1.00 8.15  ? 20  ALA A N   1 
ATOM   130 C  CA  . ALA A 1 20 ? 5.322   5.292   -8.159  1.00 7.81  ? 20  ALA A CA  1 
ATOM   131 C  C   . ALA A 1 20 ? 4.210   5.021   -9.186  1.00 8.59  ? 20  ALA A C   1 
ATOM   132 O  O   . ALA A 1 20 ? 4.258   4.027   -9.926  1.00 8.36  ? 20  ALA A O   1 
ATOM   133 C  CB  . ALA A 1 20 ? 6.520   5.901   -8.842  1.00 8.49  ? 20  ALA A CB  1 
ATOM   134 N  N   . GLY A 1 21 ? 3.204   5.885   -9.214  1.00 8.42  ? 21  GLY A N   1 
ATOM   135 C  CA  . GLY A 1 21 ? 2.107   5.711   -10.152 1.00 9.26  ? 21  GLY A CA  1 
ATOM   136 C  C   . GLY A 1 21 ? 1.215   4.531   -9.798  1.00 10.12 ? 21  GLY A C   1 
ATOM   137 O  O   . GLY A 1 21 ? 0.376   4.128   -10.607 1.00 10.32 ? 21  GLY A O   1 
ATOM   138 N  N   . GLY A 1 22 ? 1.398   3.980   -8.598  1.00 9.36  ? 22  GLY A N   1 
ATOM   139 C  CA  . GLY A 1 22 ? 0.603   2.845   -8.169  1.00 10.25 ? 22  GLY A CA  1 
ATOM   140 C  C   . GLY A 1 22 ? 1.042   1.564   -8.847  1.00 10.01 ? 22  GLY A C   1 
ATOM   141 O  O   . GLY A 1 22 ? 0.319   0.576   -8.833  1.00 9.69  ? 22  GLY A O   1 
ATOM   142 N  N   . ASN A 1 23 ? 2.246   1.564   -9.402  1.00 10.18 ? 23  ASN A N   1 
ATOM   143 C  CA  . ASN A 1 23 ? 2.789   0.397   -10.088 1.00 11.51 ? 23  ASN A CA  1 
ATOM   144 C  C   . ASN A 1 23 ? 3.732   -0.388  -9.174  1.00 10.91 ? 23  ASN A C   1 
ATOM   145 O  O   . ASN A 1 23 ? 3.577   -0.357  -7.952  1.00 12.11 ? 23  ASN A O   1 
ATOM   146 C  CB  . ASN A 1 23 ? 3.521   0.843   -11.362 1.00 12.68 ? 23  ASN A CB  1 
ATOM   147 C  CG  . ASN A 1 23 ? 2.605   1.577   -12.336 1.00 13.90 ? 23  ASN A CG  1 
ATOM   148 O  OD1 . ASN A 1 23 ? 1.543   1.071   -12.714 1.00 15.68 ? 23  ASN A OD1 1 
ATOM   149 N  ND2 . ASN A 1 23 ? 2.993   2.790   -12.714 1.00 14.82 ? 23  ASN A ND2 1 
ATOM   150 N  N   . ASN A 1 24 ? 4.685   -1.118  -9.754  1.00 11.72 ? 24  ASN A N   1 
ATOM   151 C  CA  . ASN A 1 24 ? 5.663   -1.881  -8.972  1.00 11.18 ? 24  ASN A CA  1 
ATOM   152 C  C   . ASN A 1 24 ? 6.944   -2.082  -9.788  1.00 12.63 ? 24  ASN A C   1 
ATOM   153 O  O   . ASN A 1 24 ? 6.964   -2.838  -10.766 1.00 11.42 ? 24  ASN A O   1 
ATOM   154 C  CB  . ASN A 1 24 ? 5.092   -3.245  -8.559  1.00 12.20 ? 24  ASN A CB  1 
ATOM   155 C  CG  . ASN A 1 24 ? 5.928   -3.930  -7.485  1.00 10.41 ? 24  ASN A CG  1 
ATOM   156 O  OD1 . ASN A 1 24 ? 7.153   -3.908  -7.528  1.00 11.40 ? 24  ASN A OD1 1 
ATOM   157 N  ND2 . ASN A 1 24 ? 5.263   -4.543  -6.520  1.00 11.13 ? 24  ASN A ND2 1 
ATOM   158 N  N   . SER A 1 25 ? 8.019   -1.436  -9.345  1.00 11.72 ? 25  SER A N   1 
ATOM   159 C  CA  . SER A 1 25 ? 9.295   -1.501  -10.031 1.00 12.99 ? 25  SER A CA  1 
ATOM   160 C  C   . SER A 1 25 ? 10.104  -2.776  -9.781  1.00 12.79 ? 25  SER A C   1 
ATOM   161 O  O   . SER A 1 25 ? 11.005  -3.098  -10.557 1.00 14.26 ? 25  SER A O   1 
ATOM   162 C  CB  . SER A 1 25 ? 10.138  -0.253  -9.706  1.00 12.95 ? 25  SER A CB  1 
ATOM   163 O  OG  . SER A 1 25 ? 10.488  -0.182  -8.328  1.00 14.57 ? 25  SER A OG  1 
ATOM   164 N  N   . VAL A 1 26 ? 9.765   -3.515  -8.732  1.00 12.23 ? 26  VAL A N   1 
ATOM   165 C  CA  . VAL A 1 26 ? 10.485  -4.735  -8.398  1.00 12.48 ? 26  VAL A CA  1 
ATOM   166 C  C   . VAL A 1 26 ? 9.869   -5.969  -9.052  1.00 12.25 ? 26  VAL A C   1 
ATOM   167 O  O   . VAL A 1 26 ? 10.582  -6.769  -9.653  1.00 12.98 ? 26  VAL A O   1 
ATOM   168 C  CB  . VAL A 1 26 ? 10.559  -4.923  -6.871  1.00 12.60 ? 26  VAL A CB  1 
ATOM   169 C  CG1 . VAL A 1 26 ? 11.399  -6.171  -6.520  1.00 12.75 ? 26  VAL A CG1 1 
ATOM   170 C  CG2 . VAL A 1 26 ? 11.137  -3.662  -6.230  1.00 12.62 ? 26  VAL A CG2 1 
ATOM   171 N  N   . ILE A 1 27 ? 8.558   -6.138  -8.883  1.00 11.54 ? 27  ILE A N   1 
ATOM   172 C  CA  . ILE A 1 27 ? 7.794   -7.250  -9.468  1.00 10.69 ? 27  ILE A CA  1 
ATOM   173 C  C   . ILE A 1 27 ? 6.650   -6.527  -10.177 1.00 10.44 ? 27  ILE A C   1 
ATOM   174 O  O   . ILE A 1 27 ? 5.571   -6.333  -9.601  1.00 10.53 ? 27  ILE A O   1 
ATOM   175 C  CB  . ILE A 1 27 ? 7.255   -8.180  -8.361  1.00 10.55 ? 27  ILE A CB  1 
ATOM   176 C  CG1 . ILE A 1 27 ? 8.419   -8.694  -7.514  1.00 10.43 ? 27  ILE A CG1 1 
ATOM   177 C  CG2 . ILE A 1 27 ? 6.478   -9.339  -8.968  1.00 10.06 ? 27  ILE A CG2 1 
ATOM   178 C  CD1 . ILE A 1 27 ? 7.998   -9.469  -6.293  1.00 11.69 ? 27  ILE A CD1 1 
ATOM   179 N  N   . PRO A 1 28 ? 6.877   -6.117  -11.439 1.00 10.55 ? 28  PRO A N   1 
ATOM   180 C  CA  . PRO A 1 28 ? 5.951   -5.386  -12.312 1.00 10.45 ? 28  PRO A CA  1 
ATOM   181 C  C   . PRO A 1 28 ? 4.457   -5.683  -12.339 1.00 10.52 ? 28  PRO A C   1 
ATOM   182 O  O   . PRO A 1 28 ? 3.658   -4.763  -12.536 1.00 10.79 ? 28  PRO A O   1 
ATOM   183 C  CB  . PRO A 1 28 ? 6.603   -5.512  -13.680 1.00 10.66 ? 28  PRO A CB  1 
ATOM   184 C  CG  . PRO A 1 28 ? 8.073   -5.497  -13.335 1.00 11.02 ? 28  PRO A CG  1 
ATOM   185 C  CD  . PRO A 1 28 ? 8.100   -6.478  -12.191 1.00 10.32 ? 28  PRO A CD  1 
ATOM   186 N  N   . ASP A 1 29 ? 4.055   -6.939  -12.188 1.00 10.42 ? 29  ASP A N   1 
ATOM   187 C  CA  . ASP A 1 29 ? 2.627   -7.233  -12.207 1.00 9.92  ? 29  ASP A CA  1 
ATOM   188 C  C   . ASP A 1 29 ? 1.906   -7.082  -10.863 1.00 9.83  ? 29  ASP A C   1 
ATOM   189 O  O   . ASP A 1 29 ? 0.683   -7.034  -10.831 1.00 9.86  ? 29  ASP A O   1 
ATOM   190 C  CB  . ASP A 1 29 ? 2.334   -8.601  -12.843 1.00 11.72 ? 29  ASP A CB  1 
ATOM   191 C  CG  . ASP A 1 29 ? 3.052   -9.748  -12.160 1.00 11.65 ? 29  ASP A CG  1 
ATOM   192 O  OD1 . ASP A 1 29 ? 3.837   -9.526  -11.212 1.00 13.03 ? 29  ASP A OD1 1 
ATOM   193 O  OD2 . ASP A 1 29 ? 2.876   -10.896 -12.610 1.00 14.31 ? 29  ASP A OD2 1 
ATOM   194 N  N   . HIS A 1 30 ? 2.652   -6.968  -9.765  1.00 9.26  ? 30  HIS A N   1 
ATOM   195 C  CA  . HIS A 1 30 ? 2.054   -6.811  -8.430  1.00 9.39  ? 30  HIS A CA  1 
ATOM   196 C  C   . HIS A 1 30 ? 1.841   -5.326  -8.115  1.00 9.15  ? 30  HIS A C   1 
ATOM   197 O  O   . HIS A 1 30 ? 2.400   -4.785  -7.151  1.00 7.77  ? 30  HIS A O   1 
ATOM   198 C  CB  . HIS A 1 30 ? 2.953   -7.453  -7.365  1.00 9.03  ? 30  HIS A CB  1 
ATOM   199 C  CG  . HIS A 1 30 ? 2.989   -8.945  -7.447  1.00 9.65  ? 30  HIS A CG  1 
ATOM   200 N  ND1 . HIS A 1 30 ? 3.284   -9.608  -8.615  1.00 9.17  ? 30  HIS A ND1 1 
ATOM   201 C  CD2 . HIS A 1 30 ? 2.709   -9.903  -6.533  1.00 10.10 ? 30  HIS A CD2 1 
ATOM   202 C  CE1 . HIS A 1 30 ? 3.183   -10.909 -8.427  1.00 8.95  ? 30  HIS A CE1 1 
ATOM   203 N  NE2 . HIS A 1 30 ? 2.828   -11.118 -7.172  1.00 9.49  ? 30  HIS A NE2 1 
ATOM   204 N  N   . THR A 1 31 ? 1.047   -4.673  -8.956  1.00 9.80  ? 31  THR A N   1 
ATOM   205 C  CA  . THR A 1 31 ? 0.768   -3.251  -8.813  1.00 8.74  ? 31  THR A CA  1 
ATOM   206 C  C   . THR A 1 31 ? -0.230  -2.984  -7.690  1.00 9.94  ? 31  THR A C   1 
ATOM   207 O  O   . THR A 1 31 ? -0.774  -3.913  -7.073  1.00 7.64  ? 31  THR A O   1 
ATOM   208 C  CB  . THR A 1 31 ? 0.194   -2.682  -10.120 1.00 9.81  ? 31  THR A CB  1 
ATOM   209 O  OG1 . THR A 1 31 ? -1.138  -3.178  -10.306 1.00 7.00  ? 31  THR A OG1 1 
ATOM   210 C  CG2 . THR A 1 31 ? 1.059   -3.121  -11.306 1.00 8.07  ? 31  THR A CG2 1 
ATOM   211 N  N   . LEU A 1 32 ? -0.517  -1.708  -7.471  1.00 8.62  ? 32  LEU A N   1 
ATOM   212 C  CA  . LEU A 1 32 ? -1.461  -1.326  -6.445  1.00 9.54  ? 32  LEU A CA  1 
ATOM   213 C  C   . LEU A 1 32 ? -2.844  -1.059  -7.041  1.00 9.78  ? 32  LEU A C   1 
ATOM   214 O  O   . LEU A 1 32 ? -3.649  -0.337  -6.459  1.00 10.87 ? 32  LEU A O   1 
ATOM   215 C  CB  . LEU A 1 32 ? -0.937  -0.120  -5.653  1.00 8.69  ? 32  LEU A CB  1 
ATOM   216 C  CG  . LEU A 1 32 ? 0.476   -0.243  -5.070  1.00 9.59  ? 32  LEU A CG  1 
ATOM   217 C  CD1 . LEU A 1 32 ? 0.721   0.878   -4.084  1.00 9.75  ? 32  LEU A CD1 1 
ATOM   218 C  CD2 . LEU A 1 32 ? 0.664   -1.578  -4.364  1.00 9.50  ? 32  LEU A CD2 1 
ATOM   219 N  N   . ARG A 1 33 ? -3.114  -1.619  -8.221  1.00 11.65 ? 33  ARG A N   1 
ATOM   220 C  CA  . ARG A 1 33 ? -4.429  -1.459  -8.854  1.00 12.37 ? 33  ARG A CA  1 
ATOM   221 C  C   . ARG A 1 33 ? -5.358  -2.489  -8.227  1.00 12.16 ? 33  ARG A C   1 
ATOM   222 O  O   . ARG A 1 33 ? -4.916  -3.568  -7.832  1.00 11.32 ? 33  ARG A O   1 
ATOM   223 C  CB  . ARG A 1 33 ? -4.353  -1.692  -10.362 1.00 13.69 ? 33  ARG A CB  1 
ATOM   224 C  CG  . ARG A 1 33 ? -3.228  -0.929  -11.006 1.00 16.94 ? 33  ARG A CG  1 
ATOM   225 C  CD  . ARG A 1 33 ? -3.596  -0.447  -12.384 1.00 19.17 ? 33  ARG A CD  1 
ATOM   226 N  NE  . ARG A 1 33 ? -3.408  1.001   -12.492 1.00 21.74 ? 33  ARG A NE  1 
ATOM   227 C  CZ  . ARG A 1 33 ? -4.308  1.907   -12.107 1.00 22.17 ? 33  ARG A CZ  1 
ATOM   228 N  NH1 . ARG A 1 33 ? -5.467  1.516   -11.586 1.00 23.24 ? 33  ARG A NH1 1 
ATOM   229 N  NH2 . ARG A 1 33 ? -4.048  3.206   -12.229 1.00 23.15 ? 33  ARG A NH2 1 
ATOM   230 N  N   . LYS A 1 34 ? -6.645  -2.165  -8.162  1.00 12.18 ? 34  LYS A N   1 
ATOM   231 C  CA  . LYS A 1 34 ? -7.635  -3.051  -7.559  1.00 12.39 ? 34  LYS A CA  1 
ATOM   232 C  C   . LYS A 1 34 ? -7.587  -4.491  -8.059  1.00 12.31 ? 34  LYS A C   1 
ATOM   233 O  O   . LYS A 1 34 ? -7.465  -5.420  -7.267  1.00 11.77 ? 34  LYS A O   1 
ATOM   234 C  CB  . LYS A 1 34 ? -9.037  -2.471  -7.749  1.00 13.17 ? 34  LYS A CB  1 
ATOM   235 C  CG  . LYS A 1 34 ? -10.168 -3.340  -7.243  1.00 14.58 ? 34  LYS A CG  1 
ATOM   236 C  CD  . LYS A 1 34 ? -11.485 -2.583  -7.335  1.00 16.15 ? 34  LYS A CD  1 
ATOM   237 C  CE  . LYS A 1 34 ? -12.703 -3.500  -7.332  1.00 16.29 ? 34  LYS A CE  1 
ATOM   238 N  NZ  . LYS A 1 34 ? -12.744 -4.408  -6.159  1.00 17.94 ? 34  LYS A NZ  1 
ATOM   239 N  N   . ALA A 1 35 ? -7.638  -4.674  -9.371  1.00 12.20 ? 35  ALA A N   1 
ATOM   240 C  CA  . ALA A 1 35 ? -7.624  -6.022  -9.929  1.00 11.54 ? 35  ALA A CA  1 
ATOM   241 C  C   . ALA A 1 35 ? -6.356  -6.807  -9.596  1.00 11.99 ? 35  ALA A C   1 
ATOM   242 O  O   . ALA A 1 35 ? -6.414  -8.020  -9.360  1.00 10.07 ? 35  ALA A O   1 
ATOM   243 C  CB  . ALA A 1 35 ? -7.850  -5.981  -11.445 1.00 12.26 ? 35  ALA A CB  1 
ATOM   244 N  N   . ALA A 1 36 ? -5.215  -6.124  -9.575  1.00 10.54 ? 36  ALA A N   1 
ATOM   245 C  CA  . ALA A 1 36 ? -3.954  -6.793  -9.277  1.00 11.72 ? 36  ALA A CA  1 
ATOM   246 C  C   . ALA A 1 36 ? -3.930  -7.276  -7.826  1.00 11.47 ? 36  ALA A C   1 
ATOM   247 O  O   . ALA A 1 36 ? -3.527  -8.400  -7.555  1.00 12.02 ? 36  ALA A O   1 
ATOM   248 C  CB  . ALA A 1 36 ? -2.764  -5.876  -9.574  1.00 10.54 ? 36  ALA A CB  1 
ATOM   249 N  N   . MET A 1 37 ? -4.385  -6.442  -6.899  1.00 11.80 ? 37  MET A N   1 
ATOM   250 C  CA  . MET A 1 37 ? -4.414  -6.835  -5.491  1.00 12.08 ? 37  MET A CA  1 
ATOM   251 C  C   . MET A 1 37 ? -5.374  -8.004  -5.250  1.00 12.49 ? 37  MET A C   1 
ATOM   252 O  O   . MET A 1 37 ? -5.121  -8.851  -4.394  1.00 10.40 ? 37  MET A O   1 
ATOM   253 C  CB  . MET A 1 37 ? -4.755  -5.645  -4.583  1.00 11.65 ? 37  MET A CB  1 
ATOM   254 C  CG  . MET A 1 37 ? -3.635  -4.613  -4.482  1.00 11.44 ? 37  MET A CG  1 
ATOM   255 S  SD  . MET A 1 37 ? -3.839  -3.412  -3.139  1.00 10.30 ? 37  MET A SD  1 
ATOM   256 C  CE  . MET A 1 37 ? -4.711  -2.126  -4.000  1.00 10.05 ? 37  MET A CE  1 
ATOM   257 N  N   . GLU A 1 38 ? -6.464  -8.057  -6.012  1.00 12.96 ? 38  GLU A N   1 
ATOM   258 C  CA  . GLU A 1 38 ? -7.416  -9.156  -5.875  1.00 15.03 ? 38  GLU A CA  1 
ATOM   259 C  C   . GLU A 1 38 ? -6.760  -10.501 -6.192  1.00 14.97 ? 38  GLU A C   1 
ATOM   260 O  O   . GLU A 1 38 ? -7.107  -11.520 -5.601  1.00 15.36 ? 38  GLU A O   1 
ATOM   261 C  CB  . GLU A 1 38 ? -8.649  -8.934  -6.757  1.00 15.38 ? 38  GLU A CB  1 
ATOM   262 C  CG  . GLU A 1 38 ? -9.538  -7.790  -6.266  1.00 17.23 ? 38  GLU A CG  1 
ATOM   263 C  CD  . GLU A 1 38 ? -10.817 -7.643  -7.062  1.00 18.16 ? 38  GLU A CD  1 
ATOM   264 O  OE1 . GLU A 1 38 ? -10.872 -8.137  -8.210  1.00 18.40 ? 38  GLU A OE1 1 
ATOM   265 O  OE2 . GLU A 1 38 ? -11.772 -7.011  -6.542  1.00 18.74 ? 38  GLU A OE2 1 
ATOM   266 N  N   . GLN A 1 39 ? -5.789  -10.479 -7.102  1.00 16.15 ? 39  GLN A N   1 
ATOM   267 C  CA  . GLN A 1 39 ? -5.052  -11.675 -7.504  1.00 16.61 ? 39  GLN A CA  1 
ATOM   268 C  C   . GLN A 1 39 ? -3.832  -11.952 -6.628  1.00 16.78 ? 39  GLN A C   1 
ATOM   269 O  O   . GLN A 1 39 ? -3.587  -13.088 -6.227  1.00 17.60 ? 39  GLN A O   1 
ATOM   270 C  CB  . GLN A 1 39 ? -4.471  -11.523 -8.904  1.00 17.73 ? 39  GLN A CB  1 
ATOM   271 C  CG  . GLN A 1 39 ? -5.384  -11.173 -10.036 1.00 19.10 ? 39  GLN A CG  1 
ATOM   272 C  CD  . GLN A 1 39 ? -4.589  -11.053 -11.329 1.00 19.02 ? 39  GLN A CD  1 
ATOM   273 O  OE1 . GLN A 1 39 ? -3.730  -11.886 -11.614 1.00 19.79 ? 39  GLN A OE1 1 
ATOM   274 N  NE2 . GLN A 1 39 ? -4.836  -9.997  -12.089 1.00 20.13 ? 39  GLN A NE2 1 
ATOM   275 N  N   . PHE A 1 40 ? -3.020  -10.924 -6.404  1.00 15.93 ? 40  PHE A N   1 
ATOM   276 C  CA  . PHE A 1 40 ? -1.765  -11.095 -5.675  1.00 15.70 ? 40  PHE A CA  1 
ATOM   277 C  C   . PHE A 1 40 ? -1.657  -10.762 -4.200  1.00 14.67 ? 40  PHE A C   1 
ATOM   278 O  O   . PHE A 1 40 ? -0.665  -11.132 -3.567  1.00 15.54 ? 40  PHE A O   1 
ATOM   279 C  CB  . PHE A 1 40 ? -0.633  -10.388 -6.425  1.00 15.64 ? 40  PHE A CB  1 
ATOM   280 C  CG  . PHE A 1 40 ? -0.585  -10.701 -7.901  1.00 16.36 ? 40  PHE A CG  1 
ATOM   281 C  CD1 . PHE A 1 40 ? -0.094  -11.923 -8.352  1.00 16.57 ? 40  PHE A CD1 1 
ATOM   282 C  CD2 . PHE A 1 40 ? -1.003  -9.756  -8.840  1.00 16.50 ? 40  PHE A CD2 1 
ATOM   283 C  CE1 . PHE A 1 40 ? -0.014  -12.197 -9.727  1.00 16.75 ? 40  PHE A CE1 1 
ATOM   284 C  CE2 . PHE A 1 40 ? -0.928  -10.021 -10.211 1.00 16.84 ? 40  PHE A CE2 1 
ATOM   285 C  CZ  . PHE A 1 40 ? -0.431  -11.244 -10.653 1.00 16.94 ? 40  PHE A CZ  1 
ATOM   286 N  N   . LEU A 1 41 ? -2.622  -10.049 -3.642  1.00 13.98 ? 41  LEU A N   1 
ATOM   287 C  CA  . LEU A 1 41 ? -2.522  -9.721  -2.231  1.00 13.88 ? 41  LEU A CA  1 
ATOM   288 C  C   . LEU A 1 41 ? -3.179  -10.791 -1.369  1.00 14.22 ? 41  LEU A C   1 
ATOM   289 O  O   . LEU A 1 41 ? -4.360  -11.114 -1.546  1.00 14.22 ? 41  LEU A O   1 
ATOM   290 C  CB  . LEU A 1 41 ? -3.119  -8.337  -1.941  1.00 12.73 ? 41  LEU A CB  1 
ATOM   291 C  CG  . LEU A 1 41 ? -3.185  -7.895  -0.471  1.00 12.58 ? 41  LEU A CG  1 
ATOM   292 C  CD1 . LEU A 1 41 ? -1.805  -7.873  0.160   1.00 11.45 ? 41  LEU A CD1 1 
ATOM   293 C  CD2 . LEU A 1 41 ? -3.829  -6.523  -0.373  1.00 12.38 ? 41  LEU A CD2 1 
ATOM   294 N  N   . GLN A 1 42 ? -2.408  -11.334 -0.428  1.00 14.61 ? 42  GLN A N   1 
ATOM   295 C  CA  . GLN A 1 42 ? -2.921  -12.350 0.485   1.00 14.80 ? 42  GLN A CA  1 
ATOM   296 C  C   . GLN A 1 42 ? -4.088  -11.752 1.274   1.00 13.98 ? 42  GLN A C   1 
ATOM   297 O  O   . GLN A 1 42 ? -3.935  -10.723 1.935   1.00 14.11 ? 42  GLN A O   1 
ATOM   298 C  CB  . GLN A 1 42 ? -1.816  -12.815 1.448   1.00 15.44 ? 42  GLN A CB  1 
ATOM   299 C  CG  . GLN A 1 42 ? -2.227  -13.917 2.410   0.00 0.00  ? 42  GLN A CG  1 
ATOM   300 C  CD  . GLN A 1 42 ? -1.076  -14.374 3.282   0.00 0.00  ? 42  GLN A CD  1 
ATOM   301 O  OE1 . GLN A 1 42 ? 0.044   -14.563 2.803   0.00 0.00  ? 42  GLN A OE1 1 
ATOM   302 N  NE2 . GLN A 1 42 ? -1.344  -14.555 4.568   0.00 0.00  ? 42  GLN A NE2 1 
ATOM   303 N  N   . GLY A 1 43 ? -5.260  -12.371 1.149   1.00 13.29 ? 43  GLY A N   1 
ATOM   304 C  CA  . GLY A 1 43 ? -6.441  -11.895 1.851   1.00 12.54 ? 43  GLY A CA  1 
ATOM   305 C  C   . GLY A 1 43 ? -7.404  -11.110 0.975   1.00 12.73 ? 43  GLY A C   1 
ATOM   306 O  O   . GLY A 1 43 ? -8.537  -10.819 1.393   1.00 12.79 ? 43  GLY A O   1 
ATOM   307 N  N   . GLY A 1 44 ? -6.972  -10.798 -0.247  1.00 12.31 ? 44  GLY A N   1 
ATOM   308 C  CA  . GLY A 1 44 ? -7.804  -10.046 -1.170  1.00 10.62 ? 44  GLY A CA  1 
ATOM   309 C  C   . GLY A 1 44 ? -7.695  -8.536  -1.046  1.00 10.32 ? 44  GLY A C   1 
ATOM   310 O  O   . GLY A 1 44 ? -6.867  -8.001  -0.300  1.00 9.39  ? 44  GLY A O   1 
ATOM   311 N  N   . PHE A 1 45 ? -8.565  -7.845  -1.771  1.00 9.20  ? 45  PHE A N   1 
ATOM   312 C  CA  . PHE A 1 45 ? -8.593  -6.387  -1.771  1.00 8.34  ? 45  PHE A CA  1 
ATOM   313 C  C   . PHE A 1 45 ? -9.468  -5.826  -0.630  1.00 8.30  ? 45  PHE A C   1 
ATOM   314 O  O   . PHE A 1 45 ? -10.681 -5.681  -0.773  1.00 7.22  ? 45  PHE A O   1 
ATOM   315 C  CB  . PHE A 1 45 ? -9.086  -5.886  -3.136  1.00 8.52  ? 45  PHE A CB  1 
ATOM   316 C  CG  . PHE A 1 45 ? -9.195  -4.386  -3.240  1.00 8.11  ? 45  PHE A CG  1 
ATOM   317 C  CD1 . PHE A 1 45 ? -8.093  -3.567  -2.998  1.00 9.41  ? 45  PHE A CD1 1 
ATOM   318 C  CD2 . PHE A 1 45 ? -10.399 -3.793  -3.599  1.00 9.47  ? 45  PHE A CD2 1 
ATOM   319 C  CE1 . PHE A 1 45 ? -8.187  -2.179  -3.118  1.00 8.31  ? 45  PHE A CE1 1 
ATOM   320 C  CE2 . PHE A 1 45 ? -10.509 -2.411  -3.719  1.00 8.45  ? 45  PHE A CE2 1 
ATOM   321 C  CZ  . PHE A 1 45 ? -9.399  -1.600  -3.479  1.00 9.95  ? 45  PHE A CZ  1 
ATOM   322 N  N   . ASN A 1 46 ? -8.845  -5.547  0.509   1.00 7.32  ? 46  ASN A N   1 
ATOM   323 C  CA  . ASN A 1 46 ? -9.532  -4.997  1.666   1.00 7.40  ? 46  ASN A CA  1 
ATOM   324 C  C   . ASN A 1 46 ? -8.510  -4.357  2.603   1.00 7.00  ? 46  ASN A C   1 
ATOM   325 O  O   . ASN A 1 46 ? -7.325  -4.657  2.529   1.00 7.00  ? 46  ASN A O   1 
ATOM   326 C  CB  . ASN A 1 46 ? -10.368 -6.065  2.391   1.00 7.42  ? 46  ASN A CB  1 
ATOM   327 C  CG  . ASN A 1 46 ? -9.572  -7.306  2.738   1.00 7.64  ? 46  ASN A CG  1 
ATOM   328 O  OD1 . ASN A 1 46 ? -8.740  -7.295  3.646   1.00 7.00  ? 46  ASN A OD1 1 
ATOM   329 N  ND2 . ASN A 1 46 ? -9.840  -8.387  2.027   1.00 7.03  ? 46  ASN A ND2 1 
ATOM   330 N  N   . LEU A 1 47 ? -8.980  -3.484  3.494   1.00 8.07  ? 47  LEU A N   1 
ATOM   331 C  CA  . LEU A 1 47 ? -8.105  -2.758  4.425   1.00 7.61  ? 47  LEU A CA  1 
ATOM   332 C  C   . LEU A 1 47 ? -7.264  -3.637  5.335   1.00 8.55  ? 47  LEU A C   1 
ATOM   333 O  O   . LEU A 1 47 ? -6.081  -3.358  5.573   1.00 7.94  ? 47  LEU A O   1 
ATOM   334 C  CB  . LEU A 1 47 ? -8.931  -1.757  5.248   1.00 8.68  ? 47  LEU A CB  1 
ATOM   335 C  CG  . LEU A 1 47 ? -9.472  -0.538  4.467   1.00 8.96  ? 47  LEU A CG  1 
ATOM   336 C  CD1 . LEU A 1 47 ? -10.580 0.149   5.225   1.00 7.93  ? 47  LEU A CD1 1 
ATOM   337 C  CD2 . LEU A 1 47 ? -8.340  0.433   4.164   1.00 7.99  ? 47  LEU A CD2 1 
ATOM   338 N  N   . GLU A 1 48 ? -7.862  -4.713  5.829   1.00 8.08  ? 48  GLU A N   1 
ATOM   339 C  CA  . GLU A 1 48 ? -7.163  -5.629  6.708   1.00 8.32  ? 48  GLU A CA  1 
ATOM   340 C  C   . GLU A 1 48 ? -5.967  -6.282  5.999   1.00 7.50  ? 48  GLU A C   1 
ATOM   341 O  O   . GLU A 1 48 ? -4.882  -6.361  6.571   1.00 7.00  ? 48  GLU A O   1 
ATOM   342 C  CB  . GLU A 1 48 ? -8.139  -6.683  7.250   1.00 9.62  ? 48  GLU A CB  1 
ATOM   343 C  CG  . GLU A 1 48 ? -9.308  -6.098  8.093   1.00 10.74 ? 48  GLU A CG  1 
ATOM   344 C  CD  . GLU A 1 48 ? -10.464 -5.511  7.261   1.00 11.26 ? 48  GLU A CD  1 
ATOM   345 O  OE1 . GLU A 1 48 ? -10.625 -5.884  6.087   1.00 11.56 ? 48  GLU A OE1 1 
ATOM   346 O  OE2 . GLU A 1 48 ? -11.257 -4.672  7.768   1.00 12.20 ? 48  GLU A OE2 1 
ATOM   347 N  N   . ALA A 1 49 ? -6.150  -6.718  4.752   1.00 7.00  ? 49  ALA A N   1 
ATOM   348 C  CA  . ALA A 1 49 ? -5.060  -7.348  3.991   1.00 7.20  ? 49  ALA A CA  1 
ATOM   349 C  C   . ALA A 1 49 ? -3.922  -6.368  3.731   1.00 7.28  ? 49  ALA A C   1 
ATOM   350 O  O   . ALA A 1 49 ? -2.745  -6.703  3.864   1.00 7.00  ? 49  ALA A O   1 
ATOM   351 C  CB  . ALA A 1 49 ? -5.572  -7.902  2.668   1.00 7.90  ? 49  ALA A CB  1 
ATOM   352 N  N   . ILE A 1 50 ? -4.287  -5.157  3.335   1.00 7.05  ? 50  ILE A N   1 
ATOM   353 C  CA  . ILE A 1 50 ? -3.315  -4.112  3.050   1.00 7.64  ? 50  ILE A CA  1 
ATOM   354 C  C   . ILE A 1 50 ? -2.497  -3.780  4.312   1.00 7.13  ? 50  ILE A C   1 
ATOM   355 O  O   . ILE A 1 50 ? -1.268  -3.834  4.302   1.00 7.94  ? 50  ILE A O   1 
ATOM   356 C  CB  . ILE A 1 50 ? -4.033  -2.854  2.481   1.00 7.00  ? 50  ILE A CB  1 
ATOM   357 C  CG1 . ILE A 1 50 ? -4.757  -3.229  1.179   1.00 7.49  ? 50  ILE A CG1 1 
ATOM   358 C  CG2 . ILE A 1 50 ? -3.042  -1.723  2.223   1.00 7.99  ? 50  ILE A CG2 1 
ATOM   359 C  CD1 . ILE A 1 50 ? -5.555  -2.107  0.536   1.00 7.03  ? 50  ILE A CD1 1 
ATOM   360 N  N   . THR A 1 51 ? -3.185  -3.521  5.417   1.00 8.80  ? 51  THR A N   1 
ATOM   361 C  CA  . THR A 1 51 ? -2.527  -3.179  6.670   1.00 8.92  ? 51  THR A CA  1 
ATOM   362 C  C   . THR A 1 51 ? -1.561  -4.287  7.088   1.00 9.83  ? 51  THR A C   1 
ATOM   363 O  O   . THR A 1 51 ? -0.404  -4.013  7.416   1.00 9.46  ? 51  THR A O   1 
ATOM   364 C  CB  . THR A 1 51 ? -3.592  -2.874  7.758   1.00 9.90  ? 51  THR A CB  1 
ATOM   365 O  OG1 . THR A 1 51 ? -4.502  -1.883  7.250   1.00 9.08  ? 51  THR A OG1 1 
ATOM   366 C  CG2 . THR A 1 51 ? -2.943  -2.343  9.038   1.00 9.19  ? 51  THR A CG2 1 
ATOM   367 N  N   . TYR A 1 52 ? -2.000  -5.541  6.986   1.00 9.98  ? 52  TYR A N   1 
ATOM   368 C  CA  . TYR A 1 52 ? -1.148  -6.670  7.347   1.00 11.45 ? 52  TYR A CA  1 
ATOM   369 C  C   . TYR A 1 52 ? 0.184   -6.646  6.611   1.00 11.03 ? 52  TYR A C   1 
ATOM   370 O  O   . TYR A 1 52 ? 1.239   -6.769  7.236   1.00 12.15 ? 52  TYR A O   1 
ATOM   371 C  CB  . TYR A 1 52 ? -1.845  -8.005  7.085   1.00 12.46 ? 52  TYR A CB  1 
ATOM   372 C  CG  . TYR A 1 52 ? -0.975  -9.217  7.394   1.00 14.55 ? 52  TYR A CG  1 
ATOM   373 C  CD1 . TYR A 1 52 ? -0.728  -9.614  8.712   1.00 14.31 ? 52  TYR A CD1 1 
ATOM   374 C  CD2 . TYR A 1 52 ? -0.401  -9.964  6.366   1.00 14.43 ? 52  TYR A CD2 1 
ATOM   375 C  CE1 . TYR A 1 52 ? 0.072   -10.733 8.995   1.00 16.18 ? 52  TYR A CE1 1 
ATOM   376 C  CE2 . TYR A 1 52 ? 0.399   -11.077 6.637   1.00 16.46 ? 52  TYR A CE2 1 
ATOM   377 C  CZ  . TYR A 1 52 ? 0.629   -11.458 7.951   1.00 15.64 ? 52  TYR A CZ  1 
ATOM   378 O  OH  . TYR A 1 52 ? 1.397   -12.581 8.202   1.00 17.48 ? 52  TYR A OH  1 
ATOM   379 N  N   . GLN A 1 53 ? 0.144   -6.493  5.294   1.00 10.65 ? 53  GLN A N   1 
ATOM   380 C  CA  . GLN A 1 53 ? 1.372   -6.460  4.513   1.00 10.37 ? 53  GLN A CA  1 
ATOM   381 C  C   . GLN A 1 53 ? 2.249   -5.241  4.803   1.00 11.10 ? 53  GLN A C   1 
ATOM   382 O  O   . GLN A 1 53 ? 3.473   -5.347  4.769   1.00 9.41  ? 53  GLN A O   1 
ATOM   383 C  CB  . GLN A 1 53 ? 1.079   -6.542  3.024   1.00 11.65 ? 53  GLN A CB  1 
ATOM   384 C  CG  . GLN A 1 53 ? 2.328   -6.694  2.168   1.00 12.71 ? 53  GLN A CG  1 
ATOM   385 C  CD  . GLN A 1 53 ? 2.047   -7.436  0.883   1.00 13.62 ? 53  GLN A CD  1 
ATOM   386 O  OE1 . GLN A 1 53 ? 1.575   -8.571  0.911   1.00 15.21 ? 53  GLN A OE1 1 
ATOM   387 N  NE2 . GLN A 1 53 ? 2.321   -6.805  -0.247  1.00 14.02 ? 53  GLN A NE2 1 
ATOM   388 N  N   . VAL A 1 54 ? 1.644   -4.087  5.071   1.00 10.07 ? 54  VAL A N   1 
ATOM   389 C  CA  . VAL A 1 54 ? 2.456   -2.897  5.364   1.00 11.47 ? 54  VAL A CA  1 
ATOM   390 C  C   . VAL A 1 54 ? 3.188   -3.076  6.704   1.00 11.45 ? 54  VAL A C   1 
ATOM   391 O  O   . VAL A 1 54 ? 4.371   -2.782  6.810   1.00 12.16 ? 54  VAL A O   1 
ATOM   392 C  CB  . VAL A 1 54 ? 1.619   -1.603  5.332   1.00 10.60 ? 54  VAL A CB  1 
ATOM   393 C  CG1 . VAL A 1 54 ? 2.460   -0.402  5.767   1.00 9.60  ? 54  VAL A CG1 1 
ATOM   394 C  CG2 . VAL A 1 54 ? 1.073   -1.391  3.906   1.00 10.65 ? 54  VAL A CG2 1 
ATOM   395 N  N   . GLU A 1 55 ? 2.493   -3.621  7.692   1.00 12.41 ? 55  GLU A N   1 
ATOM   396 C  CA  . GLU A 1 55 ? 3.063   -3.892  9.011   1.00 13.34 ? 55  GLU A CA  1 
ATOM   397 C  C   . GLU A 1 55 ? 4.140   -4.967  8.966   1.00 13.86 ? 55  GLU A C   1 
ATOM   398 O  O   . GLU A 1 55 ? 5.298   -4.761  9.363   1.00 13.06 ? 55  GLU A O   1 
ATOM   399 C  CB  . GLU A 1 55 ? 1.975   -4.444  9.924   1.00 14.14 ? 55  GLU A CB  1 
ATOM   400 C  CG  . GLU A 1 55 ? 0.894   -3.474  10.278  1.00 16.83 ? 55  GLU A CG  1 
ATOM   401 C  CD  . GLU A 1 55 ? 1.155   -2.797  11.598  1.00 18.10 ? 55  GLU A CD  1 
ATOM   402 O  OE1 . GLU A 1 55 ? 2.315   -2.848  12.080  1.00 18.60 ? 55  GLU A OE1 1 
ATOM   403 O  OE2 . GLU A 1 55 ? 0.189   -2.225  12.163  1.00 20.07 ? 55  GLU A OE2 1 
ATOM   404 N  N   . ASN A 1 56 ? 3.741   -6.117  8.447   1.00 14.26 ? 56  ASN A N   1 
ATOM   405 C  CA  . ASN A 1 56 ? 4.596   -7.284  8.421   1.00 16.08 ? 56  ASN A CA  1 
ATOM   406 C  C   . ASN A 1 56 ? 5.539   -7.563  7.260   1.00 15.74 ? 56  ASN A C   1 
ATOM   407 O  O   . ASN A 1 56 ? 6.522   -8.268  7.448   1.00 17.71 ? 56  ASN A O   1 
ATOM   408 C  CB  . ASN A 1 56 ? 3.741   -8.493  8.775   1.00 16.13 ? 56  ASN A CB  1 
ATOM   409 C  CG  . ASN A 1 56 ? 2.957   -8.264  10.052  1.00 16.11 ? 56  ASN A CG  1 
ATOM   410 O  OD1 . ASN A 1 56 ? 3.538   -8.112  11.119  1.00 17.93 ? 56  ASN A OD1 1 
ATOM   411 N  ND2 . ASN A 1 56 ? 1.648   -8.134  9.938   1.00 17.71 ? 56  ASN A ND2 1 
ATOM   412 N  N   . GLY A 1 57 ? 5.296   -6.971  6.093   1.00 17.00 ? 57  GLY A N   1 
ATOM   413 C  CA  . GLY A 1 57 ? 6.169   -7.193  4.947   1.00 16.31 ? 57  GLY A CA  1 
ATOM   414 C  C   . GLY A 1 57 ? 5.872   -8.466  4.171   1.00 16.92 ? 57  GLY A C   1 
ATOM   415 O  O   . GLY A 1 57 ? 5.094   -9.304  4.635   1.00 16.78 ? 57  GLY A O   1 
ATOM   416 N  N   . LYS A 1 58 ? 6.483   -8.615  2.993   1.00 16.39 ? 58  LYS A N   1 
ATOM   417 C  CA  . LYS A 1 58 ? 6.283   -9.800  2.157   1.00 16.95 ? 58  LYS A CA  1 
ATOM   418 C  C   . LYS A 1 58 ? 7.321   -9.892  1.041   1.00 16.61 ? 58  LYS A C   1 
ATOM   419 O  O   . LYS A 1 58 ? 7.269   -9.146  0.070   1.00 15.11 ? 58  LYS A O   1 
ATOM   420 C  CB  . LYS A 1 58 ? 4.865   -9.798  1.565   1.00 18.07 ? 58  LYS A CB  1 
ATOM   421 C  CG  . LYS A 1 58 ? 4.181   -11.162 1.552   1.00 19.06 ? 58  LYS A CG  1 
ATOM   422 C  CD  . LYS A 1 58 ? 4.410   -11.904 0.240   1.00 19.88 ? 58  LYS A CD  1 
ATOM   423 C  CE  . LYS A 1 58 ? 3.641   -13.216 0.212   1.00 20.18 ? 58  LYS A CE  1 
ATOM   424 N  NZ  . LYS A 1 58 ? 2.216   -13.034 0.615   1.00 21.07 ? 58  LYS A NZ  1 
ATOM   425 N  N   . GLY A 1 59 ? 8.281   -10.802 1.193   1.00 15.98 ? 59  GLY A N   1 
ATOM   426 C  CA  . GLY A 1 59 ? 9.310   -10.970 0.181   1.00 15.57 ? 59  GLY A CA  1 
ATOM   427 C  C   . GLY A 1 59 ? 10.120  -9.704  -0.029  1.00 15.19 ? 59  GLY A C   1 
ATOM   428 O  O   . GLY A 1 59 ? 10.743  -9.195  0.906   1.00 15.28 ? 59  GLY A O   1 
ATOM   429 N  N   . ALA A 1 60 ? 10.098  -9.181  -1.247  1.00 14.82 ? 60  ALA A N   1 
ATOM   430 C  CA  . ALA A 1 60 ? 10.833  -7.959  -1.558  1.00 14.87 ? 60  ALA A CA  1 
ATOM   431 C  C   . ALA A 1 60 ? 10.118  -6.714  -1.024  1.00 13.77 ? 60  ALA A C   1 
ATOM   432 O  O   . ALA A 1 60 ? 10.608  -5.602  -1.169  1.00 14.78 ? 60  ALA A O   1 
ATOM   433 C  CB  . ALA A 1 60 ? 11.083  -7.850  -3.059  1.00 14.65 ? 60  ALA A CB  1 
ATOM   434 N  N   . MET A 1 61 ? 8.931   -6.914  -0.467  1.00 13.81 ? 61  MET A N   1 
ATOM   435 C  CA  . MET A 1 61 ? 8.138   -5.844  0.132   1.00 12.91 ? 61  MET A CA  1 
ATOM   436 C  C   . MET A 1 61 ? 8.614   -5.773  1.589   1.00 13.42 ? 61  MET A C   1 
ATOM   437 O  O   . MET A 1 61 ? 8.409   -6.720  2.355   1.00 11.71 ? 61  MET A O   1 
ATOM   438 C  CB  . MET A 1 61 ? 6.644   -6.213  0.073   1.00 13.25 ? 61  MET A CB  1 
ATOM   439 C  CG  . MET A 1 61 ? 5.717   -5.472  1.027   1.00 11.79 ? 61  MET A CG  1 
ATOM   440 S  SD  . MET A 1 61 ? 5.614   -3.719  0.694   1.00 12.12 ? 61  MET A SD  1 
ATOM   441 C  CE  . MET A 1 61 ? 4.402   -3.215  1.961   1.00 9.89  ? 61  MET A CE  1 
ATOM   442 N  N   . PRO A 1 62 ? 9.278   -4.664  1.980   1.00 12.82 ? 62  PRO A N   1 
ATOM   443 C  CA  . PRO A 1 62 ? 9.777   -4.499  3.352   1.00 13.50 ? 62  PRO A CA  1 
ATOM   444 C  C   . PRO A 1 62 ? 8.647   -4.382  4.378   1.00 13.23 ? 62  PRO A C   1 
ATOM   445 O  O   . PRO A 1 62 ? 7.500   -4.124  4.018   1.00 13.18 ? 62  PRO A O   1 
ATOM   446 C  CB  . PRO A 1 62 ? 10.570  -3.188  3.274   1.00 13.50 ? 62  PRO A CB  1 
ATOM   447 C  CG  . PRO A 1 62 ? 10.853  -3.002  1.788   1.00 13.69 ? 62  PRO A CG  1 
ATOM   448 C  CD  . PRO A 1 62 ? 9.586   -3.479  1.164   1.00 13.11 ? 62  PRO A CD  1 
ATOM   449 N  N   . ALA A 1 63 ? 8.988   -4.590  5.650   1.00 14.29 ? 63  ALA A N   1 
ATOM   450 C  CA  . ALA A 1 63 ? 8.039   -4.488  6.765   1.00 14.55 ? 63  ALA A CA  1 
ATOM   451 C  C   . ALA A 1 63 ? 8.212   -3.092  7.331   1.00 14.68 ? 63  ALA A C   1 
ATOM   452 O  O   . ALA A 1 63 ? 9.338   -2.654  7.595   1.00 15.52 ? 63  ALA A O   1 
ATOM   453 C  CB  . ALA A 1 63 ? 8.351   -5.518  7.830   1.00 13.87 ? 63  ALA A CB  1 
ATOM   454 N  N   . TRP A 1 64 ? 7.097   -2.420  7.584   1.00 14.97 ? 64  TRP A N   1 
ATOM   455 C  CA  . TRP A 1 64 ? 7.129   -1.053  8.075   1.00 15.35 ? 64  TRP A CA  1 
ATOM   456 C  C   . TRP A 1 64 ? 6.777   -0.822  9.543   1.00 15.62 ? 64  TRP A C   1 
ATOM   457 O  O   . TRP A 1 64 ? 6.797   0.314   10.008  1.00 15.22 ? 64  TRP A O   1 
ATOM   458 C  CB  . TRP A 1 64 ? 6.250   -0.192  7.167   1.00 14.98 ? 64  TRP A CB  1 
ATOM   459 C  CG  . TRP A 1 64 ? 6.740   -0.207  5.739   1.00 14.34 ? 64  TRP A CG  1 
ATOM   460 C  CD1 . TRP A 1 64 ? 6.404   -1.106  4.750   1.00 14.11 ? 64  TRP A CD1 1 
ATOM   461 C  CD2 . TRP A 1 64 ? 7.689   0.696   5.156   1.00 14.18 ? 64  TRP A CD2 1 
ATOM   462 N  NE1 . TRP A 1 64 ? 7.094   -0.810  3.592   1.00 14.05 ? 64  TRP A NE1 1 
ATOM   463 C  CE2 . TRP A 1 64 ? 7.888   0.287   3.813   1.00 13.77 ? 64  TRP A CE2 1 
ATOM   464 C  CE3 . TRP A 1 64 ? 8.392   1.810   5.637   1.00 13.53 ? 64  TRP A CE3 1 
ATOM   465 C  CZ2 . TRP A 1 64 ? 8.764   0.956   2.951   1.00 13.45 ? 64  TRP A CZ2 1 
ATOM   466 C  CZ3 . TRP A 1 64 ? 9.262   2.474   4.774   1.00 12.98 ? 64  TRP A CZ3 1 
ATOM   467 C  CH2 . TRP A 1 64 ? 9.438   2.041   3.449   1.00 13.66 ? 64  TRP A CH2 1 
ATOM   468 N  N   . SER A 1 65 ? 6.479   -1.891  10.272  1.00 16.77 ? 65  SER A N   1 
ATOM   469 C  CA  . SER A 1 65 ? 6.138   -1.772  11.685  1.00 18.66 ? 65  SER A CA  1 
ATOM   470 C  C   . SER A 1 65 ? 7.272   -1.128  12.501  1.00 19.05 ? 65  SER A C   1 
ATOM   471 O  O   . SER A 1 65 ? 7.027   -0.484  13.523  1.00 20.67 ? 65  SER A O   1 
ATOM   472 C  CB  . SER A 1 65 ? 5.780   -3.141  12.263  1.00 18.06 ? 65  SER A CB  1 
ATOM   473 O  OG  . SER A 1 65 ? 6.731   -4.122  11.864  1.00 20.39 ? 65  SER A OG  1 
ATOM   474 N  N   . GLY A 1 66 ? 8.511   -1.275  12.046  1.00 19.17 ? 66  GLY A N   1 
ATOM   475 C  CA  . GLY A 1 66 ? 9.609   -0.677  12.781  1.00 19.55 ? 66  GLY A CA  1 
ATOM   476 C  C   . GLY A 1 66 ? 10.107  0.613   12.157  1.00 19.24 ? 66  GLY A C   1 
ATOM   477 O  O   . GLY A 1 66 ? 11.260  1.007   12.374  1.00 21.62 ? 66  GLY A O   1 
ATOM   478 N  N   . THR A 1 67 ? 9.238   1.306   11.433  1.00 17.86 ? 67  THR A N   1 
ATOM   479 C  CA  . THR A 1 67 ? 9.624   2.533   10.752  1.00 16.47 ? 67  THR A CA  1 
ATOM   480 C  C   . THR A 1 67 ? 8.495   3.557   10.844  1.00 15.77 ? 67  THR A C   1 
ATOM   481 O  O   . THR A 1 67 ? 8.728   4.743   11.105  1.00 15.35 ? 67  THR A O   1 
ATOM   482 C  CB  . THR A 1 67 ? 9.935   2.223   9.272   1.00 16.27 ? 67  THR A CB  1 
ATOM   483 O  OG1 . THR A 1 67 ? 10.883  1.153   9.207   1.00 17.67 ? 67  THR A OG1 1 
ATOM   484 C  CG2 . THR A 1 67 ? 10.500  3.431   8.550   1.00 16.56 ? 67  THR A CG2 1 
ATOM   485 N  N   . LEU A 1 68 ? 7.272   3.086   10.635  1.00 13.92 ? 68  LEU A N   1 
ATOM   486 C  CA  . LEU A 1 68 ? 6.087   3.932   10.698  1.00 12.42 ? 68  LEU A CA  1 
ATOM   487 C  C   . LEU A 1 68 ? 5.294   3.509   11.924  1.00 11.94 ? 68  LEU A C   1 
ATOM   488 O  O   . LEU A 1 68 ? 5.330   2.332   12.281  1.00 10.47 ? 68  LEU A O   1 
ATOM   489 C  CB  . LEU A 1 68 ? 5.234   3.727   9.438   1.00 12.38 ? 68  LEU A CB  1 
ATOM   490 C  CG  . LEU A 1 68 ? 5.826   4.109   8.078   1.00 12.93 ? 68  LEU A CG  1 
ATOM   491 C  CD1 . LEU A 1 68 ? 4.846   3.714   6.981   1.00 12.31 ? 68  LEU A CD1 1 
ATOM   492 C  CD2 . LEU A 1 68 ? 6.129   5.610   8.009   1.00 12.56 ? 68  LEU A CD2 1 
ATOM   493 N  N   . ASP A 1 69 ? 4.620   4.456   12.582  1.00 10.26 ? 69  ASP A N   1 
ATOM   494 C  CA  . ASP A 1 69 ? 3.817   4.135   13.763  1.00 10.82 ? 69  ASP A CA  1 
ATOM   495 C  C   . ASP A 1 69 ? 2.398   3.707   13.356  1.00 10.80 ? 69  ASP A C   1 
ATOM   496 O  O   . ASP A 1 69 ? 2.057   3.747   12.163  1.00 10.10 ? 69  ASP A O   1 
ATOM   497 C  CB  . ASP A 1 69 ? 3.837   5.276   14.817  1.00 11.35 ? 69  ASP A CB  1 
ATOM   498 C  CG  . ASP A 1 69 ? 3.044   6.532   14.408  1.00 11.66 ? 69  ASP A CG  1 
ATOM   499 O  OD1 . ASP A 1 69 ? 2.254   6.508   13.453  1.00 11.11 ? 69  ASP A OD1 1 
ATOM   500 O  OD2 . ASP A 1 69 ? 3.168   7.582   15.092  1.00 11.58 ? 69  ASP A OD2 1 
ATOM   501 N  N   . ASP A 1 70 ? 1.584   3.283   14.319  1.00 10.59 ? 70  ASP A N   1 
ATOM   502 C  CA  . ASP A 1 70 ? 0.221   2.830   14.024  1.00 9.94  ? 70  ASP A CA  1 
ATOM   503 C  C   . ASP A 1 70 ? -0.646  3.829   13.279  1.00 9.39  ? 70  ASP A C   1 
ATOM   504 O  O   . ASP A 1 70 ? -1.354  3.441   12.357  1.00 8.37  ? 70  ASP A O   1 
ATOM   505 C  CB  . ASP A 1 70 ? -0.528  2.430   15.290  1.00 12.72 ? 70  ASP A CB  1 
ATOM   506 C  CG  . ASP A 1 70 ? 0.116   1.285   16.008  1.00 14.22 ? 70  ASP A CG  1 
ATOM   507 O  OD1 . ASP A 1 70 ? -0.011  0.132   15.552  1.00 16.38 ? 70  ASP A OD1 1 
ATOM   508 O  OD2 . ASP A 1 70 ? 0.753   1.538   17.047  1.00 16.70 ? 70  ASP A OD2 1 
ATOM   509 N  N   . ASP A 1 71 ? -0.666  5.090   13.711  1.00 8.41  ? 71  ASP A N   1 
ATOM   510 C  CA  . ASP A 1 71 ? -1.482  6.076   13.011  1.00 8.81  ? 71  ASP A CA  1 
ATOM   511 C  C   . ASP A 1 71 ? -1.007  6.353   11.567  1.00 8.84  ? 71  ASP A C   1 
ATOM   512 O  O   . ASP A 1 71 ? -1.840  6.580   10.669  1.00 8.58  ? 71  ASP A O   1 
ATOM   513 C  CB  . ASP A 1 71 ? -1.704  7.361   13.840  1.00 9.10  ? 71  ASP A CB  1 
ATOM   514 C  CG  . ASP A 1 71 ? -0.418  8.023   14.300  1.00 9.60  ? 71  ASP A CG  1 
ATOM   515 O  OD1 . ASP A 1 71 ? 0.198   8.781   13.516  1.00 9.07  ? 71  ASP A OD1 1 
ATOM   516 O  OD2 . ASP A 1 71 ? -0.024  7.849   15.475  1.00 8.54  ? 71  ASP A OD2 1 
ATOM   517 N  N   . GLU A 1 72 ? 0.306   6.255   11.332  1.00 7.96  ? 72  GLU A N   1 
ATOM   518 C  CA  . GLU A 1 72 ? 0.901   6.449   10.001  1.00 7.58  ? 72  GLU A CA  1 
ATOM   519 C  C   . GLU A 1 72 ? 0.587   5.255   9.069   1.00 7.56  ? 72  GLU A C   1 
ATOM   520 O  O   . GLU A 1 72 ? 0.292   5.447   7.881   1.00 7.31  ? 72  GLU A O   1 
ATOM   521 C  CB  . GLU A 1 72 ? 2.415   6.665   10.122  1.00 8.00  ? 72  GLU A CB  1 
ATOM   522 C  CG  . GLU A 1 72 ? 2.799   7.997   10.788  1.00 7.76  ? 72  GLU A CG  1 
ATOM   523 C  CD  . GLU A 1 72 ? 4.269   8.071   11.207  1.00 8.40  ? 72  GLU A CD  1 
ATOM   524 O  OE1 . GLU A 1 72 ? 4.971   7.045   11.201  1.00 8.91  ? 72  GLU A OE1 1 
ATOM   525 O  OE2 . GLU A 1 72 ? 4.744   9.157   11.573  1.00 8.14  ? 72  GLU A OE2 1 
ATOM   526 N  N   . ILE A 1 73 ? 0.643   4.036   9.606   1.00 7.00  ? 73  ILE A N   1 
ATOM   527 C  CA  . ILE A 1 73 ? 0.326   2.820   8.848   1.00 7.00  ? 73  ILE A CA  1 
ATOM   528 C  C   . ILE A 1 73 ? -1.168  2.808   8.475   1.00 7.00  ? 73  ILE A C   1 
ATOM   529 O  O   . ILE A 1 73 ? -1.535  2.501   7.342   1.00 7.00  ? 73  ILE A O   1 
ATOM   530 C  CB  . ILE A 1 73 ? 0.693   1.530   9.656   1.00 7.00  ? 73  ILE A CB  1 
ATOM   531 C  CG1 . ILE A 1 73 ? 2.222   1.411   9.764   1.00 7.00  ? 73  ILE A CG1 1 
ATOM   532 C  CG2 . ILE A 1 73 ? 0.092   0.277   8.985   1.00 7.00  ? 73  ILE A CG2 1 
ATOM   533 C  CD1 . ILE A 1 73 ? 2.714   0.284   10.652  1.00 7.18  ? 73  ILE A CD1 1 
ATOM   534 N  N   . ALA A 1 74 ? -2.032  3.141   9.427   1.00 7.01  ? 74  ALA A N   1 
ATOM   535 C  CA  . ALA A 1 74 ? -3.471  3.201   9.147   1.00 7.27  ? 74  ALA A CA  1 
ATOM   536 C  C   . ALA A 1 74 ? -3.719  4.186   7.997   1.00 7.64  ? 74  ALA A C   1 
ATOM   537 O  O   . ALA A 1 74 ? -4.439  3.870   7.029   1.00 7.16  ? 74  ALA A O   1 
ATOM   538 C  CB  . ALA A 1 74 ? -4.244  3.661   10.393  1.00 7.60  ? 74  ALA A CB  1 
ATOM   539 N  N   . ALA A 1 75 ? -3.111  5.370   8.099   1.00 7.00  ? 75  ALA A N   1 
ATOM   540 C  CA  . ALA A 1 75 ? -3.262  6.419   7.092   1.00 7.00  ? 75  ALA A CA  1 
ATOM   541 C  C   . ALA A 1 75 ? -2.855  5.965   5.693   1.00 7.00  ? 75  ALA A C   1 
ATOM   542 O  O   . ALA A 1 75 ? -3.610  6.144   4.737   1.00 7.00  ? 75  ALA A O   1 
ATOM   543 C  CB  . ALA A 1 75 ? -2.486  7.666   7.502   1.00 7.00  ? 75  ALA A CB  1 
ATOM   544 N  N   . VAL A 1 76 ? -1.674  5.355   5.582   1.00 7.00  ? 76  VAL A N   1 
ATOM   545 C  CA  . VAL A 1 76 ? -1.192  4.886   4.288   1.00 7.10  ? 76  VAL A CA  1 
ATOM   546 C  C   . VAL A 1 76 ? -2.017  3.730   3.717   1.00 7.02  ? 76  VAL A C   1 
ATOM   547 O  O   . VAL A 1 76 ? -2.243  3.680   2.508   1.00 7.00  ? 76  VAL A O   1 
ATOM   548 C  CB  . VAL A 1 76 ? 0.337   4.551   4.286   1.00 7.02  ? 76  VAL A CB  1 
ATOM   549 C  CG1 . VAL A 1 76 ? 0.637   3.274   5.054   1.00 7.00  ? 76  VAL A CG1 1 
ATOM   550 C  CG2 . VAL A 1 76 ? 0.839   4.457   2.866   1.00 7.00  ? 76  VAL A CG2 1 
ATOM   551 N  N   . ALA A 1 77 ? -2.489  2.826   4.574   1.00 7.00  ? 77  ALA A N   1 
ATOM   552 C  CA  . ALA A 1 77 ? -3.309  1.710   4.118   1.00 7.00  ? 77  ALA A CA  1 
ATOM   553 C  C   . ALA A 1 77 ? -4.624  2.254   3.516   1.00 7.32  ? 77  ALA A C   1 
ATOM   554 O  O   . ALA A 1 77 ? -5.067  1.807   2.454   1.00 7.00  ? 77  ALA A O   1 
ATOM   555 C  CB  . ALA A 1 77 ? -3.591  0.752   5.265   1.00 7.00  ? 77  ALA A CB  1 
ATOM   556 N  N   . ALA A 1 78 ? -5.228  3.236   4.190   1.00 7.19  ? 78  ALA A N   1 
ATOM   557 C  CA  . ALA A 1 78 ? -6.466  3.853   3.706   1.00 7.50  ? 78  ALA A CA  1 
ATOM   558 C  C   . ALA A 1 78 ? -6.255  4.566   2.359   1.00 7.19  ? 78  ALA A C   1 
ATOM   559 O  O   . ALA A 1 78 ? -7.098  4.494   1.460   1.00 7.00  ? 78  ALA A O   1 
ATOM   560 C  CB  . ALA A 1 78 ? -7.024  4.833   4.756   1.00 7.41  ? 78  ALA A CB  1 
ATOM   561 N  N   . TYR A 1 79 ? -5.136  5.267   2.224   1.00 7.00  ? 79  TYR A N   1 
ATOM   562 C  CA  . TYR A 1 79 ? -4.826  5.957   0.974   1.00 7.00  ? 79  TYR A CA  1 
ATOM   563 C  C   . TYR A 1 79 ? -4.743  4.943   -0.184  1.00 7.42  ? 79  TYR A C   1 
ATOM   564 O  O   . TYR A 1 79 ? -5.372  5.128   -1.237  1.00 7.00  ? 79  TYR A O   1 
ATOM   565 C  CB  . TYR A 1 79 ? -3.508  6.718   1.124   1.00 7.00  ? 79  TYR A CB  1 
ATOM   566 C  CG  . TYR A 1 79 ? -3.022  7.403   -0.134  1.00 7.00  ? 79  TYR A CG  1 
ATOM   567 C  CD1 . TYR A 1 79 ? -3.639  8.572   -0.598  1.00 7.37  ? 79  TYR A CD1 1 
ATOM   568 C  CD2 . TYR A 1 79 ? -1.938  6.897   -0.853  1.00 7.00  ? 79  TYR A CD2 1 
ATOM   569 C  CE1 . TYR A 1 79 ? -3.184  9.217   -1.747  1.00 7.00  ? 79  TYR A CE1 1 
ATOM   570 C  CE2 . TYR A 1 79 ? -1.473  7.530   -2.003  1.00 7.00  ? 79  TYR A CE2 1 
ATOM   571 C  CZ  . TYR A 1 79 ? -2.102  8.691   -2.447  1.00 7.36  ? 79  TYR A CZ  1 
ATOM   572 O  OH  . TYR A 1 79 ? -1.665  9.321   -3.596  1.00 8.11  ? 79  TYR A OH  1 
ATOM   573 N  N   . VAL A 1 80 ? -3.989  3.861   0.018   1.00 7.10  ? 80  VAL A N   1 
ATOM   574 C  CA  . VAL A 1 80 ? -3.849  2.825   -1.016  1.00 7.05  ? 80  VAL A CA  1 
ATOM   575 C  C   . VAL A 1 80 ? -5.220  2.264   -1.385  1.00 7.00  ? 80  VAL A C   1 
ATOM   576 O  O   . VAL A 1 80 ? -5.561  2.177   -2.571  1.00 7.00  ? 80  VAL A O   1 
ATOM   577 C  CB  . VAL A 1 80 ? -2.860  1.701   -0.590  1.00 7.00  ? 80  VAL A CB  1 
ATOM   578 C  CG1 . VAL A 1 80 ? -2.901  0.514   -1.555  1.00 7.00  ? 80  VAL A CG1 1 
ATOM   579 C  CG2 . VAL A 1 80 ? -1.461  2.267   -0.536  1.00 7.02  ? 80  VAL A CG2 1 
ATOM   580 N  N   . TYR A 1 81 ? -6.036  1.946   -0.387  1.00 7.00  ? 81  TYR A N   1 
ATOM   581 C  CA  . TYR A 1 81 ? -7.370  1.429   -0.678  1.00 7.52  ? 81  TYR A CA  1 
ATOM   582 C  C   . TYR A 1 81 ? -8.199  2.440   -1.492  1.00 7.72  ? 81  TYR A C   1 
ATOM   583 O  O   . TYR A 1 81 ? -8.800  2.072   -2.513  1.00 7.60  ? 81  TYR A O   1 
ATOM   584 C  CB  . TYR A 1 81 ? -8.122  1.047   0.607   1.00 7.00  ? 81  TYR A CB  1 
ATOM   585 C  CG  . TYR A 1 81 ? -9.418  0.313   0.321   1.00 7.25  ? 81  TYR A CG  1 
ATOM   586 C  CD1 . TYR A 1 81 ? -10.605 1.013   0.117   1.00 7.21  ? 81  TYR A CD1 1 
ATOM   587 C  CD2 . TYR A 1 81 ? -9.451  -1.079  0.204   1.00 7.14  ? 81  TYR A CD2 1 
ATOM   588 C  CE1 . TYR A 1 81 ? -11.792 0.359   -0.202  1.00 7.12  ? 81  TYR A CE1 1 
ATOM   589 C  CE2 . TYR A 1 81 ? -10.642 -1.745  -0.117  1.00 7.60  ? 81  TYR A CE2 1 
ATOM   590 C  CZ  . TYR A 1 81 ? -11.808 -1.011  -0.320  1.00 7.23  ? 81  TYR A CZ  1 
ATOM   591 O  OH  . TYR A 1 81 ? -12.994 -1.632  -0.672  1.00 7.86  ? 81  TYR A OH  1 
ATOM   592 N  N   . ASP A 1 82 ? -8.227  3.697   -1.040  1.00 7.06  ? 82  ASP A N   1 
ATOM   593 C  CA  . ASP A 1 82 ? -8.978  4.751   -1.711  1.00 7.00  ? 82  ASP A CA  1 
ATOM   594 C  C   . ASP A 1 82 ? -8.545  4.930   -3.170  1.00 7.00  ? 82  ASP A C   1 
ATOM   595 O  O   . ASP A 1 82 ? -9.395  4.975   -4.081  1.00 7.00  ? 82  ASP A O   1 
ATOM   596 C  CB  . ASP A 1 82 ? -8.841  6.061   -0.926  1.00 8.34  ? 82  ASP A CB  1 
ATOM   597 C  CG  . ASP A 1 82 ? -9.737  7.176   -1.475  1.00 8.93  ? 82  ASP A CG  1 
ATOM   598 O  OD1 . ASP A 1 82 ? -10.972 7.023   -1.460  1.00 9.02  ? 82  ASP A OD1 1 
ATOM   599 O  OD2 . ASP A 1 82 ? -9.210  8.216   -1.940  1.00 9.28  ? 82  ASP A OD2 1 
ATOM   600 N  N   . GLN A 1 83 ? -7.229  4.965   -3.397  1.00 7.00  ? 83  GLN A N   1 
ATOM   601 C  CA  . GLN A 1 83 ? -6.651  5.116   -4.744  1.00 7.02  ? 83  GLN A CA  1 
ATOM   602 C  C   . GLN A 1 83 ? -7.068  3.975   -5.669  1.00 7.68  ? 83  GLN A C   1 
ATOM   603 O  O   . GLN A 1 83 ? -7.388  4.194   -6.842  1.00 7.00  ? 83  GLN A O   1 
ATOM   604 C  CB  . GLN A 1 83 ? -5.115  5.143   -4.701  1.00 7.00  ? 83  GLN A CB  1 
ATOM   605 C  CG  . GLN A 1 83 ? -4.462  6.378   -4.104  1.00 7.00  ? 83  GLN A CG  1 
ATOM   606 C  CD  . GLN A 1 83 ? -4.603  7.636   -4.955  1.00 7.52  ? 83  GLN A CD  1 
ATOM   607 O  OE1 . GLN A 1 83 ? -3.916  7.810   -5.979  1.00 8.14  ? 83  GLN A OE1 1 
ATOM   608 N  NE2 . GLN A 1 83 ? -5.469  8.535   -4.517  1.00 7.00  ? 83  GLN A NE2 1 
ATOM   609 N  N   . ALA A 1 84 ? -7.014  2.752   -5.143  1.00 7.14  ? 84  ALA A N   1 
ATOM   610 C  CA  . ALA A 1 84 ? -7.378  1.571   -5.903  1.00 8.14  ? 84  ALA A CA  1 
ATOM   611 C  C   . ALA A 1 84 ? -8.868  1.470   -6.220  1.00 8.39  ? 84  ALA A C   1 
ATOM   612 O  O   . ALA A 1 84 ? -9.237  1.238   -7.365  1.00 8.79  ? 84  ALA A O   1 
ATOM   613 C  CB  . ALA A 1 84 ? -6.910  0.321   -5.188  1.00 7.00  ? 84  ALA A CB  1 
ATOM   614 N  N   . SER A 1 85 ? -9.726  1.674   -5.228  1.00 9.46  ? 85  SER A N   1 
ATOM   615 C  CA  . SER A 1 85 ? -11.157 1.552   -5.458  1.00 10.95 ? 85  SER A CA  1 
ATOM   616 C  C   . SER A 1 85 ? -11.735 2.660   -6.337  1.00 11.32 ? 85  SER A C   1 
ATOM   617 O  O   . SER A 1 85 ? -12.765 2.460   -6.992  1.00 11.82 ? 85  SER A O   1 
ATOM   618 C  CB  . SER A 1 85 ? -11.929 1.455   -4.136  1.00 10.60 ? 85  SER A CB  1 
ATOM   619 O  OG  . SER A 1 85 ? -11.722 2.602   -3.333  1.00 13.89 ? 85  SER A OG  1 
ATOM   620 N  N   . GLY A 1 86 ? -11.114 3.835   -6.318  1.00 11.58 ? 86  GLY A N   1 
ATOM   621 C  CA  . GLY A 1 86 ? -11.599 4.918   -7.148  1.00 12.34 ? 86  GLY A CA  1 
ATOM   622 C  C   . GLY A 1 86 ? -10.713 5.078   -8.366  1.00 13.44 ? 86  GLY A C   1 
ATOM   623 O  O   . GLY A 1 86 ? -10.918 5.992   -9.166  1.00 13.38 ? 86  GLY A O   1 
ATOM   624 N  N   . ASP A 1 87 ? -9.749  4.169   -8.508  1.00 14.67 ? 87  ASP A N   1 
ATOM   625 C  CA  . ASP A 1 87 ? -8.754  4.175   -9.584  1.00 15.22 ? 87  ASP A CA  1 
ATOM   626 C  C   . ASP A 1 87 ? -8.251  5.595   -9.804  1.00 15.66 ? 87  ASP A C   1 
ATOM   627 O  O   . ASP A 1 87 ? -8.562  6.247   -10.806 1.00 16.16 ? 87  ASP A O   1 
ATOM   628 C  CB  . ASP A 1 87 ? -9.291  3.554   -10.876 0.00 0.00  ? 87  ASP A CB  1 
ATOM   629 C  CG  . ASP A 1 87 ? -8.207  2.829   -11.653 0.00 0.00  ? 87  ASP A CG  1 
ATOM   630 O  OD1 . ASP A 1 87 ? -7.277  3.492   -12.157 0.00 0.00  ? 87  ASP A OD1 1 
ATOM   631 O  OD2 . ASP A 1 87 ? -8.235  1.580   -11.706 0.00 0.00  ? 87  ASP A OD2 1 
ATOM   632 N  N   . LYS A 1 88 ? -7.514  6.084   -8.818  1.00 15.07 ? 88  LYS A N   1 
ATOM   633 C  CA  . LYS A 1 88 ? -6.971  7.441   -8.841  1.00 15.09 ? 88  LYS A CA  1 
ATOM   634 C  C   . LYS A 1 88 ? -5.479  7.523   -9.153  1.00 14.42 ? 88  LYS A C   1 
ATOM   635 O  O   . LYS A 1 88 ? -4.869  8.568   -8.935  1.00 14.62 ? 88  LYS A O   1 
ATOM   636 C  CB  . LYS A 1 88 ? -7.243  8.121   -7.499  1.00 13.65 ? 88  LYS A CB  1 
ATOM   637 C  CG  . LYS A 1 88 ? -8.695  8.057   -7.066  1.00 13.99 ? 88  LYS A CG  1 
ATOM   638 C  CD  . LYS A 1 88 ? -8.880  8.647   -5.667  1.00 13.32 ? 88  LYS A CD  1 
ATOM   639 C  CE  . LYS A 1 88 ? -10.355 8.717   -5.307  1.00 13.54 ? 88  LYS A CE  1 
ATOM   640 N  NZ  . LYS A 1 88 ? -10.606 9.261   -3.945  1.00 13.96 ? 88  LYS A NZ  1 
ATOM   641 N  N   . TRP A 1 89 ? -4.878  6.425   -9.606  1.00 14.11 ? 89  TRP A N   1 
ATOM   642 C  CA  . TRP A 1 89 ? -3.451  6.403   -9.962  1.00 15.70 ? 89  TRP A CA  1 
ATOM   643 C  C   . TRP A 1 89 ? -3.299  6.858   -11.432 1.00 14.71 ? 89  TRP A C   1 
ATOM   644 O  O   . TRP A 1 89 ? -2.191  7.129   -11.981 1.00 19.20 ? 89  TRP A O   1 
ATOM   645 C  CB  . TRP A 1 89 ? -2.892  4.991   -9.838  1.00 13.46 ? 89  TRP A CB  1 
ATOM   646 C  CG  . TRP A 1 89 ? -3.087  4.277   -8.519  1.00 14.13 ? 89  TRP A CG  1 
ATOM   647 C  CD1 . TRP A 1 89 ? -3.790  3.119   -8.322  1.00 13.35 ? 89  TRP A CD1 1 
ATOM   648 C  CD2 . TRP A 1 89 ? -2.415  4.547   -7.275  1.00 13.43 ? 89  TRP A CD2 1 
ATOM   649 N  NE1 . TRP A 1 89 ? -3.573  2.638   -7.054  1.00 13.42 ? 89  TRP A NE1 1 
ATOM   650 C  CE2 . TRP A 1 89 ? -2.735  3.491   -6.388  1.00 12.84 ? 89  TRP A CE2 1 
ATOM   651 C  CE3 . TRP A 1 89 ? -1.562  5.565   -6.828  1.00 12.78 ? 89  TRP A CE3 1 
ATOM   652 C  CZ2 . TRP A 1 89 ? -2.229  3.425   -5.083  1.00 12.53 ? 89  TRP A CZ2 1 
ATOM   653 C  CZ3 . TRP A 1 89 ? -1.058  5.494   -5.521  1.00 12.92 ? 89  TRP A CZ3 1 
ATOM   654 C  CH2 . TRP A 1 89 ? -1.396  4.432   -4.672  1.00 11.54 ? 89  TRP A CH2 1 
ATOM   655 O  OXT . TRP A 1 89 ? -4.328  6.901   -12.113 1.00 17.57 ? 89  TRP A OXT 1 
HETATM 656 CD CD  . CD  B 2 .  ? -3.497  14.776  10.200  0.50 7.00  ? 91  CD  A CD  1 
HETATM 657 CD CD  . CD  C 2 .  ? 1.858   9.059   14.863  1.00 7.00  ? 92  CD  A CD  1 
HETATM 658 CD CD  . CD  D 2 .  ? 3.136   -12.819 -5.132  1.00 30.00 ? 93  CD  A CD  1 
HETATM 659 CD CD  . CD  E 2 .  ? -2.001  8.182   -13.225 0.50 34.33 ? 94  CD  A CD  1 
HETATM 660 C  CHA . HEM F 3 .  ? 3.652   -5.251  -2.746  1.00 7.81  ? 90  HEM A CHA 1 
HETATM 661 C  CHB . HEM F 3 .  ? 2.159   -1.370  -0.356  1.00 7.01  ? 90  HEM A CHB 1 
HETATM 662 C  CHC . HEM F 3 .  ? 6.714   0.024   0.039   1.00 7.00  ? 90  HEM A CHC 1 
HETATM 663 C  CHD . HEM F 3 .  ? 8.145   -3.476  -2.967  1.00 7.00  ? 90  HEM A CHD 1 
HETATM 664 C  C1A . HEM F 3 .  ? 2.812   -4.316  -2.169  1.00 7.34  ? 90  HEM A C1A 1 
HETATM 665 C  C2A . HEM F 3 .  ? 1.354   -4.446  -2.085  1.00 7.50  ? 90  HEM A C2A 1 
HETATM 666 C  C3A . HEM F 3 .  ? 0.946   -3.382  -1.313  1.00 7.08  ? 90  HEM A C3A 1 
HETATM 667 C  C4A . HEM F 3 .  ? 2.136   -2.591  -1.032  1.00 7.00  ? 90  HEM A C4A 1 
HETATM 668 C  CMA . HEM F 3 .  ? -0.456  -3.088  -0.780  1.00 7.00  ? 90  HEM A CMA 1 
HETATM 669 C  CAA . HEM F 3 .  ? 0.517   -5.566  -2.779  1.00 7.56  ? 90  HEM A CAA 1 
HETATM 670 C  CBA . HEM F 3 .  ? 0.439   -5.463  -4.317  1.00 7.30  ? 90  HEM A CBA 1 
HETATM 671 C  CGA . HEM F 3 .  ? -0.188  -6.686  -4.982  1.00 7.51  ? 90  HEM A CGA 1 
HETATM 672 O  O1A . HEM F 3 .  ? -0.621  -6.569  -6.157  1.00 7.03  ? 90  HEM A O1A 1 
HETATM 673 O  O2A . HEM F 3 .  ? -0.228  -7.769  -4.356  1.00 7.00  ? 90  HEM A O2A 1 
HETATM 674 C  C1B . HEM F 3 .  ? 3.294   -0.628  -0.029  1.00 7.00  ? 90  HEM A C1B 1 
HETATM 675 C  C2B . HEM F 3 .  ? 3.293   0.608   0.697   1.00 7.00  ? 90  HEM A C2B 1 
HETATM 676 C  C3B . HEM F 3 .  ? 4.585   0.964   0.898   1.00 7.00  ? 90  HEM A C3B 1 
HETATM 677 C  C4B . HEM F 3 .  ? 5.350   -0.066  0.248   1.00 7.00  ? 90  HEM A C4B 1 
HETATM 678 C  CMB . HEM F 3 .  ? 2.036   1.352   1.128   1.00 7.00  ? 90  HEM A CMB 1 
HETATM 679 C  CAB . HEM F 3 .  ? 5.110   2.061   1.623   1.00 7.00  ? 90  HEM A CAB 1 
HETATM 680 C  CBB . HEM F 3 .  ? 5.008   2.129   3.023   1.00 7.00  ? 90  HEM A CBB 1 
HETATM 681 C  C1C . HEM F 3 .  ? 7.487   -0.768  -0.763  1.00 7.00  ? 90  HEM A C1C 1 
HETATM 682 C  C2C . HEM F 3 .  ? 8.895   -0.556  -1.030  1.00 7.06  ? 90  HEM A C2C 1 
HETATM 683 C  C3C . HEM F 3 .  ? 9.277   -1.490  -1.923  1.00 7.18  ? 90  HEM A C3C 1 
HETATM 684 C  C4C . HEM F 3 .  ? 8.120   -2.304  -2.199  1.00 7.40  ? 90  HEM A C4C 1 
HETATM 685 C  CMC . HEM F 3 .  ? 9.693   0.651   -0.565  1.00 7.61  ? 90  HEM A CMC 1 
HETATM 686 C  CAC . HEM F 3 .  ? 10.492  -1.550  -2.633  1.00 8.02  ? 90  HEM A CAC 1 
HETATM 687 C  CBC . HEM F 3 .  ? 11.693  -1.919  -1.989  1.00 8.89  ? 90  HEM A CBC 1 
HETATM 688 C  C1D . HEM F 3 .  ? 7.072   -4.342  -3.070  1.00 7.73  ? 90  HEM A C1D 1 
HETATM 689 C  C2D . HEM F 3 .  ? 7.094   -5.680  -3.689  1.00 7.16  ? 90  HEM A C2D 1 
HETATM 690 C  C3D . HEM F 3 .  ? 5.848   -6.202  -3.564  1.00 7.82  ? 90  HEM A C3D 1 
HETATM 691 C  C4D . HEM F 3 .  ? 5.035   -5.178  -2.889  1.00 7.72  ? 90  HEM A C4D 1 
HETATM 692 C  CMD . HEM F 3 .  ? 8.254   -6.313  -4.403  1.00 7.66  ? 90  HEM A CMD 1 
HETATM 693 C  CAD . HEM F 3 .  ? 5.370   -7.562  -4.010  1.00 7.51  ? 90  HEM A CAD 1 
HETATM 694 C  CBD . HEM F 3 .  ? 5.277   -8.456  -2.793  1.00 9.26  ? 90  HEM A CBD 1 
HETATM 695 C  CGD . HEM F 3 .  ? 5.091   -9.918  -3.163  1.00 9.60  ? 90  HEM A CGD 1 
HETATM 696 O  O1D . HEM F 3 .  ? 3.938   -10.355 -3.369  1.00 11.88 ? 90  HEM A O1D 1 
HETATM 697 O  O2D . HEM F 3 .  ? 6.096   -10.641 -3.286  1.00 10.91 ? 90  HEM A O2D 1 
HETATM 698 N  NA  . HEM F 3 .  ? 3.273   -3.192  -1.541  1.00 7.33  ? 90  HEM A NA  1 
HETATM 699 N  NB  . HEM F 3 .  ? 4.562   -1.014  -0.330  1.00 7.00  ? 90  HEM A NB  1 
HETATM 700 N  NC  . HEM F 3 .  ? 7.004   -1.831  -1.481  1.00 7.47  ? 90  HEM A NC  1 
HETATM 701 N  ND  . HEM F 3 .  ? 5.793   -4.080  -2.521  1.00 7.43  ? 90  HEM A ND  1 
HETATM 702 FE FE  . HEM F 3 .  ? 5.147   -2.523  -1.462  1.00 8.30  ? 90  HEM A FE  1 
HETATM 703 O  O   . HOH G 4 .  ? -15.672 4.058   6.470   1.00 17.20 ? 100 HOH A O   1 
HETATM 704 O  O   . HOH G 4 .  ? 2.486   -1.657  14.479  1.00 7.00  ? 101 HOH A O   1 
HETATM 705 O  O   . HOH G 4 .  ? -4.248  8.132   10.870  1.00 7.00  ? 102 HOH A O   1 
HETATM 706 O  O   . HOH G 4 .  ? -1.636  11.670  12.909  1.00 7.00  ? 103 HOH A O   1 
HETATM 707 O  O   . HOH G 4 .  ? -1.057  -6.814  -12.860 1.00 10.15 ? 104 HOH A O   1 
HETATM 708 O  O   . HOH G 4 .  ? -13.098 -4.639  -1.188  1.00 8.39  ? 105 HOH A O   1 
HETATM 709 O  O   . HOH G 4 .  ? -3.887  10.849  11.616  1.00 12.33 ? 106 HOH A O   1 
HETATM 710 O  O   . HOH G 4 .  ? 3.827   10.220  -6.692  1.00 8.93  ? 107 HOH A O   1 
HETATM 711 O  O   . HOH G 4 .  ? -1.597  15.212  1.601   1.00 17.89 ? 108 HOH A O   1 
HETATM 712 O  O   . HOH G 4 .  ? -6.740  8.901   -2.073  1.00 8.26  ? 109 HOH A O   1 
HETATM 713 O  O   . HOH G 4 .  ? 4.196   -2.136  -12.789 1.00 14.46 ? 110 HOH A O   1 
HETATM 714 O  O   . HOH G 4 .  ? -6.139  7.555   9.140   1.00 7.00  ? 111 HOH A O   1 
HETATM 715 O  O   . HOH G 4 .  ? -6.671  11.922  -1.640  1.00 14.41 ? 112 HOH A O   1 
HETATM 716 O  O   . HOH G 4 .  ? 3.317   2.624   16.484  1.00 13.42 ? 113 HOH A O   1 
HETATM 717 O  O   . HOH G 4 .  ? -7.950  -2.685  -11.442 1.00 13.08 ? 114 HOH A O   1 
HETATM 718 O  O   . HOH G 4 .  ? -11.358 -9.219  -3.267  1.00 19.08 ? 115 HOH A O   1 
HETATM 719 O  O   . HOH G 4 .  ? 9.374   7.328   -1.799  1.00 15.10 ? 116 HOH A O   1 
HETATM 720 O  O   . HOH G 4 .  ? -12.534 8.931   -8.196  1.00 15.59 ? 117 HOH A O   1 
HETATM 721 O  O   . HOH G 4 .  ? -7.300  0.454   -9.125  1.00 7.39  ? 118 HOH A O   1 
HETATM 722 O  O   . HOH G 4 .  ? 0.659   -10.939 -0.292  1.00 25.85 ? 119 HOH A O   1 
HETATM 723 O  O   . HOH G 4 .  ? -5.167  15.600  10.039  1.00 16.13 ? 120 HOH A O   1 
HETATM 724 O  O   . HOH G 4 .  ? 10.393  -10.115 -10.710 1.00 28.43 ? 121 HOH A O   1 
HETATM 725 O  O   . HOH G 4 .  ? -10.268 4.154   5.449   1.00 25.29 ? 122 HOH A O   1 
HETATM 726 O  O   . HOH G 4 .  ? -11.944 -9.110  -0.192  1.00 21.88 ? 123 HOH A O   1 
HETATM 727 O  O   . HOH G 4 .  ? -4.855  12.543  0.163   1.00 20.75 ? 124 HOH A O   1 
HETATM 728 O  O   . HOH G 4 .  ? -6.714  2.096   7.331   1.00 14.78 ? 125 HOH A O   1 
HETATM 729 O  O   . HOH G 4 .  ? 5.505   -9.439  -13.800 1.00 16.19 ? 126 HOH A O   1 
HETATM 730 O  O   . HOH G 4 .  ? -2.405  0.735   12.176  1.00 12.14 ? 127 HOH A O   1 
HETATM 731 O  O   . HOH G 4 .  ? -11.076 -9.032  5.021   1.00 17.59 ? 128 HOH A O   1 
HETATM 732 O  O   . HOH G 4 .  ? -9.753  4.137   2.293   1.00 26.83 ? 129 HOH A O   1 
HETATM 733 O  O   . HOH G 4 .  ? 2.844   7.791   -6.628  1.00 27.09 ? 130 HOH A O   1 
HETATM 734 O  O   . HOH G 4 .  ? -4.994  -4.198  -12.992 1.00 27.70 ? 131 HOH A O   1 
HETATM 735 O  O   . HOH G 4 .  ? -13.606 -10.153 -7.089  1.00 32.03 ? 132 HOH A O   1 
HETATM 736 O  O   . HOH G 4 .  ? 6.610   7.656   13.273  1.00 28.45 ? 133 HOH A O   1 
HETATM 737 O  O   . HOH G 4 .  ? 1.577   -9.160  -2.371  1.00 21.67 ? 134 HOH A O   1 
HETATM 738 O  O   . HOH G 4 .  ? -13.651 -0.921  -3.570  1.00 30.78 ? 135 HOH A O   1 
HETATM 739 O  O   . HOH G 4 .  ? 4.938   7.347   17.479  1.00 22.12 ? 136 HOH A O   1 
HETATM 740 O  O   . HOH G 4 .  ? 0.761   -10.324 3.197   1.00 25.39 ? 137 HOH A O   1 
HETATM 741 O  O   . HOH G 4 .  ? -8.527  5.618   10.866  1.00 33.00 ? 138 HOH A O   1 
HETATM 742 O  O   . HOH G 4 .  ? 9.449   8.706   6.907   1.00 26.45 ? 139 HOH A O   1 
HETATM 743 O  O   . HOH G 4 .  ? -14.149 -0.108  -7.090  1.00 28.21 ? 140 HOH A O   1 
HETATM 744 O  O   . HOH G 4 .  ? -6.711  14.615  -2.753  1.00 38.24 ? 141 HOH A O   1 
HETATM 745 O  O   . HOH G 4 .  ? -3.494  16.565  -1.914  1.00 27.70 ? 142 HOH A O   1 
HETATM 746 O  O   . HOH G 4 .  ? 5.525   11.807  15.028  1.00 27.25 ? 143 HOH A O   1 
HETATM 747 O  O   . HOH G 4 .  ? 10.008  3.656   -1.789  1.00 26.16 ? 144 HOH A O   1 
HETATM 748 O  O   . HOH G 4 .  ? 2.005   -1.204  -14.488 1.00 21.52 ? 145 HOH A O   1 
HETATM 749 O  O   . HOH G 4 .  ? -2.004  -9.509  3.475   1.00 7.00  ? 146 HOH A O   1 
HETATM 750 O  O   . HOH G 4 .  ? -5.787  11.123  -5.953  1.00 22.34 ? 147 HOH A O   1 
HETATM 751 O  O   . HOH G 4 .  ? 4.642   -12.493 -4.881  1.00 17.43 ? 148 HOH A O   1 
HETATM 752 O  O   . HOH G 4 .  ? -3.264  15.127  8.495   1.00 14.63 ? 149 HOH A O   1 
HETATM 753 O  O   . HOH G 4 .  ? 1.311   16.373  -2.380  1.00 27.00 ? 150 HOH A O   1 
HETATM 754 O  O   . HOH G 4 .  ? 3.055   10.369  12.882  1.00 15.00 ? 151 HOH A O   1 
HETATM 755 O  O   . HOH G 4 .  ? -5.671  0.038   8.968   1.00 30.73 ? 152 HOH A O   1 
HETATM 756 O  O   . HOH G 4 .  ? 6.011   10.249  -5.148  1.00 40.77 ? 153 HOH A O   1 
HETATM 757 O  O   . HOH G 4 .  ? 1.450   -1.683  16.943  1.00 29.89 ? 154 HOH A O   1 
HETATM 758 O  O   . HOH G 4 .  ? 12.132  -7.185  2.037   1.00 22.08 ? 155 HOH A O   1 
HETATM 759 O  O   . HOH G 4 .  ? -11.668 4.577   0.308   1.00 23.66 ? 156 HOH A O   1 
HETATM 760 O  O   . HOH G 4 .  ? 4.127   13.574  -5.942  1.00 41.42 ? 157 HOH A O   1 
HETATM 761 O  O   . HOH G 4 .  ? 8.346   -10.288 -13.318 1.00 25.61 ? 158 HOH A O   1 
HETATM 762 O  O   . HOH G 4 .  ? -2.162  -3.826  -12.738 1.00 8.91  ? 159 HOH A O   1 
HETATM 763 O  O   . HOH G 4 .  ? -3.656  -14.178 -3.514  1.00 23.00 ? 160 HOH A O   1 
HETATM 764 O  O   . HOH G 4 .  ? 5.350   4.481   18.356  1.00 35.58 ? 161 HOH A O   1 
HETATM 765 O  O   . HOH G 4 .  ? -1.184  9.052   -10.881 1.00 28.96 ? 162 HOH A O   1 
HETATM 766 O  O   . HOH G 4 .  ? -2.702  9.700   -8.740  1.00 26.11 ? 163 HOH A O   1 
HETATM 767 O  O   . HOH G 4 .  ? 9.186   -1.123  17.934  1.00 7.00  ? 164 HOH A O   1 
HETATM 768 O  O   . HOH G 4 .  ? 12.165  -2.498  7.324   1.00 26.54 ? 165 HOH A O   1 
HETATM 769 O  O   . HOH G 4 .  ? -5.821  -12.252 -3.365  1.00 17.52 ? 166 HOH A O   1 
# 
